data_8CCO
#
_entry.id   8CCO
#
_cell.length_a   1.00
_cell.length_b   1.00
_cell.length_c   1.00
_cell.angle_alpha   90.00
_cell.angle_beta   90.00
_cell.angle_gamma   90.00
#
_symmetry.space_group_name_H-M   'P 1'
#
loop_
_entity.id
_entity.type
_entity.pdbx_description
1 polymer Actin-2
2 non-polymer Jasplakinolide
3 non-polymer "ADENOSINE-5'-DIPHOSPHATE"
4 non-polymer 'MAGNESIUM ION'
#
_entity_poly.entity_id   1
_entity_poly.type   'polypeptide(L)'
_entity_poly.pdbx_seq_one_letter_code
;GAMSEEAVALVVDNGSGMVKSGLAGDDAPKCVFPSIVGRPKMPNIMIGMEQKECYVGDEAQNKRGILTLKYPIE(HIC)G
IVTNWDDMEKIWHHTFYNELRVSPEEHPVLLTEAPLNPKTNREKMTQIMFETFDVPAMYVSIQAILSLYASGRTTGIVLD
SGDGVSHTVPIYEGYVLPHAINRIDMAGRDLTYHMMKLFTERGHTFTTTAEREIVRDIKEKLCYIAMDYDEELKRSEEHS
DEIEEIYELPDGNLITVGSERFRCPEALFNPTLIGRECPGLHITAYQSIMKCDIDIRKELYNNIVLSGGTTMYNNIGERL
TKEMTNLAPSSMKIKVIAPPERKYSVWIGGSILSSLSTFQQMWITKEEYEDSGPSIVHRKCF
;
_entity_poly.pdbx_strand_id   A,B,C,D,E,F
#
loop_
_chem_comp.id
_chem_comp.type
_chem_comp.name
_chem_comp.formula
9UE non-polymer Jasplakinolide 'C36 H45 Br N4 O6'
ADP non-polymer ADENOSINE-5'-DIPHOSPHATE 'C10 H15 N5 O10 P2'
MG non-polymer 'MAGNESIUM ION' 'Mg 2'
#
# COMPACT_ATOMS: atom_id res chain seq x y z
N ALA A 7 62.33 14.40 42.07
CA ALA A 7 63.01 13.12 42.00
C ALA A 7 63.17 12.66 40.55
N VAL A 8 64.38 12.83 40.01
CA VAL A 8 64.65 12.43 38.64
C VAL A 8 64.64 10.91 38.55
N ALA A 9 64.00 10.41 37.50
CA ALA A 9 63.86 8.97 37.33
C ALA A 9 65.10 8.37 36.68
N LEU A 10 65.25 7.05 36.85
CA LEU A 10 66.36 6.29 36.29
C LEU A 10 65.86 5.50 35.09
N VAL A 11 66.56 5.59 33.97
CA VAL A 11 66.22 4.83 32.77
C VAL A 11 67.24 3.71 32.63
N VAL A 12 66.75 2.48 32.65
CA VAL A 12 67.60 1.28 32.60
C VAL A 12 67.06 0.40 31.48
N ASP A 13 67.81 0.30 30.40
CA ASP A 13 67.47 -0.59 29.29
C ASP A 13 68.31 -1.86 29.42
N ASN A 14 67.66 -2.99 29.70
CA ASN A 14 68.32 -4.27 29.90
C ASN A 14 68.18 -5.09 28.63
N GLY A 15 69.26 -5.17 27.86
CA GLY A 15 69.28 -5.96 26.64
C GLY A 15 69.81 -7.37 26.89
N SER A 16 70.03 -8.08 25.79
CA SER A 16 70.60 -9.42 25.85
C SER A 16 72.12 -9.42 25.78
N GLY A 17 72.72 -8.37 25.23
CA GLY A 17 74.17 -8.29 25.14
C GLY A 17 74.75 -7.09 25.86
N MET A 18 73.97 -6.02 25.97
CA MET A 18 74.44 -4.79 26.60
C MET A 18 73.38 -4.28 27.57
N VAL A 19 73.83 -3.52 28.56
CA VAL A 19 72.97 -2.85 29.52
C VAL A 19 73.27 -1.36 29.45
N LYS A 20 72.22 -0.57 29.24
CA LYS A 20 72.31 0.89 29.21
C LYS A 20 71.61 1.46 30.44
N SER A 21 72.18 2.51 31.02
CA SER A 21 71.57 3.12 32.19
C SER A 21 71.92 4.60 32.24
N GLY A 22 70.99 5.38 32.78
CA GLY A 22 71.23 6.80 32.87
C GLY A 22 70.10 7.51 33.59
N LEU A 23 70.20 8.83 33.62
CA LEU A 23 69.23 9.71 34.26
C LEU A 23 68.25 10.27 33.23
N ALA A 24 67.02 10.47 33.67
CA ALA A 24 66.00 11.04 32.80
C ALA A 24 66.31 12.50 32.52
N GLY A 25 66.06 12.92 31.27
CA GLY A 25 66.31 14.27 30.81
C GLY A 25 67.52 14.39 29.90
N ASP A 26 68.45 13.45 29.98
CA ASP A 26 69.62 13.47 29.12
C ASP A 26 69.32 12.81 27.79
N ASP A 27 70.17 13.10 26.80
CA ASP A 27 70.02 12.54 25.46
C ASP A 27 71.07 11.49 25.14
N ALA A 28 71.81 11.02 26.13
CA ALA A 28 72.82 10.00 25.93
C ALA A 28 72.97 9.16 27.20
N PRO A 29 72.96 7.83 27.10
CA PRO A 29 73.14 7.01 28.29
C PRO A 29 74.48 7.25 28.95
N LYS A 30 74.49 7.23 30.28
CA LYS A 30 75.70 7.51 31.04
C LYS A 30 76.52 6.27 31.34
N CYS A 31 75.91 5.09 31.41
CA CYS A 31 76.63 3.86 31.71
C CYS A 31 76.16 2.76 30.77
N VAL A 32 77.00 2.39 29.82
CA VAL A 32 76.72 1.30 28.88
C VAL A 32 77.81 0.26 29.06
N PHE A 33 77.39 -0.97 29.38
CA PHE A 33 78.38 -2.02 29.62
C PHE A 33 77.80 -3.38 29.29
N PRO A 34 78.63 -4.36 28.91
CA PRO A 34 78.10 -5.68 28.57
C PRO A 34 77.48 -6.38 29.77
N SER A 35 76.53 -7.26 29.48
CA SER A 35 75.80 -8.01 30.49
C SER A 35 76.37 -9.42 30.56
N ILE A 36 77.46 -9.58 31.31
CA ILE A 36 78.13 -10.86 31.49
C ILE A 36 78.53 -11.00 32.95
N VAL A 37 78.53 -12.25 33.43
CA VAL A 37 79.02 -12.58 34.76
C VAL A 37 80.17 -13.56 34.60
N GLY A 38 81.33 -13.18 35.13
CA GLY A 38 82.55 -13.98 34.99
C GLY A 38 82.90 -14.68 36.29
N ARG A 39 83.35 -15.94 36.18
CA ARG A 39 83.75 -16.70 37.34
C ARG A 39 85.10 -17.37 37.07
N PRO A 40 86.02 -17.32 38.03
CA PRO A 40 87.36 -17.89 37.80
C PRO A 40 87.32 -19.40 37.69
N LYS A 41 88.27 -19.94 36.92
CA LYS A 41 88.40 -21.38 36.69
C LYS A 41 89.81 -21.86 36.99
N MET A 42 90.59 -21.09 37.74
CA MET A 42 91.97 -21.45 38.04
C MET A 42 92.24 -21.33 39.53
N PRO A 43 93.20 -22.09 40.08
CA PRO A 43 93.53 -21.95 41.51
C PRO A 43 94.25 -20.66 41.83
N ASN A 44 93.91 -20.07 42.97
CA ASN A 44 94.59 -18.85 43.44
C ASN A 44 95.74 -19.23 44.36
N ILE A 45 96.94 -18.79 44.02
CA ILE A 45 98.15 -19.15 44.74
C ILE A 45 98.79 -17.94 45.43
N MET A 46 98.75 -16.77 44.80
CA MET A 46 99.44 -15.60 45.33
C MET A 46 98.71 -15.04 46.55
N ILE A 47 99.11 -15.46 47.74
CA ILE A 47 98.53 -14.91 48.96
C ILE A 47 98.96 -13.46 49.12
N GLY A 48 98.03 -12.62 49.58
CA GLY A 48 98.27 -11.21 49.81
C GLY A 48 97.49 -10.28 48.93
N MET A 49 96.96 -10.78 47.81
CA MET A 49 96.12 -9.98 46.91
C MET A 49 94.68 -10.45 47.03
N GLU A 50 93.76 -9.49 47.07
CA GLU A 50 92.34 -9.78 47.22
C GLU A 50 91.75 -10.29 45.91
N GLN A 51 90.81 -11.22 46.03
CA GLN A 51 90.13 -11.79 44.87
C GLN A 51 88.63 -11.77 45.12
N LYS A 52 87.86 -11.73 44.03
CA LYS A 52 86.41 -11.71 44.09
C LYS A 52 85.84 -12.96 43.44
N GLU A 53 84.69 -13.41 43.97
CA GLU A 53 84.05 -14.62 43.48
C GLU A 53 83.50 -14.45 42.07
N CYS A 54 82.97 -13.26 41.74
CA CYS A 54 82.35 -13.04 40.44
C CYS A 54 82.66 -11.63 39.97
N TYR A 55 82.96 -11.50 38.67
CA TYR A 55 83.20 -10.21 38.05
C TYR A 55 82.04 -9.88 37.13
N VAL A 56 81.51 -8.66 37.24
CA VAL A 56 80.33 -8.23 36.51
C VAL A 56 80.69 -7.00 35.68
N GLY A 57 80.36 -7.05 34.41
CA GLY A 57 80.52 -5.89 33.53
C GLY A 57 81.90 -5.85 32.89
N ASP A 58 82.42 -4.63 32.70
CA ASP A 58 83.71 -4.45 32.03
C ASP A 58 84.86 -5.12 32.77
N GLU A 59 84.82 -5.17 34.10
CA GLU A 59 85.85 -5.86 34.86
C GLU A 59 85.85 -7.36 34.64
N ALA A 60 84.91 -7.91 33.87
CA ALA A 60 84.94 -9.31 33.49
C ALA A 60 85.32 -9.45 32.02
N GLN A 61 85.25 -8.34 31.28
CA GLN A 61 85.64 -8.33 29.89
C GLN A 61 87.14 -8.15 29.69
N ASN A 62 87.85 -7.64 30.71
CA ASN A 62 89.29 -7.41 30.60
C ASN A 62 90.08 -8.62 31.09
N LYS A 63 89.62 -9.24 32.17
CA LYS A 63 90.28 -10.40 32.73
C LYS A 63 89.59 -11.69 32.28
N ARG A 64 89.02 -11.69 31.08
CA ARG A 64 88.27 -12.84 30.59
C ARG A 64 89.16 -14.02 30.26
N GLY A 65 90.49 -13.85 30.23
CA GLY A 65 91.37 -14.97 29.93
C GLY A 65 91.31 -16.07 30.96
N ILE A 66 91.08 -15.72 32.23
CA ILE A 66 91.02 -16.68 33.32
C ILE A 66 89.61 -16.88 33.83
N LEU A 67 88.59 -16.41 33.12
CA LEU A 67 87.21 -16.48 33.57
C LEU A 67 86.35 -17.27 32.60
N THR A 68 85.26 -17.80 33.13
CA THR A 68 84.16 -18.37 32.34
C THR A 68 83.03 -17.36 32.41
N LEU A 69 82.48 -17.00 31.25
CA LEU A 69 81.49 -15.94 31.17
C LEU A 69 80.10 -16.51 30.92
N LYS A 70 79.12 -15.97 31.63
CA LYS A 70 77.72 -16.38 31.50
C LYS A 70 76.86 -15.18 31.14
N TYR A 71 75.92 -15.40 30.22
CA TYR A 71 74.91 -14.41 29.88
C TYR A 71 73.63 -14.76 30.60
N PRO A 72 73.16 -13.93 31.54
CA PRO A 72 71.95 -14.26 32.29
C PRO A 72 70.64 -14.04 31.54
N ILE A 73 70.70 -13.51 30.32
CA ILE A 73 69.50 -13.24 29.53
C ILE A 73 69.65 -13.95 28.18
N GLU A 74 68.64 -14.74 27.82
CA GLU A 74 68.64 -15.42 26.53
C GLU A 74 67.30 -15.19 25.82
N HIC A 75 67.36 -14.52 24.66
CA HIC A 75 66.20 -14.24 23.86
C HIC A 75 65.21 -13.38 24.62
O HIC A 75 63.98 -13.53 24.60
CB HIC A 75 65.44 -15.50 23.37
CG HIC A 75 66.34 -16.42 22.64
ND1 HIC A 75 67.00 -16.12 21.44
CD2 HIC A 75 66.65 -17.73 23.04
CE1 HIC A 75 67.69 -17.23 21.12
NE2 HIC A 75 67.52 -18.24 22.07
CZ HIC A 75 68.10 -19.54 22.06
N GLY A 76 65.77 -12.42 25.34
CA GLY A 76 64.98 -11.46 26.09
C GLY A 76 64.29 -12.00 27.32
N ILE A 77 64.69 -13.21 27.73
CA ILE A 77 64.11 -13.87 28.89
C ILE A 77 65.21 -14.13 29.91
N VAL A 78 64.97 -13.74 31.15
CA VAL A 78 65.95 -13.95 32.21
C VAL A 78 65.98 -15.43 32.57
N THR A 79 67.14 -16.06 32.43
CA THR A 79 67.31 -17.47 32.74
C THR A 79 67.78 -17.68 34.17
N ASN A 80 68.77 -16.90 34.62
CA ASN A 80 69.28 -16.97 35.98
C ASN A 80 68.98 -15.65 36.66
N TRP A 81 68.29 -15.70 37.80
CA TRP A 81 67.88 -14.49 38.48
C TRP A 81 68.94 -13.97 39.44
N ASP A 82 69.78 -14.84 39.99
CA ASP A 82 70.86 -14.39 40.86
C ASP A 82 71.84 -13.51 40.10
N ASP A 83 72.21 -13.92 38.89
CA ASP A 83 73.10 -13.11 38.07
C ASP A 83 72.47 -11.79 37.69
N MET A 84 71.16 -11.78 37.39
CA MET A 84 70.50 -10.53 37.07
C MET A 84 70.44 -9.60 38.29
N GLU A 85 70.24 -10.17 39.48
CA GLU A 85 70.29 -9.36 40.69
C GLU A 85 71.68 -8.76 40.89
N LYS A 86 72.73 -9.55 40.64
CA LYS A 86 74.09 -9.03 40.74
C LYS A 86 74.32 -7.90 39.74
N ILE A 87 73.84 -8.07 38.51
CA ILE A 87 74.01 -7.04 37.48
C ILE A 87 73.27 -5.76 37.86
N TRP A 88 72.04 -5.90 38.37
CA TRP A 88 71.30 -4.71 38.79
C TRP A 88 71.97 -4.00 39.96
N HIS A 89 72.50 -4.77 40.90
CA HIS A 89 73.22 -4.18 42.03
C HIS A 89 74.47 -3.43 41.54
N HIS A 90 75.21 -4.03 40.59
CA HIS A 90 76.38 -3.37 40.04
C HIS A 90 75.99 -2.09 39.31
N THR A 91 74.88 -2.13 38.56
CA THR A 91 74.42 -0.95 37.85
C THR A 91 74.03 0.17 38.80
N PHE A 92 73.31 -0.17 39.88
CA PHE A 92 72.80 0.85 40.78
C PHE A 92 73.90 1.44 41.65
N TYR A 93 74.80 0.61 42.18
CA TYR A 93 75.75 1.06 43.18
C TYR A 93 77.16 1.28 42.68
N ASN A 94 77.53 0.70 41.54
CA ASN A 94 78.89 0.83 41.03
C ASN A 94 79.00 1.68 39.77
N GLU A 95 77.92 1.81 39.00
CA GLU A 95 77.95 2.61 37.78
C GLU A 95 77.37 4.00 37.97
N LEU A 96 76.13 4.10 38.45
CA LEU A 96 75.51 5.39 38.70
C LEU A 96 75.81 5.94 40.08
N ARG A 97 76.04 5.05 41.06
CA ARG A 97 76.29 5.45 42.45
CA ARG A 97 76.30 5.45 42.43
C ARG A 97 75.19 6.35 42.99
N VAL A 98 73.93 6.00 42.71
CA VAL A 98 72.77 6.72 43.23
C VAL A 98 71.88 5.70 43.95
N SER A 99 71.36 6.10 45.09
CA SER A 99 70.53 5.19 45.89
C SER A 99 69.22 4.90 45.16
N PRO A 100 68.88 3.64 44.93
CA PRO A 100 67.63 3.34 44.19
C PRO A 100 66.40 3.48 45.06
N GLU A 101 66.59 3.86 46.32
CA GLU A 101 65.50 4.05 47.26
C GLU A 101 64.90 5.45 47.20
N GLU A 102 65.37 6.29 46.27
CA GLU A 102 64.89 7.67 46.16
C GLU A 102 64.48 8.03 44.74
N HIS A 103 64.76 7.17 43.77
CA HIS A 103 64.49 7.47 42.37
C HIS A 103 63.54 6.44 41.77
N PRO A 104 62.51 6.86 41.05
CA PRO A 104 61.69 5.89 40.30
C PRO A 104 62.48 5.26 39.17
N VAL A 105 62.14 4.01 38.85
CA VAL A 105 62.85 3.22 37.86
C VAL A 105 61.91 2.91 36.71
N LEU A 106 62.39 3.12 35.48
CA LEU A 106 61.65 2.80 34.27
C LEU A 106 62.36 1.66 33.55
N LEU A 107 61.67 0.54 33.39
CA LEU A 107 62.23 -0.65 32.76
C LEU A 107 61.61 -0.88 31.38
N THR A 108 62.30 -1.71 30.59
CA THR A 108 61.85 -2.04 29.25
C THR A 108 61.78 -3.56 29.09
N GLU A 109 60.98 -4.00 28.14
CA GLU A 109 60.78 -5.42 27.89
C GLU A 109 60.30 -5.63 26.47
N ALA A 110 60.68 -6.78 25.90
CA ALA A 110 60.23 -7.14 24.56
C ALA A 110 58.79 -7.62 24.58
N PRO A 111 58.05 -7.43 23.50
CA PRO A 111 56.66 -7.89 23.45
C PRO A 111 56.56 -9.41 23.35
N LEU A 112 55.37 -9.91 23.72
CA LEU A 112 55.05 -11.34 23.65
C LEU A 112 55.99 -12.16 24.54
N ASN A 113 56.20 -11.70 25.77
CA ASN A 113 57.01 -12.38 26.75
C ASN A 113 56.14 -13.00 27.85
N PRO A 114 56.63 -14.04 28.52
CA PRO A 114 55.84 -14.65 29.60
C PRO A 114 55.56 -13.67 30.73
N LYS A 115 54.40 -13.86 31.36
CA LYS A 115 53.97 -12.98 32.45
C LYS A 115 54.84 -13.15 33.69
N THR A 116 55.32 -14.37 33.95
CA THR A 116 56.15 -14.61 35.11
C THR A 116 57.43 -13.79 35.10
N ASN A 117 57.97 -13.48 33.92
CA ASN A 117 59.14 -12.61 33.84
C ASN A 117 58.83 -11.25 34.43
N ARG A 118 57.72 -10.63 34.00
CA ARG A 118 57.34 -9.33 34.52
C ARG A 118 57.03 -9.40 36.01
N GLU A 119 56.34 -10.45 36.45
CA GLU A 119 56.00 -10.58 37.86
C GLU A 119 57.26 -10.68 38.73
N LYS A 120 58.22 -11.52 38.32
CA LYS A 120 59.46 -11.66 39.06
C LYS A 120 60.27 -10.37 39.04
N MET A 121 60.30 -9.68 37.90
CA MET A 121 61.02 -8.42 37.81
C MET A 121 60.44 -7.39 38.78
N THR A 122 59.11 -7.29 38.82
CA THR A 122 58.46 -6.37 39.75
C THR A 122 58.73 -6.76 41.20
N GLN A 123 58.64 -8.05 41.50
CA GLN A 123 58.87 -8.51 42.87
C GLN A 123 60.29 -8.19 43.32
N ILE A 124 61.28 -8.42 42.45
CA ILE A 124 62.67 -8.12 42.79
C ILE A 124 62.88 -6.63 42.96
N MET A 125 62.31 -5.83 42.05
CA MET A 125 62.50 -4.38 42.13
C MET A 125 61.83 -3.78 43.35
N PHE A 126 60.78 -4.41 43.86
CA PHE A 126 60.04 -3.86 44.99
C PHE A 126 60.45 -4.41 46.34
N GLU A 127 60.94 -5.65 46.41
CA GLU A 127 61.29 -6.24 47.69
C GLU A 127 62.76 -6.07 48.04
N THR A 128 63.66 -6.20 47.06
CA THR A 128 65.08 -6.11 47.33
C THR A 128 65.55 -4.65 47.40
N PHE A 129 65.40 -3.93 46.29
CA PHE A 129 65.86 -2.55 46.24
C PHE A 129 64.89 -1.56 46.88
N ASP A 130 63.60 -1.91 46.95
CA ASP A 130 62.58 -1.07 47.58
C ASP A 130 62.52 0.31 46.94
N VAL A 131 62.28 0.32 45.63
CA VAL A 131 62.15 1.56 44.88
C VAL A 131 60.78 2.17 45.20
N PRO A 132 60.64 3.50 45.14
CA PRO A 132 59.33 4.11 45.40
C PRO A 132 58.29 3.76 44.33
N ALA A 133 58.63 3.94 43.07
CA ALA A 133 57.73 3.65 41.96
C ALA A 133 58.50 2.98 40.83
N MET A 134 57.77 2.26 39.98
CA MET A 134 58.37 1.59 38.85
C MET A 134 57.35 1.50 37.72
N TYR A 135 57.85 1.21 36.52
CA TYR A 135 57.00 1.06 35.34
C TYR A 135 57.73 0.24 34.30
N VAL A 136 56.98 -0.55 33.54
CA VAL A 136 57.52 -1.40 32.48
C VAL A 136 56.81 -1.04 31.18
N SER A 137 57.60 -0.83 30.12
CA SER A 137 57.06 -0.44 28.83
C SER A 137 57.72 -1.25 27.72
N ILE A 138 57.06 -1.27 26.56
CA ILE A 138 57.59 -1.98 25.41
C ILE A 138 58.65 -1.12 24.71
N GLN A 139 59.63 -1.79 24.10
CA GLN A 139 60.77 -1.13 23.49
C GLN A 139 60.42 -0.40 22.20
N ALA A 140 59.56 -0.99 21.37
CA ALA A 140 59.19 -0.35 20.10
C ALA A 140 58.46 0.95 20.32
N ILE A 141 57.63 1.04 21.36
CA ILE A 141 56.94 2.28 21.67
C ILE A 141 57.93 3.37 22.02
N LEU A 142 58.95 3.05 22.81
CA LEU A 142 59.97 4.02 23.16
C LEU A 142 60.80 4.41 21.94
N SER A 143 61.07 3.45 21.06
CA SER A 143 61.79 3.77 19.83
C SER A 143 61.01 4.74 18.96
N LEU A 144 59.68 4.57 18.89
CA LEU A 144 58.87 5.52 18.13
C LEU A 144 58.80 6.87 18.84
N TYR A 145 58.77 6.86 20.17
CA TYR A 145 58.83 8.10 20.94
C TYR A 145 60.09 8.89 20.61
N ALA A 146 61.23 8.20 20.54
CA ALA A 146 62.50 8.86 20.29
C ALA A 146 62.57 9.53 18.92
N SER A 147 61.75 9.10 17.96
CA SER A 147 61.75 9.68 16.62
C SER A 147 60.83 10.88 16.48
N GLY A 148 60.04 11.20 17.50
CA GLY A 148 59.12 12.31 17.41
C GLY A 148 57.99 12.15 16.44
N ARG A 149 57.50 10.93 16.25
CA ARG A 149 56.41 10.63 15.34
C ARG A 149 55.28 9.94 16.10
N THR A 150 54.19 9.66 15.38
CA THR A 150 53.08 8.91 15.93
C THR A 150 52.59 7.79 15.02
N THR A 151 53.00 7.75 13.76
CA THR A 151 52.58 6.72 12.82
C THR A 151 53.81 6.08 12.19
N GLY A 152 53.87 4.76 12.22
CA GLY A 152 54.97 4.05 11.60
C GLY A 152 55.05 2.62 12.10
N ILE A 153 55.88 1.84 11.42
CA ILE A 153 56.15 0.47 11.78
C ILE A 153 57.60 0.38 12.25
N VAL A 154 57.80 -0.13 13.47
CA VAL A 154 59.11 -0.17 14.10
C VAL A 154 59.66 -1.58 13.98
N LEU A 155 60.87 -1.68 13.44
CA LEU A 155 61.62 -2.94 13.31
C LEU A 155 62.80 -2.88 14.25
N ASP A 156 62.66 -3.47 15.44
CA ASP A 156 63.73 -3.50 16.42
C ASP A 156 64.46 -4.83 16.33
N SER A 157 65.79 -4.77 16.42
CA SER A 157 66.62 -5.97 16.32
C SER A 157 67.85 -5.78 17.19
N GLY A 158 67.95 -6.57 18.25
CA GLY A 158 69.07 -6.45 19.17
C GLY A 158 70.02 -7.62 19.14
N ASP A 159 70.24 -8.25 20.30
CA ASP A 159 71.17 -9.36 20.40
C ASP A 159 70.49 -10.71 20.58
N GLY A 160 69.23 -10.74 21.02
CA GLY A 160 68.55 -12.01 21.24
C GLY A 160 67.25 -12.18 20.51
N VAL A 161 66.58 -11.08 20.16
CA VAL A 161 65.25 -11.15 19.58
C VAL A 161 65.05 -9.94 18.68
N SER A 162 64.32 -10.14 17.58
CA SER A 162 63.97 -9.05 16.66
C SER A 162 62.46 -9.06 16.44
N HIS A 163 61.82 -7.91 16.61
CA HIS A 163 60.38 -7.81 16.53
C HIS A 163 59.96 -6.57 15.74
N THR A 164 58.79 -6.67 15.11
CA THR A 164 58.19 -5.58 14.37
C THR A 164 56.81 -5.27 14.93
N VAL A 165 56.55 -3.98 15.13
CA VAL A 165 55.30 -3.50 15.72
C VAL A 165 54.78 -2.30 14.93
N PRO A 166 53.55 -2.34 14.41
CA PRO A 166 52.97 -1.15 13.77
C PRO A 166 52.15 -0.31 14.73
N ILE A 167 52.23 1.01 14.56
CA ILE A 167 51.48 1.96 15.36
C ILE A 167 50.90 3.02 14.42
N TYR A 168 49.61 3.31 14.57
CA TYR A 168 48.93 4.28 13.71
C TYR A 168 48.25 5.33 14.59
N GLU A 169 48.83 6.54 14.61
CA GLU A 169 48.23 7.70 15.27
C GLU A 169 47.95 7.41 16.74
N GLY A 170 48.92 6.80 17.42
CA GLY A 170 48.83 6.55 18.83
C GLY A 170 48.14 5.27 19.22
N TYR A 171 47.61 4.51 18.27
CA TYR A 171 46.94 3.26 18.55
C TYR A 171 47.77 2.10 18.01
N VAL A 172 48.07 1.14 18.88
CA VAL A 172 48.83 -0.04 18.49
C VAL A 172 47.87 -1.13 18.03
N LEU A 173 48.33 -1.96 17.09
CA LEU A 173 47.55 -3.08 16.57
C LEU A 173 48.19 -4.38 17.03
N PRO A 174 47.76 -4.93 18.17
CA PRO A 174 48.44 -6.12 18.72
C PRO A 174 48.31 -7.35 17.83
N HIS A 175 47.34 -7.41 16.92
CA HIS A 175 47.20 -8.58 16.08
C HIS A 175 48.20 -8.58 14.93
N ALA A 176 48.94 -7.49 14.74
CA ALA A 176 49.92 -7.37 13.67
C ALA A 176 51.35 -7.28 14.19
N ILE A 177 51.58 -7.68 15.43
CA ILE A 177 52.91 -7.63 16.03
C ILE A 177 53.60 -8.96 15.77
N ASN A 178 54.82 -8.91 15.22
CA ASN A 178 55.59 -10.11 14.97
C ASN A 178 56.89 -10.10 15.76
N ARG A 179 57.37 -11.29 16.10
CA ARG A 179 58.57 -11.45 16.90
C ARG A 179 59.26 -12.75 16.53
N ILE A 180 60.54 -12.68 16.18
CA ILE A 180 61.33 -13.86 15.84
C ILE A 180 62.63 -13.81 16.63
N ASP A 181 63.18 -15.00 16.89
CA ASP A 181 64.42 -15.14 17.65
C ASP A 181 65.58 -15.38 16.68
N MET A 182 66.09 -14.27 16.14
CA MET A 182 67.24 -14.33 15.23
C MET A 182 67.93 -12.97 15.28
N ALA A 183 69.14 -12.93 15.82
CA ALA A 183 69.81 -11.67 16.05
C ALA A 183 71.33 -11.79 15.96
N GLY A 184 72.04 -10.80 16.52
CA GLY A 184 73.47 -10.74 16.35
C GLY A 184 74.24 -11.94 16.89
N ARG A 185 73.66 -12.64 17.88
CA ARG A 185 74.34 -13.82 18.40
C ARG A 185 74.36 -14.95 17.37
N ASP A 186 73.25 -15.14 16.66
CA ASP A 186 73.22 -16.12 15.57
C ASP A 186 74.18 -15.72 14.45
N LEU A 187 74.29 -14.42 14.17
CA LEU A 187 75.27 -13.95 13.18
C LEU A 187 76.69 -14.22 13.64
N THR A 188 76.96 -14.06 14.94
CA THR A 188 78.29 -14.38 15.48
C THR A 188 78.59 -15.87 15.30
N TYR A 189 77.62 -16.73 15.60
CA TYR A 189 77.82 -18.16 15.39
C TYR A 189 78.05 -18.49 13.93
N HIS A 190 77.30 -17.84 13.03
CA HIS A 190 77.49 -18.06 11.60
C HIS A 190 78.87 -17.61 11.15
N MET A 191 79.34 -16.47 11.69
CA MET A 191 80.68 -16.00 11.37
C MET A 191 81.74 -16.99 11.86
N MET A 192 81.54 -17.54 13.06
CA MET A 192 82.47 -18.54 13.58
C MET A 192 82.50 -19.76 12.69
N LYS A 193 81.33 -20.20 12.22
CA LYS A 193 81.28 -21.34 11.30
C LYS A 193 81.97 -21.03 9.98
N LEU A 194 81.79 -19.81 9.46
CA LEU A 194 82.41 -19.43 8.19
C LEU A 194 83.93 -19.33 8.31
N PHE A 195 84.43 -18.87 9.45
CA PHE A 195 85.88 -18.77 9.65
C PHE A 195 86.57 -20.14 9.63
N THR A 196 85.83 -21.21 9.89
CA THR A 196 86.43 -22.54 9.87
C THR A 196 86.90 -22.92 8.46
N GLU A 197 86.19 -22.47 7.43
CA GLU A 197 86.55 -22.82 6.06
C GLU A 197 87.90 -22.26 5.64
N ARG A 198 88.39 -21.22 6.31
CA ARG A 198 89.70 -20.65 6.00
C ARG A 198 90.82 -21.24 6.85
N GLY A 199 90.50 -22.08 7.81
CA GLY A 199 91.49 -22.67 8.69
C GLY A 199 91.59 -22.08 10.08
N HIS A 200 90.63 -21.24 10.49
CA HIS A 200 90.65 -20.61 11.80
C HIS A 200 89.50 -21.15 12.64
N THR A 201 89.80 -21.48 13.90
CA THR A 201 88.83 -22.10 14.80
C THR A 201 88.71 -21.27 16.05
N PHE A 202 87.48 -20.90 16.40
CA PHE A 202 87.17 -20.20 17.65
C PHE A 202 86.16 -21.04 18.42
N THR A 203 86.52 -21.41 19.65
CA THR A 203 85.67 -22.27 20.47
C THR A 203 85.32 -21.68 21.82
N THR A 204 86.27 -21.03 22.49
CA THR A 204 86.04 -20.53 23.84
C THR A 204 85.23 -19.23 23.79
N THR A 205 84.83 -18.77 24.98
CA THR A 205 84.02 -17.55 25.08
C THR A 205 84.80 -16.31 24.66
N ALA A 206 86.07 -16.22 25.07
CA ALA A 206 86.89 -15.08 24.67
C ALA A 206 87.06 -15.05 23.15
N GLU A 207 87.22 -16.22 22.53
CA GLU A 207 87.27 -16.29 21.08
C GLU A 207 85.94 -15.84 20.47
N ARG A 208 84.81 -16.15 21.13
CA ARG A 208 83.53 -15.66 20.65
CA ARG A 208 83.53 -15.66 20.64
C ARG A 208 83.47 -14.13 20.70
N GLU A 209 84.00 -13.54 21.77
CA GLU A 209 84.02 -12.08 21.86
C GLU A 209 84.90 -11.49 20.76
N ILE A 210 86.03 -12.14 20.47
CA ILE A 210 86.91 -11.66 19.40
C ILE A 210 86.18 -11.72 18.06
N VAL A 211 85.46 -12.81 17.80
CA VAL A 211 84.70 -12.93 16.55
C VAL A 211 83.60 -11.88 16.49
N ARG A 212 82.97 -11.60 17.63
CA ARG A 212 81.94 -10.56 17.67
C ARG A 212 82.53 -9.21 17.33
N ASP A 213 83.72 -8.90 17.86
CA ASP A 213 84.37 -7.63 17.53
C ASP A 213 84.74 -7.56 16.05
N ILE A 214 85.23 -8.68 15.49
CA ILE A 214 85.55 -8.72 14.07
C ILE A 214 84.29 -8.46 13.24
N LYS A 215 83.17 -9.07 13.63
CA LYS A 215 81.92 -8.85 12.91
C LYS A 215 81.48 -7.39 13.02
N GLU A 216 81.58 -6.81 14.21
CA GLU A 216 81.19 -5.41 14.38
C GLU A 216 82.08 -4.46 13.60
N LYS A 217 83.33 -4.84 13.33
CA LYS A 217 84.26 -3.94 12.66
C LYS A 217 84.26 -4.09 11.14
N LEU A 218 84.25 -5.32 10.62
CA LEU A 218 84.55 -5.55 9.21
C LEU A 218 83.38 -6.15 8.42
N CYS A 219 82.14 -5.90 8.81
CA CYS A 219 80.99 -6.45 8.10
C CYS A 219 80.19 -5.36 7.40
N TYR A 220 79.61 -5.73 6.26
CA TYR A 220 78.72 -4.84 5.51
C TYR A 220 77.77 -5.71 4.71
N ILE A 221 76.70 -5.08 4.20
CA ILE A 221 75.64 -5.76 3.48
C ILE A 221 75.75 -5.42 2.00
N ALA A 222 75.73 -6.44 1.15
CA ALA A 222 75.87 -6.25 -0.28
C ALA A 222 74.51 -6.01 -0.93
N MET A 223 74.52 -5.24 -2.02
CA MET A 223 73.28 -4.94 -2.73
C MET A 223 72.81 -6.14 -3.56
N ASP A 224 73.73 -6.82 -4.24
CA ASP A 224 73.40 -7.97 -5.08
C ASP A 224 74.27 -9.14 -4.65
N TYR A 225 73.66 -10.15 -4.04
CA TYR A 225 74.41 -11.22 -3.41
C TYR A 225 75.09 -12.12 -4.45
N ASP A 226 74.35 -12.51 -5.50
CA ASP A 226 74.90 -13.44 -6.48
C ASP A 226 76.07 -12.83 -7.24
N GLU A 227 75.95 -11.57 -7.64
CA GLU A 227 77.04 -10.89 -8.35
CA GLU A 227 77.04 -10.92 -8.34
C GLU A 227 78.24 -10.71 -7.44
N GLU A 228 78.01 -10.45 -6.14
CA GLU A 228 79.12 -10.34 -5.22
C GLU A 228 79.85 -11.67 -5.05
N LEU A 229 79.09 -12.77 -4.96
CA LEU A 229 79.73 -14.08 -4.91
C LEU A 229 80.53 -14.37 -6.17
N LYS A 230 79.99 -14.00 -7.33
CA LYS A 230 80.73 -14.19 -8.57
C LYS A 230 82.00 -13.35 -8.61
N ARG A 231 81.92 -12.11 -8.12
CA ARG A 231 83.09 -11.22 -8.10
C ARG A 231 84.13 -11.70 -7.10
N SER A 232 83.71 -12.37 -6.03
CA SER A 232 84.64 -12.89 -5.03
C SER A 232 85.48 -14.05 -5.54
N GLU A 233 85.38 -14.38 -6.83
CA GLU A 233 86.23 -15.41 -7.44
C GLU A 233 87.19 -14.81 -8.44
N GLU A 234 86.71 -14.03 -9.41
CA GLU A 234 87.59 -13.39 -10.38
C GLU A 234 88.53 -12.39 -9.72
N HIS A 235 88.01 -11.55 -8.84
CA HIS A 235 88.84 -10.58 -8.13
C HIS A 235 88.44 -10.50 -6.66
N SER A 236 89.07 -11.34 -5.82
CA SER A 236 88.79 -11.31 -4.39
C SER A 236 89.68 -10.33 -3.63
N ASP A 237 90.71 -9.78 -4.28
CA ASP A 237 91.66 -8.91 -3.58
C ASP A 237 91.06 -7.57 -3.19
N GLU A 238 89.94 -7.17 -3.81
CA GLU A 238 89.36 -5.87 -3.54
C GLU A 238 88.63 -5.84 -2.20
N ILE A 239 88.24 -7.01 -1.69
CA ILE A 239 87.50 -7.09 -0.43
C ILE A 239 88.33 -7.69 0.70
N GLU A 240 89.63 -7.89 0.49
CA GLU A 240 90.48 -8.48 1.52
C GLU A 240 90.81 -7.43 2.58
N GLU A 241 90.76 -7.85 3.85
CA GLU A 241 91.17 -6.99 4.96
C GLU A 241 92.01 -7.81 5.92
N ILE A 242 92.88 -7.12 6.66
CA ILE A 242 93.76 -7.75 7.63
C ILE A 242 93.38 -7.27 9.02
N TYR A 243 93.18 -8.22 9.93
CA TYR A 243 92.79 -7.91 11.30
C TYR A 243 93.83 -8.47 12.25
N GLU A 244 94.24 -7.64 13.22
CA GLU A 244 95.29 -8.02 14.15
C GLU A 244 94.67 -8.68 15.37
N LEU A 245 94.98 -9.95 15.60
CA LEU A 245 94.50 -10.65 16.77
C LEU A 245 95.16 -10.07 18.03
N PRO A 246 94.55 -10.26 19.20
CA PRO A 246 95.11 -9.67 20.43
C PRO A 246 96.50 -10.18 20.76
N ASP A 247 96.86 -11.37 20.30
CA ASP A 247 98.17 -11.94 20.57
C ASP A 247 99.21 -11.57 19.50
N GLY A 248 98.85 -10.75 18.53
CA GLY A 248 99.77 -10.27 17.53
C GLY A 248 99.63 -10.92 16.17
N ASN A 249 98.91 -12.03 16.07
CA ASN A 249 98.74 -12.69 14.78
C ASN A 249 97.80 -11.89 13.89
N LEU A 250 97.92 -12.13 12.58
CA LEU A 250 97.12 -11.44 11.58
C LEU A 250 96.21 -12.44 10.88
N ILE A 251 94.93 -12.09 10.75
CA ILE A 251 93.94 -12.93 10.10
C ILE A 251 93.38 -12.18 8.90
N THR A 252 93.17 -12.89 7.80
CA THR A 252 92.68 -12.29 6.57
C THR A 252 91.18 -12.55 6.45
N VAL A 253 90.41 -11.47 6.33
CA VAL A 253 88.96 -11.55 6.17
C VAL A 253 88.63 -11.18 4.73
N GLY A 254 87.98 -12.10 4.03
CA GLY A 254 87.67 -11.89 2.63
C GLY A 254 86.18 -11.78 2.33
N SER A 255 85.60 -12.85 1.80
CA SER A 255 84.19 -12.84 1.44
C SER A 255 83.28 -12.79 2.67
N GLU A 256 83.75 -13.33 3.80
CA GLU A 256 82.94 -13.37 5.02
C GLU A 256 82.50 -11.98 5.47
N ARG A 257 83.02 -10.91 4.88
CA ARG A 257 82.56 -9.57 5.20
C ARG A 257 81.10 -9.35 4.81
N PHE A 258 80.60 -10.07 3.80
CA PHE A 258 79.23 -9.87 3.35
C PHE A 258 78.40 -11.15 3.35
N ARG A 259 78.98 -12.30 3.66
CA ARG A 259 78.21 -13.54 3.80
C ARG A 259 77.67 -13.74 5.22
N CYS A 260 78.16 -12.96 6.19
CA CYS A 260 77.64 -13.10 7.56
C CYS A 260 76.30 -12.39 7.73
N PRO A 261 76.15 -11.10 7.40
CA PRO A 261 74.85 -10.46 7.58
C PRO A 261 73.76 -10.92 6.62
N GLU A 262 74.13 -11.66 5.56
CA GLU A 262 73.14 -12.12 4.60
C GLU A 262 72.11 -13.05 5.22
N ALA A 263 72.41 -13.64 6.38
CA ALA A 263 71.43 -14.45 7.08
C ALA A 263 70.25 -13.65 7.59
N LEU A 264 70.33 -12.31 7.61
CA LEU A 264 69.16 -11.52 7.99
C LEU A 264 68.07 -11.58 6.93
N PHE A 265 68.44 -11.63 5.65
CA PHE A 265 67.48 -11.68 4.56
C PHE A 265 67.31 -13.09 4.01
N ASN A 266 67.92 -14.09 4.64
CA ASN A 266 67.80 -15.48 4.21
C ASN A 266 68.14 -16.40 5.37
N PRO A 267 67.22 -16.62 6.31
CA PRO A 267 67.54 -17.43 7.50
C PRO A 267 67.75 -18.90 7.19
N THR A 268 67.59 -19.30 5.92
CA THR A 268 67.83 -20.69 5.56
C THR A 268 69.31 -21.02 5.57
N LEU A 269 70.18 -20.01 5.46
CA LEU A 269 71.61 -20.24 5.50
C LEU A 269 72.03 -20.81 6.85
N ILE A 270 71.48 -20.27 7.94
CA ILE A 270 71.83 -20.77 9.27
C ILE A 270 70.98 -21.96 9.68
N GLY A 271 70.05 -22.39 8.85
CA GLY A 271 69.24 -23.55 9.14
C GLY A 271 67.89 -23.27 9.77
N ARG A 272 67.38 -22.05 9.69
CA ARG A 272 66.10 -21.69 10.28
C ARG A 272 65.04 -21.54 9.21
N GLU A 273 63.81 -21.91 9.56
CA GLU A 273 62.67 -21.84 8.66
C GLU A 273 61.93 -20.51 8.73
N CYS A 274 62.30 -19.64 9.68
CA CYS A 274 61.63 -18.36 9.81
C CYS A 274 61.87 -17.49 8.57
N PRO A 275 60.91 -16.62 8.24
CA PRO A 275 61.09 -15.74 7.09
C PRO A 275 62.07 -14.62 7.38
N GLY A 276 62.52 -13.97 6.30
CA GLY A 276 63.48 -12.91 6.40
C GLY A 276 62.92 -11.67 7.08
N LEU A 277 63.69 -10.58 6.98
CA LEU A 277 63.30 -9.33 7.61
C LEU A 277 62.31 -8.54 6.76
N HIS A 278 62.60 -8.39 5.47
CA HIS A 278 61.66 -7.70 4.58
C HIS A 278 60.34 -8.45 4.49
N ILE A 279 60.40 -9.78 4.42
CA ILE A 279 59.18 -10.57 4.37
C ILE A 279 58.37 -10.39 5.65
N THR A 280 59.05 -10.39 6.80
CA THR A 280 58.36 -10.18 8.07
C THR A 280 57.70 -8.81 8.13
N ALA A 281 58.42 -7.77 7.68
CA ALA A 281 57.84 -6.43 7.68
C ALA A 281 56.63 -6.36 6.76
N TYR A 282 56.74 -6.95 5.57
CA TYR A 282 55.62 -6.93 4.63
C TYR A 282 54.41 -7.67 5.18
N GLN A 283 54.63 -8.84 5.78
CA GLN A 283 53.52 -9.58 6.36
C GLN A 283 52.91 -8.89 7.57
N SER A 284 53.72 -8.13 8.31
CA SER A 284 53.16 -7.34 9.41
C SER A 284 52.36 -6.14 8.90
N ILE A 285 52.75 -5.57 7.77
CA ILE A 285 51.97 -4.48 7.18
C ILE A 285 50.66 -5.00 6.61
N MET A 286 50.70 -6.15 5.95
CA MET A 286 49.52 -6.71 5.29
C MET A 286 48.46 -7.24 6.27
N LYS A 287 48.73 -7.34 7.57
CA LYS A 287 47.71 -7.76 8.53
C LYS A 287 46.97 -6.57 9.14
N CYS A 288 47.25 -5.36 8.68
CA CYS A 288 46.56 -4.17 9.13
C CYS A 288 45.44 -3.82 8.14
N ASP A 289 44.64 -2.83 8.49
CA ASP A 289 43.54 -2.42 7.64
C ASP A 289 44.05 -1.74 6.38
N ILE A 290 43.26 -1.84 5.31
CA ILE A 290 43.69 -1.40 3.99
C ILE A 290 43.94 0.11 3.95
N ASP A 291 43.28 0.86 4.83
CA ASP A 291 43.41 2.31 4.79
C ASP A 291 44.77 2.79 5.28
N ILE A 292 45.28 2.16 6.34
CA ILE A 292 46.51 2.63 6.98
C ILE A 292 47.77 2.05 6.37
N ARG A 293 47.65 1.16 5.39
CA ARG A 293 48.84 0.57 4.76
C ARG A 293 49.66 1.63 4.05
N LYS A 294 49.01 2.60 3.41
CA LYS A 294 49.75 3.65 2.72
CA LYS A 294 49.74 3.65 2.72
C LYS A 294 50.58 4.48 3.69
N GLU A 295 50.02 4.81 4.86
CA GLU A 295 50.78 5.57 5.85
C GLU A 295 51.88 4.72 6.49
N LEU A 296 51.64 3.42 6.67
CA LEU A 296 52.68 2.57 7.25
C LEU A 296 53.85 2.39 6.29
N TYR A 297 53.57 2.31 4.99
CA TYR A 297 54.61 2.08 3.99
C TYR A 297 55.62 3.23 3.91
N ASN A 298 55.28 4.42 4.40
CA ASN A 298 56.15 5.59 4.26
C ASN A 298 56.79 6.01 5.57
N ASN A 299 56.67 5.21 6.62
CA ASN A 299 57.24 5.55 7.93
C ASN A 299 57.92 4.35 8.56
N ILE A 300 58.72 3.63 7.76
CA ILE A 300 59.46 2.48 8.27
C ILE A 300 60.64 3.00 9.08
N VAL A 301 60.72 2.56 10.34
CA VAL A 301 61.73 3.04 11.29
C VAL A 301 62.59 1.86 11.72
N LEU A 302 63.90 2.04 11.67
CA LEU A 302 64.86 1.03 12.08
C LEU A 302 65.35 1.32 13.50
N SER A 303 65.59 0.27 14.26
CA SER A 303 66.05 0.41 15.64
C SER A 303 66.90 -0.80 16.00
N GLY A 304 67.66 -0.66 17.08
CA GLY A 304 68.53 -1.71 17.57
C GLY A 304 69.94 -1.61 17.03
N GLY A 305 70.83 -2.41 17.62
CA GLY A 305 72.23 -2.40 17.24
C GLY A 305 72.54 -3.27 16.04
N THR A 306 71.69 -4.26 15.77
CA THR A 306 71.90 -5.15 14.64
C THR A 306 71.60 -4.48 13.31
N THR A 307 70.91 -3.34 13.30
CA THR A 307 70.62 -2.60 12.09
C THR A 307 71.66 -1.52 11.79
N MET A 308 72.88 -1.68 12.31
CA MET A 308 73.93 -0.69 12.16
C MET A 308 74.89 -1.02 11.02
N TYR A 309 74.63 -2.07 10.25
CA TYR A 309 75.48 -2.39 9.12
C TYR A 309 75.38 -1.29 8.06
N ASN A 310 76.29 -1.37 7.09
CA ASN A 310 76.28 -0.44 5.97
C ASN A 310 75.39 -0.97 4.85
N ASN A 311 74.78 -0.04 4.11
CA ASN A 311 73.88 -0.37 3.01
C ASN A 311 72.71 -1.24 3.47
N ILE A 312 72.20 -0.95 4.66
CA ILE A 312 71.04 -1.65 5.18
C ILE A 312 69.74 -0.98 4.74
N GLY A 313 69.69 0.35 4.80
CA GLY A 313 68.49 1.05 4.39
C GLY A 313 68.20 0.90 2.91
N GLU A 314 69.23 1.02 2.07
CA GLU A 314 69.03 0.87 0.62
C GLU A 314 68.60 -0.54 0.27
N ARG A 315 69.22 -1.55 0.88
CA ARG A 315 68.85 -2.93 0.62
C ARG A 315 67.41 -3.20 1.06
N LEU A 316 67.03 -2.69 2.24
CA LEU A 316 65.66 -2.88 2.71
C LEU A 316 64.66 -2.18 1.80
N THR A 317 64.99 -0.97 1.34
CA THR A 317 64.10 -0.26 0.43
C THR A 317 63.94 -1.01 -0.88
N LYS A 318 65.04 -1.53 -1.43
CA LYS A 318 64.96 -2.28 -2.69
C LYS A 318 64.14 -3.55 -2.52
N GLU A 319 64.30 -4.25 -1.39
CA GLU A 319 63.51 -5.45 -1.16
C GLU A 319 62.04 -5.13 -0.97
N MET A 320 61.72 -4.05 -0.25
CA MET A 320 60.33 -3.68 -0.04
C MET A 320 59.67 -3.23 -1.33
N THR A 321 60.43 -2.56 -2.21
CA THR A 321 59.88 -2.08 -3.46
C THR A 321 59.35 -3.22 -4.33
N ASN A 322 60.08 -4.34 -4.37
CA ASN A 322 59.65 -5.48 -5.18
C ASN A 322 58.44 -6.20 -4.60
N LEU A 323 58.02 -5.87 -3.38
CA LEU A 323 56.87 -6.50 -2.75
C LEU A 323 55.64 -5.60 -2.67
N ALA A 324 55.82 -4.29 -2.65
CA ALA A 324 54.74 -3.33 -2.53
C ALA A 324 54.14 -3.01 -3.89
N PRO A 325 52.90 -2.54 -3.94
CA PRO A 325 52.32 -2.12 -5.22
C PRO A 325 53.11 -1.00 -5.86
N SER A 326 53.10 -0.97 -7.20
CA SER A 326 53.95 -0.04 -7.94
C SER A 326 53.58 1.41 -7.69
N SER A 327 52.39 1.69 -7.17
CA SER A 327 51.94 3.05 -6.93
C SER A 327 52.21 3.52 -5.51
N MET A 328 53.03 2.79 -4.75
CA MET A 328 53.30 3.12 -3.36
C MET A 328 54.74 3.59 -3.21
N LYS A 329 54.94 4.55 -2.30
CA LYS A 329 56.26 5.11 -2.02
C LYS A 329 56.77 4.55 -0.69
N ILE A 330 57.99 4.02 -0.70
CA ILE A 330 58.61 3.43 0.48
C ILE A 330 59.78 4.30 0.89
N LYS A 331 59.82 4.67 2.18
CA LYS A 331 60.91 5.47 2.73
C LYS A 331 61.36 4.81 4.03
N VAL A 332 62.56 4.22 4.02
CA VAL A 332 63.11 3.56 5.19
C VAL A 332 63.89 4.61 5.98
N ILE A 333 63.39 4.94 7.17
CA ILE A 333 64.05 5.93 8.02
C ILE A 333 65.12 5.20 8.85
N ALA A 334 66.38 5.57 8.64
CA ALA A 334 67.51 5.00 9.36
C ALA A 334 68.28 6.12 10.03
N PRO A 335 67.83 6.62 11.18
CA PRO A 335 68.50 7.75 11.81
C PRO A 335 69.83 7.34 12.43
N PRO A 336 70.79 8.25 12.52
CA PRO A 336 72.01 7.97 13.29
C PRO A 336 71.68 7.78 14.76
N GLU A 337 72.70 7.35 15.51
CA GLU A 337 72.61 7.07 16.95
C GLU A 337 71.38 6.23 17.30
N ARG A 338 70.92 5.39 16.37
CA ARG A 338 69.79 4.51 16.64
C ARG A 338 70.16 3.36 17.58
N LYS A 339 71.44 3.23 17.92
CA LYS A 339 71.86 2.24 18.90
C LYS A 339 71.21 2.47 20.26
N TYR A 340 71.04 3.74 20.64
CA TYR A 340 70.46 4.10 21.93
C TYR A 340 69.09 4.75 21.79
N SER A 341 68.37 4.45 20.71
CA SER A 341 67.08 5.08 20.48
C SER A 341 66.08 4.73 21.57
N VAL A 342 66.09 3.48 22.03
CA VAL A 342 65.14 3.06 23.06
C VAL A 342 65.37 3.84 24.35
N TRP A 343 66.63 4.03 24.74
CA TRP A 343 66.92 4.78 25.95
C TRP A 343 66.49 6.24 25.82
N ILE A 344 66.74 6.84 24.65
CA ILE A 344 66.33 8.23 24.44
C ILE A 344 64.82 8.36 24.51
N GLY A 345 64.09 7.43 23.88
CA GLY A 345 62.65 7.46 23.95
C GLY A 345 62.12 7.29 25.37
N GLY A 346 62.73 6.39 26.14
CA GLY A 346 62.34 6.22 27.52
C GLY A 346 62.60 7.45 28.36
N SER A 347 63.74 8.11 28.14
CA SER A 347 64.04 9.34 28.86
C SER A 347 63.06 10.46 28.50
N ILE A 348 62.68 10.55 27.23
CA ILE A 348 61.68 11.54 26.82
C ILE A 348 60.34 11.25 27.46
N LEU A 349 59.93 9.97 27.47
CA LEU A 349 58.65 9.60 28.05
C LEU A 349 58.62 9.88 29.54
N SER A 350 59.71 9.60 30.24
CA SER A 350 59.74 9.75 31.70
C SER A 350 59.72 11.20 32.15
N SER A 351 59.92 12.16 31.25
CA SER A 351 59.92 13.57 31.62
C SER A 351 58.60 14.27 31.35
N LEU A 352 57.64 13.59 30.72
CA LEU A 352 56.35 14.20 30.43
C LEU A 352 55.56 14.38 31.73
N SER A 353 54.87 15.52 31.83
CA SER A 353 54.06 15.79 33.02
C SER A 353 52.84 14.88 33.10
N THR A 354 52.36 14.37 31.97
CA THR A 354 51.19 13.50 31.99
C THR A 354 51.50 12.12 32.55
N PHE A 355 52.73 11.64 32.36
CA PHE A 355 53.11 10.30 32.78
C PHE A 355 53.22 10.14 34.29
N GLN A 356 53.21 11.24 35.04
CA GLN A 356 53.46 11.18 36.48
C GLN A 356 52.36 10.43 37.23
N GLN A 357 51.21 10.18 36.60
CA GLN A 357 50.11 9.48 37.23
C GLN A 357 50.00 8.03 36.76
N MET A 358 51.04 7.50 36.11
CA MET A 358 51.01 6.13 35.60
C MET A 358 52.06 5.27 36.27
N TRP A 359 52.57 5.71 37.42
CA TRP A 359 53.56 4.95 38.17
C TRP A 359 52.88 3.91 39.04
N ILE A 360 53.58 2.79 39.25
CA ILE A 360 53.13 1.74 40.16
C ILE A 360 53.74 2.02 41.53
N THR A 361 52.95 2.59 42.44
CA THR A 361 53.45 2.98 43.74
C THR A 361 53.63 1.77 44.66
N LYS A 362 54.32 2.00 45.77
CA LYS A 362 54.61 0.91 46.71
C LYS A 362 53.34 0.40 47.37
N GLU A 363 52.43 1.30 47.75
CA GLU A 363 51.20 0.88 48.43
C GLU A 363 50.31 0.04 47.54
N GLU A 364 50.21 0.39 46.25
CA GLU A 364 49.40 -0.40 45.33
C GLU A 364 49.95 -1.81 45.18
N TYR A 365 51.27 -1.93 45.06
CA TYR A 365 51.88 -3.27 44.98
C TYR A 365 51.67 -4.05 46.27
N GLU A 366 51.81 -3.38 47.42
CA GLU A 366 51.62 -4.06 48.70
C GLU A 366 50.19 -4.56 48.86
N ASP A 367 49.21 -3.77 48.45
CA ASP A 367 47.81 -4.14 48.59
C ASP A 367 47.36 -5.15 47.54
N SER A 368 47.94 -5.13 46.35
CA SER A 368 47.49 -5.98 45.25
C SER A 368 48.42 -7.16 44.97
N GLY A 369 49.72 -6.99 45.15
CA GLY A 369 50.66 -8.06 44.88
C GLY A 369 51.43 -7.84 43.59
N PRO A 370 52.21 -8.84 43.19
CA PRO A 370 53.02 -8.71 41.97
C PRO A 370 52.19 -8.81 40.70
N SER A 371 50.90 -9.10 40.83
CA SER A 371 50.01 -9.23 39.68
C SER A 371 49.47 -7.90 39.19
N ILE A 372 49.76 -6.80 39.88
CA ILE A 372 49.24 -5.49 39.48
C ILE A 372 49.86 -5.03 38.17
N VAL A 373 51.06 -5.53 37.84
CA VAL A 373 51.76 -5.08 36.65
C VAL A 373 51.06 -5.44 35.35
N HIS A 374 50.10 -6.36 35.40
CA HIS A 374 49.36 -6.77 34.22
C HIS A 374 48.21 -5.84 33.87
N ARG A 375 47.42 -5.43 34.86
CA ARG A 375 46.27 -4.57 34.60
C ARG A 375 46.64 -3.12 34.33
N LYS A 376 47.79 -2.66 34.84
CA LYS A 376 48.18 -1.26 34.65
C LYS A 376 49.10 -1.11 33.44
N CYS A 377 50.21 -1.84 33.43
CA CYS A 377 51.15 -1.73 32.32
C CYS A 377 50.68 -2.55 31.12
N PHE A 378 50.93 -2.02 29.93
CA PHE A 378 50.59 -2.72 28.69
C PHE A 378 51.72 -3.64 28.25
N ALA B 7 27.38 -48.31 -12.77
CA ALA B 7 28.58 -47.55 -12.46
C ALA B 7 28.40 -46.74 -11.18
N VAL B 8 28.96 -47.26 -10.07
CA VAL B 8 28.84 -46.58 -8.79
C VAL B 8 29.68 -45.29 -8.82
N ALA B 9 29.09 -44.21 -8.31
CA ALA B 9 29.75 -42.93 -8.34
C ALA B 9 30.73 -42.77 -7.18
N LEU B 10 31.64 -41.83 -7.34
CA LEU B 10 32.67 -41.52 -6.35
C LEU B 10 32.29 -40.22 -5.65
N VAL B 11 32.30 -40.23 -4.32
CA VAL B 11 32.03 -39.04 -3.52
C VAL B 11 33.35 -38.54 -2.96
N VAL B 12 33.71 -37.31 -3.32
CA VAL B 12 34.99 -36.71 -2.93
C VAL B 12 34.66 -35.34 -2.32
N ASP B 13 34.84 -35.23 -1.00
CA ASP B 13 34.67 -33.96 -0.30
C ASP B 13 36.05 -33.36 -0.07
N ASN B 14 36.33 -32.23 -0.73
CA ASN B 14 37.62 -31.56 -0.65
C ASN B 14 37.49 -30.38 0.30
N GLY B 15 38.01 -30.54 1.51
CA GLY B 15 38.01 -29.48 2.50
C GLY B 15 39.29 -28.67 2.47
N SER B 16 39.42 -27.79 3.46
CA SER B 16 40.63 -26.99 3.61
C SER B 16 41.70 -27.65 4.45
N GLY B 17 41.32 -28.60 5.32
CA GLY B 17 42.28 -29.30 6.13
C GLY B 17 42.31 -30.79 5.92
N MET B 18 41.17 -31.35 5.50
CA MET B 18 41.05 -32.79 5.29
C MET B 18 40.38 -33.05 3.95
N VAL B 19 40.65 -34.23 3.40
CA VAL B 19 40.03 -34.72 2.18
C VAL B 19 39.35 -36.05 2.50
N LYS B 20 38.07 -36.15 2.20
CA LYS B 20 37.29 -37.37 2.37
C LYS B 20 36.93 -37.94 1.01
N SER B 21 36.98 -39.26 0.88
CA SER B 21 36.65 -39.88 -0.39
C SER B 21 36.08 -41.27 -0.14
N GLY B 22 35.17 -41.67 -1.02
CA GLY B 22 34.56 -42.98 -0.88
C GLY B 22 33.62 -43.29 -2.03
N LEU B 23 32.96 -44.43 -1.91
CA LEU B 23 32.01 -44.92 -2.89
C LEU B 23 30.57 -44.58 -2.47
N ALA B 24 29.74 -44.32 -3.48
CA ALA B 24 28.33 -44.03 -3.22
C ALA B 24 27.61 -45.27 -2.70
N GLY B 25 26.71 -45.05 -1.74
CA GLY B 25 25.94 -46.12 -1.13
C GLY B 25 26.39 -46.45 0.28
N ASP B 26 27.64 -46.14 0.62
CA ASP B 26 28.14 -46.40 1.96
C ASP B 26 27.77 -45.25 2.91
N ASP B 27 27.84 -45.53 4.20
CA ASP B 27 27.52 -44.55 5.24
C ASP B 27 28.76 -44.06 5.97
N ALA B 28 29.95 -44.36 5.47
CA ALA B 28 31.19 -43.91 6.09
C ALA B 28 32.27 -43.74 5.03
N PRO B 29 32.98 -42.61 5.02
CA PRO B 29 34.04 -42.43 4.02
C PRO B 29 35.13 -43.48 4.17
N LYS B 30 35.66 -43.93 3.04
CA LYS B 30 36.67 -44.97 3.05
C LYS B 30 38.10 -44.43 3.13
N CYS B 31 38.34 -43.21 2.66
CA CYS B 31 39.69 -42.65 2.69
C CYS B 31 39.60 -41.21 3.17
N VAL B 32 40.05 -40.96 4.40
CA VAL B 32 40.11 -39.61 4.97
C VAL B 32 41.56 -39.31 5.29
N PHE B 33 42.10 -38.23 4.73
CA PHE B 33 43.50 -37.91 4.96
C PHE B 33 43.72 -36.41 4.84
N PRO B 34 44.74 -35.87 5.53
CA PRO B 34 44.98 -34.43 5.45
C PRO B 34 45.40 -33.99 4.05
N SER B 35 45.10 -32.73 3.74
CA SER B 35 45.39 -32.13 2.44
C SER B 35 46.64 -31.27 2.59
N ILE B 36 47.81 -31.90 2.49
CA ILE B 36 49.09 -31.22 2.59
C ILE B 36 50.04 -31.79 1.54
N VAL B 37 50.93 -30.94 1.05
CA VAL B 37 51.99 -31.35 0.14
C VAL B 37 53.32 -31.03 0.80
N GLY B 38 54.15 -32.04 0.98
CA GLY B 38 55.43 -31.91 1.66
C GLY B 38 56.59 -31.95 0.69
N ARG B 39 57.59 -31.08 0.93
CA ARG B 39 58.77 -31.05 0.09
C ARG B 39 60.02 -31.03 0.96
N PRO B 40 61.03 -31.83 0.63
CA PRO B 40 62.23 -31.89 1.47
C PRO B 40 63.03 -30.59 1.44
N LYS B 41 63.71 -30.33 2.55
CA LYS B 41 64.54 -29.13 2.71
C LYS B 41 65.95 -29.48 3.16
N MET B 42 66.37 -30.73 2.97
CA MET B 42 67.70 -31.17 3.40
C MET B 42 68.40 -31.92 2.28
N PRO B 43 69.73 -31.93 2.25
CA PRO B 43 70.45 -32.67 1.21
C PRO B 43 70.36 -34.18 1.41
N ASN B 44 70.22 -34.92 0.30
CA ASN B 44 70.20 -36.37 0.34
C ASN B 44 71.61 -36.91 0.12
N ILE B 45 72.10 -37.71 1.07
CA ILE B 45 73.46 -38.22 1.05
C ILE B 45 73.50 -39.73 0.88
N MET B 46 72.55 -40.45 1.48
CA MET B 46 72.59 -41.91 1.46
C MET B 46 72.21 -42.46 0.10
N ILE B 47 73.22 -42.72 -0.74
CA ILE B 47 72.96 -43.32 -2.05
C ILE B 47 72.50 -44.77 -1.86
N GLY B 48 71.53 -45.18 -2.68
CA GLY B 48 71.00 -46.52 -2.63
C GLY B 48 69.54 -46.61 -2.22
N MET B 49 69.01 -45.58 -1.58
CA MET B 49 67.61 -45.54 -1.19
C MET B 49 66.87 -44.54 -2.07
N GLU B 50 65.68 -44.92 -2.51
CA GLU B 50 64.88 -44.07 -3.40
C GLU B 50 64.23 -42.94 -2.62
N GLN B 51 64.12 -41.78 -3.27
CA GLN B 51 63.51 -40.60 -2.68
C GLN B 51 62.51 -40.02 -3.67
N LYS B 52 61.51 -39.32 -3.13
CA LYS B 52 60.47 -38.70 -3.94
C LYS B 52 60.52 -37.19 -3.77
N GLU B 53 60.16 -36.48 -4.84
CA GLU B 53 60.19 -35.02 -4.83
C GLU B 53 59.14 -34.42 -3.91
N CYS B 54 57.96 -35.03 -3.82
CA CYS B 54 56.88 -34.48 -3.02
C CYS B 54 56.11 -35.61 -2.35
N TYR B 55 55.75 -35.41 -1.09
CA TYR B 55 54.94 -36.35 -0.33
C TYR B 55 53.56 -35.77 -0.12
N VAL B 56 52.53 -36.57 -0.40
CA VAL B 56 51.14 -36.13 -0.36
C VAL B 56 50.38 -37.00 0.62
N GLY B 57 49.66 -36.37 1.53
CA GLY B 57 48.78 -37.09 2.45
C GLY B 57 49.51 -37.53 3.71
N ASP B 58 49.11 -38.69 4.23
CA ASP B 58 49.68 -39.21 5.48
C ASP B 58 51.17 -39.44 5.39
N GLU B 59 51.69 -39.84 4.24
CA GLU B 59 53.13 -40.02 4.07
C GLU B 59 53.91 -38.71 4.16
N ALA B 60 53.23 -37.57 4.29
CA ALA B 60 53.91 -36.31 4.52
C ALA B 60 53.70 -35.85 5.95
N GLN B 61 52.72 -36.47 6.63
CA GLN B 61 52.46 -36.16 8.03
C GLN B 61 53.35 -36.94 8.98
N ASN B 62 53.98 -38.03 8.52
CA ASN B 62 54.83 -38.84 9.38
C ASN B 62 56.28 -38.38 9.28
N LYS B 63 56.73 -38.04 8.06
CA LYS B 63 58.10 -37.59 7.86
C LYS B 63 58.16 -36.07 7.79
N ARG B 64 57.27 -35.39 8.52
CA ARG B 64 57.20 -33.94 8.46
C ARG B 64 58.39 -33.25 9.12
N GLY B 65 59.23 -33.99 9.84
CA GLY B 65 60.39 -33.39 10.47
C GLY B 65 61.38 -32.82 9.48
N ILE B 66 61.50 -33.44 8.31
CA ILE B 66 62.44 -33.00 7.28
C ILE B 66 61.74 -32.37 6.09
N LEU B 67 60.46 -32.03 6.21
CA LEU B 67 59.68 -31.50 5.11
C LEU B 67 59.12 -30.14 5.43
N THR B 68 58.84 -29.37 4.38
CA THR B 68 58.07 -28.14 4.45
C THR B 68 56.70 -28.47 3.87
N LEU B 69 55.64 -28.10 4.60
CA LEU B 69 54.29 -28.49 4.24
C LEU B 69 53.52 -27.30 3.68
N LYS B 70 52.76 -27.54 2.62
CA LYS B 70 51.95 -26.52 1.97
C LYS B 70 50.50 -26.97 1.92
N TYR B 71 49.59 -26.04 2.21
CA TYR B 71 48.16 -26.28 2.05
C TYR B 71 47.71 -25.66 0.73
N PRO B 72 47.27 -26.44 -0.24
CA PRO B 72 46.88 -25.88 -1.54
C PRO B 72 45.52 -25.19 -1.55
N ILE B 73 44.77 -25.23 -0.45
CA ILE B 73 43.45 -24.63 -0.37
C ILE B 73 43.43 -23.66 0.81
N GLU B 74 43.02 -22.42 0.53
CA GLU B 74 42.89 -21.41 1.58
C GLU B 74 41.53 -20.74 1.51
N HIC B 75 40.74 -20.91 2.58
CA HIC B 75 39.42 -20.32 2.68
C HIC B 75 38.51 -20.84 1.58
O HIC B 75 37.71 -20.15 0.96
CB HIC B 75 39.40 -18.79 2.63
CG HIC B 75 40.28 -18.18 3.63
ND1 HIC B 75 40.12 -18.31 5.02
CD2 HIC B 75 41.42 -17.39 3.37
CE1 HIC B 75 41.14 -17.62 5.58
NE2 HIC B 75 41.97 -17.04 4.61
CZ HIC B 75 43.12 -16.24 4.82
N GLY B 76 38.65 -22.14 1.33
CA GLY B 76 37.82 -22.82 0.36
C GLY B 76 38.12 -22.48 -1.09
N ILE B 77 39.24 -21.82 -1.33
CA ILE B 77 39.66 -21.41 -2.67
C ILE B 77 41.00 -22.06 -2.97
N VAL B 78 41.09 -22.71 -4.13
CA VAL B 78 42.34 -23.35 -4.55
C VAL B 78 43.33 -22.27 -4.94
N THR B 79 44.48 -22.25 -4.26
CA THR B 79 45.53 -21.27 -4.55
C THR B 79 46.55 -21.83 -5.55
N ASN B 80 46.99 -23.06 -5.36
CA ASN B 80 47.93 -23.72 -6.25
C ASN B 80 47.23 -24.90 -6.90
N TRP B 81 47.21 -24.93 -8.23
CA TRP B 81 46.48 -25.98 -8.93
C TRP B 81 47.32 -27.22 -9.17
N ASP B 82 48.64 -27.09 -9.26
CA ASP B 82 49.50 -28.25 -9.42
C ASP B 82 49.41 -29.16 -8.20
N ASP B 83 49.45 -28.56 -7.00
CA ASP B 83 49.31 -29.36 -5.78
C ASP B 83 47.94 -30.02 -5.69
N MET B 84 46.89 -29.33 -6.11
CA MET B 84 45.57 -29.93 -6.09
C MET B 84 45.47 -31.08 -7.09
N GLU B 85 46.12 -30.94 -8.25
CA GLU B 85 46.16 -32.05 -9.20
C GLU B 85 46.89 -33.24 -8.60
N LYS B 86 48.01 -32.99 -7.91
CA LYS B 86 48.73 -34.08 -7.26
C LYS B 86 47.86 -34.76 -6.20
N ILE B 87 47.13 -33.97 -5.42
CA ILE B 87 46.28 -34.53 -4.38
C ILE B 87 45.15 -35.36 -4.99
N TRP B 88 44.54 -34.88 -6.06
CA TRP B 88 43.48 -35.64 -6.72
C TRP B 88 44.04 -36.94 -7.31
N HIS B 89 45.23 -36.88 -7.91
CA HIS B 89 45.84 -38.09 -8.45
C HIS B 89 46.11 -39.10 -7.33
N HIS B 90 46.63 -38.63 -6.19
CA HIS B 90 46.88 -39.51 -5.06
C HIS B 90 45.58 -40.12 -4.55
N THR B 91 44.52 -39.32 -4.49
CA THR B 91 43.23 -39.83 -4.03
C THR B 91 42.68 -40.90 -4.97
N PHE B 92 42.78 -40.66 -6.28
CA PHE B 92 42.18 -41.57 -7.25
C PHE B 92 42.98 -42.86 -7.37
N TYR B 93 44.31 -42.78 -7.41
CA TYR B 93 45.13 -43.93 -7.76
C TYR B 93 45.82 -44.59 -6.57
N ASN B 94 45.98 -43.88 -5.45
CA ASN B 94 46.68 -44.44 -4.30
C ASN B 94 45.79 -44.76 -3.12
N GLU B 95 44.64 -44.10 -3.00
CA GLU B 95 43.72 -44.33 -1.89
C GLU B 95 42.58 -45.28 -2.25
N LEU B 96 41.82 -44.96 -3.29
CA LEU B 96 40.72 -45.81 -3.73
C LEU B 96 41.17 -46.87 -4.72
N ARG B 97 42.22 -46.60 -5.50
CA ARG B 97 42.72 -47.51 -6.52
CA ARG B 97 42.72 -47.51 -6.52
C ARG B 97 41.62 -47.94 -7.49
N VAL B 98 40.81 -46.98 -7.93
CA VAL B 98 39.77 -47.21 -8.92
C VAL B 98 39.98 -46.23 -10.07
N SER B 99 39.82 -46.70 -11.29
CA SER B 99 40.05 -45.87 -12.46
C SER B 99 38.99 -44.78 -12.54
N PRO B 100 39.36 -43.49 -12.61
CA PRO B 100 38.36 -42.43 -12.65
C PRO B 100 37.73 -42.28 -14.02
N GLU B 101 38.13 -43.12 -14.96
CA GLU B 101 37.61 -43.10 -16.31
C GLU B 101 36.35 -43.96 -16.47
N GLU B 102 35.85 -44.54 -15.37
CA GLU B 102 34.67 -45.40 -15.43
C GLU B 102 33.62 -45.01 -14.41
N HIS B 103 33.92 -44.09 -13.49
CA HIS B 103 33.00 -43.74 -12.41
C HIS B 103 32.69 -42.25 -12.48
N PRO B 104 31.41 -41.87 -12.36
CA PRO B 104 31.08 -40.44 -12.22
C PRO B 104 31.57 -39.89 -10.89
N VAL B 105 31.91 -38.60 -10.89
CA VAL B 105 32.50 -37.93 -9.72
C VAL B 105 31.55 -36.85 -9.25
N LEU B 106 31.30 -36.82 -7.94
CA LEU B 106 30.47 -35.80 -7.31
C LEU B 106 31.36 -34.94 -6.42
N LEU B 107 31.43 -33.65 -6.71
CA LEU B 107 32.27 -32.72 -5.97
C LEU B 107 31.42 -31.78 -5.14
N THR B 108 32.07 -31.13 -4.17
CA THR B 108 31.42 -30.19 -3.28
C THR B 108 32.18 -28.86 -3.29
N GLU B 109 31.46 -27.79 -2.93
CA GLU B 109 32.05 -26.46 -2.93
C GLU B 109 31.27 -25.57 -1.97
N ALA B 110 31.96 -24.60 -1.38
CA ALA B 110 31.34 -23.64 -0.49
C ALA B 110 30.56 -22.60 -1.29
N PRO B 111 29.51 -22.03 -0.73
CA PRO B 111 28.74 -21.01 -1.44
C PRO B 111 29.49 -19.68 -1.52
N LEU B 112 29.07 -18.86 -2.49
CA LEU B 112 29.63 -17.52 -2.70
C LEU B 112 31.12 -17.59 -3.03
N ASN B 113 31.48 -18.48 -3.93
CA ASN B 113 32.85 -18.64 -4.40
C ASN B 113 32.99 -18.12 -5.83
N PRO B 114 34.20 -17.73 -6.22
CA PRO B 114 34.40 -17.24 -7.60
C PRO B 114 34.08 -18.30 -8.64
N LYS B 115 33.61 -17.84 -9.79
CA LYS B 115 33.22 -18.73 -10.88
C LYS B 115 34.42 -19.43 -11.50
N THR B 116 35.57 -18.74 -11.55
CA THR B 116 36.77 -19.32 -12.14
C THR B 116 37.21 -20.58 -11.41
N ASN B 117 36.96 -20.67 -10.10
CA ASN B 117 37.28 -21.89 -9.36
C ASN B 117 36.51 -23.08 -9.92
N ARG B 118 35.19 -22.91 -10.08
CA ARG B 118 34.37 -23.99 -10.64
C ARG B 118 34.77 -24.31 -12.07
N GLU B 119 35.05 -23.28 -12.88
CA GLU B 119 35.43 -23.52 -14.27
C GLU B 119 36.73 -24.31 -14.36
N LYS B 120 37.74 -23.92 -13.57
CA LYS B 120 39.00 -24.63 -13.59
C LYS B 120 38.85 -26.05 -13.05
N MET B 121 38.03 -26.23 -12.00
CA MET B 121 37.80 -27.56 -11.47
C MET B 121 37.17 -28.47 -12.52
N THR B 122 36.16 -27.96 -13.24
CA THR B 122 35.53 -28.74 -14.30
C THR B 122 36.51 -29.05 -15.43
N GLN B 123 37.31 -28.05 -15.82
CA GLN B 123 38.27 -28.26 -16.90
C GLN B 123 39.29 -29.33 -16.53
N ILE B 124 39.79 -29.30 -15.29
CA ILE B 124 40.76 -30.29 -14.84
C ILE B 124 40.12 -31.67 -14.77
N MET B 125 38.90 -31.75 -14.23
CA MET B 125 38.25 -33.05 -14.09
C MET B 125 37.90 -33.66 -15.44
N PHE B 126 37.70 -32.83 -16.47
CA PHE B 126 37.27 -33.34 -17.76
C PHE B 126 38.43 -33.54 -18.75
N GLU B 127 39.51 -32.77 -18.64
CA GLU B 127 40.61 -32.90 -19.60
C GLU B 127 41.71 -33.84 -19.13
N THR B 128 42.04 -33.79 -17.84
CA THR B 128 43.13 -34.62 -17.33
C THR B 128 42.67 -36.05 -17.03
N PHE B 129 41.70 -36.19 -16.12
CA PHE B 129 41.24 -37.51 -15.73
C PHE B 129 40.22 -38.09 -16.71
N ASP B 130 39.52 -37.25 -17.46
CA ASP B 130 38.54 -37.68 -18.47
C ASP B 130 37.46 -38.56 -17.85
N VAL B 131 36.77 -38.01 -16.85
CA VAL B 131 35.66 -38.69 -16.20
C VAL B 131 34.46 -38.69 -17.12
N PRO B 132 33.57 -39.68 -17.05
CA PRO B 132 32.38 -39.66 -17.91
C PRO B 132 31.42 -38.54 -17.58
N ALA B 133 31.07 -38.40 -16.30
CA ALA B 133 30.14 -37.37 -15.84
C ALA B 133 30.65 -36.78 -14.53
N MET B 134 30.20 -35.56 -14.24
CA MET B 134 30.58 -34.89 -13.00
C MET B 134 29.45 -33.97 -12.57
N TYR B 135 29.52 -33.53 -11.31
CA TYR B 135 28.52 -32.62 -10.76
C TYR B 135 29.11 -31.91 -9.54
N VAL B 136 28.72 -30.66 -9.35
CA VAL B 136 29.18 -29.85 -8.22
C VAL B 136 27.96 -29.37 -7.46
N SER B 137 28.00 -29.53 -6.14
CA SER B 137 26.88 -29.15 -5.28
C SER B 137 27.38 -28.41 -4.05
N ILE B 138 26.47 -27.68 -3.41
CA ILE B 138 26.80 -26.95 -2.20
C ILE B 138 26.82 -27.89 -1.00
N GLN B 139 27.67 -27.57 -0.02
CA GLN B 139 27.87 -28.44 1.13
C GLN B 139 26.70 -28.42 2.11
N ALA B 140 26.09 -27.25 2.33
CA ALA B 140 24.97 -27.17 3.26
C ALA B 140 23.78 -27.99 2.80
N ILE B 141 23.54 -28.03 1.49
CA ILE B 141 22.44 -28.83 0.95
C ILE B 141 22.68 -30.31 1.25
N LEU B 142 23.91 -30.79 1.07
CA LEU B 142 24.23 -32.17 1.37
C LEU B 142 24.13 -32.44 2.88
N SER B 143 24.52 -31.47 3.69
CA SER B 143 24.39 -31.64 5.14
C SER B 143 22.92 -31.77 5.55
N LEU B 144 22.04 -31.00 4.92
CA LEU B 144 20.62 -31.14 5.20
C LEU B 144 20.06 -32.46 4.65
N TYR B 145 20.58 -32.90 3.51
CA TYR B 145 20.21 -34.21 2.97
C TYR B 145 20.53 -35.32 3.96
N ALA B 146 21.72 -35.25 4.56
CA ALA B 146 22.17 -36.29 5.50
C ALA B 146 21.31 -36.39 6.74
N SER B 147 20.57 -35.34 7.10
CA SER B 147 19.73 -35.35 8.29
C SER B 147 18.32 -35.85 8.02
N GLY B 148 17.97 -36.10 6.76
CA GLY B 148 16.64 -36.58 6.43
C GLY B 148 15.53 -35.58 6.67
N ARG B 149 15.80 -34.29 6.49
CA ARG B 149 14.83 -33.23 6.69
C ARG B 149 14.71 -32.41 5.41
N THR B 150 13.80 -31.42 5.43
CA THR B 150 13.63 -30.49 4.33
C THR B 150 13.57 -29.04 4.77
N THR B 151 13.40 -28.76 6.06
CA THR B 151 13.32 -27.39 6.56
C THR B 151 14.32 -27.22 7.70
N GLY B 152 15.13 -26.18 7.61
CA GLY B 152 16.09 -25.88 8.66
C GLY B 152 17.15 -24.93 8.17
N ILE B 153 17.93 -24.44 9.12
CA ILE B 153 19.06 -23.55 8.86
C ILE B 153 20.34 -24.32 9.19
N VAL B 154 21.24 -24.41 8.22
CA VAL B 154 22.46 -25.20 8.35
C VAL B 154 23.62 -24.26 8.64
N LEU B 155 24.34 -24.54 9.72
CA LEU B 155 25.54 -23.81 10.12
C LEU B 155 26.74 -24.73 9.94
N ASP B 156 27.43 -24.59 8.81
CA ASP B 156 28.61 -25.41 8.53
C ASP B 156 29.86 -24.62 8.89
N SER B 157 30.83 -25.31 9.50
CA SER B 157 32.06 -24.66 9.92
C SER B 157 33.19 -25.69 9.83
N GLY B 158 34.12 -25.47 8.92
CA GLY B 158 35.22 -26.40 8.73
C GLY B 158 36.56 -25.86 9.16
N ASP B 159 37.52 -25.84 8.24
CA ASP B 159 38.88 -25.39 8.56
C ASP B 159 39.22 -24.04 7.96
N GLY B 160 38.51 -23.60 6.92
CA GLY B 160 38.83 -22.33 6.29
C GLY B 160 37.69 -21.33 6.24
N VAL B 161 36.45 -21.81 6.26
CA VAL B 161 35.30 -20.93 6.06
C VAL B 161 34.11 -21.53 6.82
N SER B 162 33.27 -20.64 7.37
CA SER B 162 32.04 -21.05 8.04
C SER B 162 30.87 -20.27 7.45
N HIS B 163 29.82 -20.99 7.06
CA HIS B 163 28.69 -20.37 6.39
C HIS B 163 27.37 -20.93 6.93
N THR B 164 26.34 -20.09 6.87
CA THR B 164 24.99 -20.45 7.26
C THR B 164 24.03 -20.26 6.09
N VAL B 165 23.19 -21.27 5.88
CA VAL B 165 22.24 -21.29 4.77
C VAL B 165 20.87 -21.76 5.25
N PRO B 166 19.81 -20.98 5.07
CA PRO B 166 18.46 -21.47 5.40
C PRO B 166 17.76 -22.11 4.21
N ILE B 167 17.00 -23.17 4.50
CA ILE B 167 16.22 -23.88 3.48
C ILE B 167 14.84 -24.15 4.06
N TYR B 168 13.80 -23.86 3.30
CA TYR B 168 12.42 -24.05 3.74
C TYR B 168 11.66 -24.90 2.73
N GLU B 169 11.39 -26.14 3.09
CA GLU B 169 10.57 -27.06 2.30
C GLU B 169 11.10 -27.20 0.88
N GLY B 170 12.42 -27.38 0.77
CA GLY B 170 13.05 -27.63 -0.51
C GLY B 170 13.44 -26.39 -1.30
N TYR B 171 13.11 -25.20 -0.80
CA TYR B 171 13.45 -23.96 -1.48
C TYR B 171 14.50 -23.21 -0.68
N VAL B 172 15.60 -22.86 -1.33
CA VAL B 172 16.67 -22.11 -0.69
C VAL B 172 16.43 -20.62 -0.88
N LEU B 173 16.87 -19.83 0.10
CA LEU B 173 16.73 -18.37 0.06
C LEU B 173 18.12 -17.77 -0.10
N PRO B 174 18.57 -17.52 -1.34
CA PRO B 174 19.94 -17.04 -1.52
C PRO B 174 20.21 -15.68 -0.93
N HIS B 175 19.19 -14.87 -0.66
CA HIS B 175 19.43 -13.54 -0.09
C HIS B 175 19.70 -13.60 1.40
N ALA B 176 19.54 -14.77 2.02
CA ALA B 176 19.75 -14.94 3.45
C ALA B 176 20.94 -15.85 3.75
N ILE B 177 21.82 -16.07 2.78
CA ILE B 177 22.99 -16.93 2.96
C ILE B 177 24.15 -16.06 3.45
N ASN B 178 24.79 -16.47 4.55
CA ASN B 178 25.92 -15.75 5.07
C ASN B 178 27.17 -16.63 5.08
N ARG B 179 28.33 -15.99 4.95
CA ARG B 179 29.60 -16.70 4.88
C ARG B 179 30.70 -15.82 5.45
N ILE B 180 31.45 -16.34 6.42
CA ILE B 180 32.55 -15.63 7.03
C ILE B 180 33.78 -16.53 7.04
N ASP B 181 34.96 -15.90 7.01
CA ASP B 181 36.23 -16.62 6.99
C ASP B 181 36.82 -16.62 8.40
N MET B 182 36.36 -17.58 9.21
CA MET B 182 36.86 -17.74 10.57
C MET B 182 36.60 -19.18 10.99
N ALA B 183 37.67 -19.95 11.16
CA ALA B 183 37.52 -21.38 11.39
C ALA B 183 38.65 -21.94 12.25
N GLY B 184 38.82 -23.26 12.22
CA GLY B 184 39.75 -23.92 13.10
C GLY B 184 41.19 -23.48 12.95
N ARG B 185 41.57 -22.99 11.77
CA ARG B 185 42.93 -22.51 11.57
C ARG B 185 43.20 -21.24 12.39
N ASP B 186 42.23 -20.33 12.41
CA ASP B 186 42.34 -19.14 13.26
C ASP B 186 42.36 -19.52 14.73
N LEU B 187 41.59 -20.53 15.12
CA LEU B 187 41.65 -21.02 16.50
C LEU B 187 43.01 -21.61 16.82
N THR B 188 43.62 -22.32 15.87
CA THR B 188 44.97 -22.84 16.07
C THR B 188 45.97 -21.71 16.27
N TYR B 189 45.87 -20.66 15.46
CA TYR B 189 46.76 -19.51 15.63
C TYR B 189 46.54 -18.83 16.98
N HIS B 190 45.28 -18.71 17.39
CA HIS B 190 44.99 -18.12 18.70
C HIS B 190 45.54 -18.98 19.83
N MET B 191 45.45 -20.30 19.70
CA MET B 191 46.03 -21.19 20.70
C MET B 191 47.54 -21.05 20.76
N MET B 192 48.18 -20.93 19.60
CA MET B 192 49.63 -20.71 19.55
C MET B 192 50.00 -19.40 20.24
N LYS B 193 49.22 -18.35 20.01
CA LYS B 193 49.48 -17.08 20.68
C LYS B 193 49.28 -17.18 22.19
N LEU B 194 48.25 -17.91 22.62
CA LEU B 194 47.99 -18.08 24.05
C LEU B 194 49.08 -18.90 24.75
N PHE B 195 49.62 -19.91 24.06
CA PHE B 195 50.69 -20.71 24.66
C PHE B 195 51.96 -19.91 24.93
N THR B 196 52.14 -18.78 24.24
CA THR B 196 53.33 -17.96 24.48
C THR B 196 53.33 -17.38 25.89
N GLU B 197 52.16 -17.06 26.44
CA GLU B 197 52.08 -16.46 27.77
C GLU B 197 52.58 -17.39 28.87
N ARG B 198 52.60 -18.70 28.63
CA ARG B 198 53.10 -19.65 29.61
C ARG B 198 54.57 -19.99 29.43
N GLY B 199 55.20 -19.49 28.37
CA GLY B 199 56.60 -19.76 28.09
C GLY B 199 56.87 -20.78 27.00
N HIS B 200 55.86 -21.16 26.22
CA HIS B 200 56.02 -22.14 25.15
C HIS B 200 55.83 -21.47 23.81
N THR B 201 56.73 -21.77 22.87
CA THR B 201 56.73 -21.13 21.55
C THR B 201 56.65 -22.19 20.47
N PHE B 202 55.69 -22.04 19.57
CA PHE B 202 55.56 -22.91 18.40
C PHE B 202 55.59 -22.03 17.16
N THR B 203 56.55 -22.31 16.26
CA THR B 203 56.75 -21.51 15.06
C THR B 203 56.70 -22.30 13.77
N THR B 204 57.27 -23.51 13.74
CA THR B 204 57.34 -24.27 12.51
C THR B 204 56.00 -24.94 12.22
N THR B 205 55.90 -25.56 11.04
CA THR B 205 54.67 -26.21 10.62
C THR B 205 54.36 -27.44 11.48
N ALA B 206 55.38 -28.24 11.79
CA ALA B 206 55.17 -29.41 12.64
C ALA B 206 54.68 -28.98 14.02
N GLU B 207 55.23 -27.89 14.55
CA GLU B 207 54.73 -27.35 15.81
C GLU B 207 53.28 -26.89 15.67
N ARG B 208 52.90 -26.35 14.51
CA ARG B 208 51.50 -26.00 14.29
CA ARG B 208 51.50 -26.00 14.29
C ARG B 208 50.61 -27.24 14.32
N GLU B 209 51.06 -28.34 13.72
CA GLU B 209 50.29 -29.57 13.77
C GLU B 209 50.16 -30.09 15.19
N ILE B 210 51.23 -29.97 15.98
CA ILE B 210 51.18 -30.38 17.38
C ILE B 210 50.16 -29.53 18.15
N VAL B 211 50.17 -28.23 17.92
CA VAL B 211 49.20 -27.34 18.58
C VAL B 211 47.78 -27.68 18.13
N ARG B 212 47.60 -28.02 16.86
CA ARG B 212 46.29 -28.40 16.37
C ARG B 212 45.81 -29.67 17.06
N ASP B 213 46.69 -30.65 17.24
CA ASP B 213 46.31 -31.87 17.96
C ASP B 213 45.97 -31.58 19.41
N ILE B 214 46.74 -30.70 20.07
CA ILE B 214 46.44 -30.32 21.44
C ILE B 214 45.06 -29.67 21.52
N LYS B 215 44.75 -28.79 20.57
CA LYS B 215 43.44 -28.15 20.54
C LYS B 215 42.33 -29.17 20.33
N GLU B 216 42.53 -30.11 19.40
CA GLU B 216 41.52 -31.13 19.15
C GLU B 216 41.32 -32.05 20.35
N LYS B 217 42.32 -32.21 21.19
CA LYS B 217 42.23 -33.14 22.32
C LYS B 217 41.72 -32.49 23.60
N LEU B 218 42.21 -31.31 23.96
CA LEU B 218 42.01 -30.77 25.29
C LEU B 218 41.20 -29.47 25.32
N CYS B 219 40.31 -29.24 24.36
CA CYS B 219 39.52 -28.01 24.34
C CYS B 219 38.05 -28.30 24.60
N TYR B 220 37.39 -27.33 25.25
CA TYR B 220 35.96 -27.38 25.48
C TYR B 220 35.45 -25.96 25.62
N ILE B 221 34.12 -25.81 25.54
CA ILE B 221 33.46 -24.51 25.56
C ILE B 221 32.76 -24.33 26.90
N ALA B 222 33.01 -23.19 27.55
CA ALA B 222 32.43 -22.91 28.85
C ALA B 222 31.07 -22.25 28.72
N MET B 223 30.20 -22.53 29.70
CA MET B 223 28.86 -21.94 29.69
C MET B 223 28.89 -20.47 30.07
N ASP B 224 29.67 -20.09 31.07
CA ASP B 224 29.76 -18.71 31.54
C ASP B 224 31.23 -18.31 31.54
N TYR B 225 31.60 -17.41 30.63
CA TYR B 225 33.00 -17.09 30.41
C TYR B 225 33.59 -16.31 31.58
N ASP B 226 32.88 -15.29 32.06
CA ASP B 226 33.42 -14.44 33.12
C ASP B 226 33.63 -15.21 34.41
N GLU B 227 32.66 -16.05 34.78
CA GLU B 227 32.79 -16.85 36.00
CA GLU B 227 32.80 -16.83 36.00
C GLU B 227 33.91 -17.86 35.85
N GLU B 228 34.09 -18.43 34.66
CA GLU B 228 35.19 -19.35 34.45
C GLU B 228 36.54 -18.65 34.57
N LEU B 229 36.66 -17.44 34.04
CA LEU B 229 37.89 -16.67 34.22
C LEU B 229 38.14 -16.36 35.69
N LYS B 230 37.09 -16.01 36.43
CA LYS B 230 37.24 -15.77 37.86
C LYS B 230 37.67 -17.03 38.60
N ARG B 231 37.09 -18.17 38.24
CA ARG B 231 37.44 -19.44 38.89
C ARG B 231 38.86 -19.87 38.54
N SER B 232 39.35 -19.50 37.37
CA SER B 232 40.71 -19.85 36.96
C SER B 232 41.78 -19.12 37.75
N GLU B 233 41.40 -18.35 38.77
CA GLU B 233 42.35 -17.68 39.65
C GLU B 233 42.32 -18.27 41.06
N GLU B 234 41.14 -18.35 41.68
CA GLU B 234 41.04 -18.94 43.01
C GLU B 234 41.41 -20.41 43.01
N HIS B 235 40.90 -21.17 42.04
CA HIS B 235 41.23 -22.59 41.94
C HIS B 235 41.46 -22.99 40.49
N SER B 236 42.72 -22.88 40.03
CA SER B 236 43.06 -23.27 38.68
C SER B 236 43.43 -24.74 38.56
N ASP B 237 43.62 -25.44 39.68
CA ASP B 237 44.09 -26.82 39.64
C ASP B 237 43.03 -27.78 39.10
N GLU B 238 41.76 -27.38 39.07
CA GLU B 238 40.70 -28.28 38.63
C GLU B 238 40.68 -28.43 37.12
N ILE B 239 41.26 -27.47 36.39
CA ILE B 239 41.27 -27.50 34.94
C ILE B 239 42.65 -27.79 34.36
N GLU B 240 43.62 -28.15 35.19
CA GLU B 240 44.96 -28.42 34.71
C GLU B 240 45.02 -29.79 34.06
N GLU B 241 45.72 -29.87 32.92
CA GLU B 241 45.96 -31.14 32.24
C GLU B 241 47.41 -31.19 31.80
N ILE B 242 47.93 -32.41 31.67
CA ILE B 242 49.31 -32.64 31.25
C ILE B 242 49.29 -33.33 29.90
N TYR B 243 50.05 -32.79 28.95
CA TYR B 243 50.13 -33.33 27.61
C TYR B 243 51.57 -33.69 27.30
N GLU B 244 51.77 -34.89 26.75
CA GLU B 244 53.11 -35.38 26.46
C GLU B 244 53.51 -34.99 25.04
N LEU B 245 54.55 -34.16 24.93
CA LEU B 245 55.06 -33.78 23.62
C LEU B 245 55.71 -34.99 22.94
N PRO B 246 55.81 -34.96 21.60
CA PRO B 246 56.36 -36.13 20.90
C PRO B 246 57.80 -36.48 21.29
N ASP B 247 58.56 -35.50 21.79
CA ASP B 247 59.93 -35.73 22.19
C ASP B 247 60.06 -36.13 23.66
N GLY B 248 58.95 -36.31 24.37
CA GLY B 248 58.95 -36.77 25.74
C GLY B 248 58.69 -35.70 26.77
N ASN B 249 58.77 -34.43 26.41
CA ASN B 249 58.51 -33.36 27.37
C ASN B 249 57.02 -33.27 27.70
N LEU B 250 56.74 -32.69 28.86
CA LEU B 250 55.38 -32.53 29.35
C LEU B 250 55.02 -31.05 29.41
N ILE B 251 53.84 -30.71 28.88
CA ILE B 251 53.36 -29.35 28.86
C ILE B 251 52.05 -29.28 29.64
N THR B 252 51.88 -28.22 30.43
CA THR B 252 50.70 -28.06 31.27
C THR B 252 49.72 -27.11 30.58
N VAL B 253 48.50 -27.60 30.35
CA VAL B 253 47.45 -26.82 29.74
C VAL B 253 46.42 -26.48 30.81
N GLY B 254 46.21 -25.18 31.03
CA GLY B 254 45.31 -24.73 32.06
C GLY B 254 44.06 -24.03 31.56
N SER B 255 44.05 -22.70 31.63
CA SER B 255 42.88 -21.94 31.20
C SER B 255 42.68 -21.99 29.69
N GLU B 256 43.76 -22.16 28.93
CA GLU B 256 43.68 -22.17 27.48
C GLU B 256 42.74 -23.26 26.96
N ARG B 257 42.28 -24.18 27.81
CA ARG B 257 41.30 -25.17 27.40
C ARG B 257 39.97 -24.55 27.00
N PHE B 258 39.63 -23.38 27.54
CA PHE B 258 38.35 -22.75 27.23
C PHE B 258 38.48 -21.32 26.70
N ARG B 259 39.68 -20.76 26.66
CA ARG B 259 39.88 -19.45 26.05
C ARG B 259 40.16 -19.52 24.56
N CYS B 260 40.44 -20.72 24.03
CA CYS B 260 40.68 -20.85 22.59
C CYS B 260 39.38 -20.87 21.80
N PRO B 261 38.40 -21.73 22.10
CA PRO B 261 37.16 -21.74 21.31
C PRO B 261 36.27 -20.52 21.54
N GLU B 262 36.54 -19.72 22.58
CA GLU B 262 35.72 -18.56 22.86
C GLU B 262 35.75 -17.54 21.73
N ALA B 263 36.75 -17.60 20.85
CA ALA B 263 36.78 -16.73 19.69
C ALA B 263 35.67 -17.02 18.70
N LEU B 264 34.97 -18.15 18.81
CA LEU B 264 33.82 -18.39 17.95
C LEU B 264 32.65 -17.49 18.27
N PHE B 265 32.45 -17.17 19.56
CA PHE B 265 31.36 -16.31 19.99
C PHE B 265 31.82 -14.88 20.27
N ASN B 266 33.08 -14.56 19.97
CA ASN B 266 33.63 -13.23 20.19
C ASN B 266 34.85 -13.04 19.30
N PRO B 267 34.68 -12.75 18.01
CA PRO B 267 35.83 -12.66 17.10
C PRO B 267 36.70 -11.44 17.37
N THR B 268 36.31 -10.60 18.33
CA THR B 268 37.14 -9.45 18.67
C THR B 268 38.41 -9.85 19.41
N LEU B 269 38.41 -11.05 20.02
CA LEU B 269 39.60 -11.52 20.70
C LEU B 269 40.75 -11.72 19.73
N ILE B 270 40.47 -12.28 18.55
CA ILE B 270 41.53 -12.50 17.56
C ILE B 270 41.75 -11.28 16.69
N GLY B 271 41.00 -10.21 16.89
CA GLY B 271 41.18 -9.00 16.13
C GLY B 271 40.31 -8.82 14.92
N ARG B 272 39.20 -9.57 14.82
CA ARG B 272 38.31 -9.48 13.68
C ARG B 272 37.04 -8.74 14.06
N GLU B 273 36.50 -8.00 13.08
CA GLU B 273 35.28 -7.22 13.27
C GLU B 273 34.02 -7.99 12.92
N CYS B 274 34.15 -9.20 12.38
CA CYS B 274 32.99 -9.99 12.00
C CYS B 274 32.18 -10.38 13.24
N PRO B 275 30.87 -10.53 13.10
CA PRO B 275 30.03 -10.94 14.24
C PRO B 275 30.23 -12.40 14.59
N GLY B 276 29.76 -12.77 15.77
CA GLY B 276 29.88 -14.11 16.28
C GLY B 276 29.04 -15.10 15.49
N LEU B 277 28.95 -16.30 16.05
CA LEU B 277 28.19 -17.38 15.40
C LEU B 277 26.69 -17.27 15.67
N HIS B 278 26.31 -17.07 16.93
CA HIS B 278 24.90 -16.91 17.25
C HIS B 278 24.33 -15.66 16.59
N ILE B 279 25.09 -14.56 16.59
CA ILE B 279 24.66 -13.34 15.93
C ILE B 279 24.47 -13.57 14.45
N THR B 280 25.40 -14.28 13.82
CA THR B 280 25.29 -14.57 12.39
C THR B 280 24.05 -15.41 12.10
N ALA B 281 23.80 -16.44 12.92
CA ALA B 281 22.62 -17.27 12.72
C ALA B 281 21.33 -16.45 12.88
N TYR B 282 21.28 -15.60 13.91
CA TYR B 282 20.10 -14.78 14.15
C TYR B 282 19.87 -13.81 13.00
N GLN B 283 20.93 -13.16 12.50
CA GLN B 283 20.78 -12.24 11.39
C GLN B 283 20.41 -12.96 10.10
N SER B 284 20.85 -14.20 9.92
CA SER B 284 20.42 -14.98 8.77
C SER B 284 18.97 -15.42 8.87
N ILE B 285 18.47 -15.67 10.08
CA ILE B 285 17.06 -16.00 10.25
C ILE B 285 16.19 -14.77 10.02
N MET B 286 16.61 -13.62 10.53
CA MET B 286 15.82 -12.38 10.43
C MET B 286 15.75 -11.82 9.02
N LYS B 287 16.50 -12.30 8.04
CA LYS B 287 16.39 -11.83 6.66
C LYS B 287 15.41 -12.67 5.84
N CYS B 288 14.74 -13.64 6.47
CA CYS B 288 13.74 -14.44 5.82
C CYS B 288 12.35 -13.87 6.10
N ASP B 289 11.34 -14.44 5.46
CA ASP B 289 9.98 -13.98 5.64
C ASP B 289 9.47 -14.33 7.04
N ILE B 290 8.53 -13.51 7.53
CA ILE B 290 8.08 -13.61 8.92
C ILE B 290 7.39 -14.94 9.19
N ASP B 291 6.82 -15.57 8.15
CA ASP B 291 6.06 -16.80 8.35
C ASP B 291 6.97 -17.97 8.67
N ILE B 292 8.12 -18.07 7.99
CA ILE B 292 8.98 -19.24 8.11
C ILE B 292 9.99 -19.13 9.24
N ARG B 293 10.03 -18.01 9.96
CA ARG B 293 10.97 -17.86 11.05
C ARG B 293 10.69 -18.85 12.17
N LYS B 294 9.41 -19.12 12.45
CA LYS B 294 9.07 -20.07 13.50
CA LYS B 294 9.07 -20.08 13.49
C LYS B 294 9.58 -21.47 13.16
N GLU B 295 9.45 -21.90 11.90
CA GLU B 295 9.95 -23.20 11.50
C GLU B 295 11.48 -23.24 11.46
N LEU B 296 12.12 -22.14 11.08
CA LEU B 296 13.58 -22.11 11.07
C LEU B 296 14.16 -22.16 12.48
N TYR B 297 13.49 -21.53 13.44
CA TYR B 297 13.98 -21.47 14.81
C TYR B 297 14.03 -22.84 15.49
N ASN B 298 13.30 -23.83 14.98
CA ASN B 298 13.20 -25.13 15.63
C ASN B 298 13.93 -26.23 14.88
N ASN B 299 14.72 -25.88 13.86
CA ASN B 299 15.44 -26.88 13.06
C ASN B 299 16.87 -26.42 12.80
N ILE B 300 17.53 -25.92 13.84
CA ILE B 300 18.93 -25.51 13.70
C ILE B 300 19.81 -26.75 13.65
N VAL B 301 20.60 -26.87 12.59
CA VAL B 301 21.43 -28.05 12.34
C VAL B 301 22.89 -27.64 12.33
N LEU B 302 23.71 -28.37 13.07
CA LEU B 302 25.14 -28.11 13.13
C LEU B 302 25.89 -29.07 12.21
N SER B 303 26.95 -28.58 11.59
CA SER B 303 27.75 -29.39 10.68
C SER B 303 29.20 -28.92 10.72
N GLY B 304 30.08 -29.76 10.21
CA GLY B 304 31.50 -29.46 10.16
C GLY B 304 32.25 -30.01 11.35
N GLY B 305 33.57 -29.96 11.25
CA GLY B 305 34.44 -30.48 12.29
C GLY B 305 34.69 -29.50 13.42
N THR B 306 34.54 -28.20 13.14
CA THR B 306 34.75 -27.17 14.15
C THR B 306 33.64 -27.12 15.18
N THR B 307 32.49 -27.74 14.91
CA THR B 307 31.38 -27.79 15.85
C THR B 307 31.41 -29.04 16.72
N MET B 308 32.58 -29.65 16.89
CA MET B 308 32.71 -30.89 17.65
C MET B 308 33.15 -30.67 19.09
N TYR B 309 33.25 -29.42 19.53
CA TYR B 309 33.62 -29.16 20.92
C TYR B 309 32.51 -29.65 21.85
N ASN B 310 32.83 -29.66 23.14
CA ASN B 310 31.84 -30.02 24.14
C ASN B 310 31.07 -28.79 24.60
N ASN B 311 29.82 -29.02 24.99
CA ASN B 311 28.92 -27.96 25.44
C ASN B 311 28.76 -26.87 24.37
N ILE B 312 28.68 -27.29 23.12
CA ILE B 312 28.44 -26.36 22.02
C ILE B 312 26.96 -26.15 21.79
N GLY B 313 26.19 -27.24 21.79
CA GLY B 313 24.76 -27.12 21.58
C GLY B 313 24.06 -26.35 22.68
N GLU B 314 24.41 -26.63 23.94
CA GLU B 314 23.79 -25.92 25.05
C GLU B 314 24.14 -24.45 25.04
N ARG B 315 25.40 -24.12 24.76
CA ARG B 315 25.81 -22.72 24.68
C ARG B 315 25.10 -22.00 23.55
N LEU B 316 25.00 -22.65 22.39
CA LEU B 316 24.31 -22.03 21.26
C LEU B 316 22.83 -21.82 21.57
N THR B 317 22.20 -22.81 22.22
CA THR B 317 20.79 -22.67 22.59
C THR B 317 20.60 -21.52 23.58
N LYS B 318 21.47 -21.41 24.57
CA LYS B 318 21.35 -20.33 25.55
C LYS B 318 21.55 -18.97 24.88
N GLU B 319 22.50 -18.87 23.96
CA GLU B 319 22.71 -17.60 23.26
C GLU B 319 21.52 -17.25 22.37
N MET B 320 20.97 -18.23 21.67
CA MET B 320 19.83 -17.98 20.79
C MET B 320 18.59 -17.60 21.58
N THR B 321 18.42 -18.19 22.78
CA THR B 321 17.25 -17.88 23.59
C THR B 321 17.19 -16.41 23.98
N ASN B 322 18.33 -15.82 24.30
CA ASN B 322 18.37 -14.41 24.69
C ASN B 322 18.12 -13.47 23.52
N LEU B 323 18.12 -13.97 22.28
CA LEU B 323 17.89 -13.13 21.11
C LEU B 323 16.52 -13.34 20.47
N ALA B 324 15.90 -14.50 20.64
CA ALA B 324 14.62 -14.84 20.06
C ALA B 324 13.48 -14.35 20.93
N PRO B 325 12.29 -14.15 20.35
CA PRO B 325 11.13 -13.77 21.17
C PRO B 325 10.82 -14.84 22.21
N SER B 326 10.27 -14.39 23.35
CA SER B 326 10.06 -15.28 24.49
C SER B 326 9.06 -16.39 24.19
N SER B 327 8.25 -16.25 23.15
CA SER B 327 7.24 -17.25 22.81
C SER B 327 7.73 -18.24 21.77
N MET B 328 9.03 -18.28 21.50
CA MET B 328 9.59 -19.15 20.48
C MET B 328 10.41 -20.27 21.13
N LYS B 329 10.36 -21.45 20.53
CA LYS B 329 11.10 -22.61 21.01
C LYS B 329 12.30 -22.85 20.10
N ILE B 330 13.48 -22.97 20.70
CA ILE B 330 14.73 -23.18 19.97
C ILE B 330 15.25 -24.58 20.29
N LYS B 331 15.57 -25.34 19.24
CA LYS B 331 16.11 -26.69 19.39
C LYS B 331 17.33 -26.81 18.47
N VAL B 332 18.52 -26.87 19.06
CA VAL B 332 19.76 -26.99 18.29
C VAL B 332 20.03 -28.48 18.09
N ILE B 333 19.94 -28.94 16.85
CA ILE B 333 20.18 -30.34 16.53
C ILE B 333 21.69 -30.52 16.33
N ALA B 334 22.31 -31.33 17.18
CA ALA B 334 23.74 -31.63 17.11
C ALA B 334 23.91 -33.14 17.03
N PRO B 335 23.75 -33.74 15.85
CA PRO B 335 23.84 -35.19 15.73
C PRO B 335 25.28 -35.68 15.86
N PRO B 336 25.48 -36.90 16.36
CA PRO B 336 26.82 -37.49 16.31
C PRO B 336 27.27 -37.70 14.88
N GLU B 337 28.55 -38.07 14.73
CA GLU B 337 29.20 -38.30 13.43
C GLU B 337 28.92 -37.17 12.43
N ARG B 338 28.71 -35.96 12.93
CA ARG B 338 28.50 -34.80 12.06
C ARG B 338 29.79 -34.37 11.37
N LYS B 339 30.93 -34.96 11.73
CA LYS B 339 32.18 -34.68 11.04
C LYS B 339 32.11 -35.05 9.56
N TYR B 340 31.41 -36.14 9.23
CA TYR B 340 31.29 -36.61 7.86
C TYR B 340 29.87 -36.47 7.32
N SER B 341 29.10 -35.51 7.84
CA SER B 341 27.71 -35.36 7.42
C SER B 341 27.61 -34.99 5.94
N VAL B 342 28.51 -34.15 5.46
CA VAL B 342 28.47 -33.72 4.07
C VAL B 342 28.68 -34.91 3.15
N TRP B 343 29.65 -35.77 3.48
CA TRP B 343 29.90 -36.95 2.64
C TRP B 343 28.71 -37.89 2.65
N ILE B 344 28.08 -38.09 3.81
CA ILE B 344 26.92 -38.97 3.88
C ILE B 344 25.78 -38.41 3.04
N GLY B 345 25.54 -37.10 3.14
CA GLY B 345 24.51 -36.49 2.33
C GLY B 345 24.78 -36.60 0.84
N GLY B 346 26.03 -36.40 0.44
CA GLY B 346 26.39 -36.57 -0.96
C GLY B 346 26.19 -37.99 -1.44
N SER B 347 26.56 -38.97 -0.62
CA SER B 347 26.35 -40.37 -0.99
C SER B 347 24.87 -40.70 -1.11
N ILE B 348 24.04 -40.17 -0.21
CA ILE B 348 22.60 -40.38 -0.31
C ILE B 348 22.05 -39.74 -1.59
N LEU B 349 22.48 -38.52 -1.88
CA LEU B 349 22.00 -37.82 -3.07
C LEU B 349 22.40 -38.55 -4.35
N SER B 350 23.62 -39.08 -4.39
CA SER B 350 24.12 -39.71 -5.61
C SER B 350 23.46 -41.05 -5.90
N SER B 351 22.70 -41.61 -4.96
CA SER B 351 22.04 -42.90 -5.17
C SER B 351 20.58 -42.76 -5.57
N LEU B 352 20.03 -41.55 -5.58
CA LEU B 352 18.64 -41.36 -5.96
C LEU B 352 18.46 -41.59 -7.46
N SER B 353 17.36 -42.25 -7.84
CA SER B 353 17.08 -42.51 -9.23
C SER B 353 16.76 -41.24 -10.01
N THR B 354 16.26 -40.20 -9.33
CA THR B 354 15.91 -38.97 -10.01
C THR B 354 17.15 -38.17 -10.43
N PHE B 355 18.24 -38.29 -9.66
CA PHE B 355 19.44 -37.50 -9.92
C PHE B 355 20.19 -37.94 -11.16
N GLN B 356 19.86 -39.11 -11.72
CA GLN B 356 20.63 -39.66 -12.83
C GLN B 356 20.56 -38.81 -14.09
N GLN B 357 19.62 -37.86 -14.16
CA GLN B 357 19.47 -37.00 -15.32
C GLN B 357 20.03 -35.60 -15.09
N MET B 358 20.83 -35.41 -14.04
CA MET B 358 21.40 -34.11 -13.71
C MET B 358 22.92 -34.12 -13.80
N TRP B 359 23.48 -35.12 -14.48
CA TRP B 359 24.92 -35.20 -14.67
C TRP B 359 25.37 -34.34 -15.84
N ILE B 360 26.58 -33.82 -15.74
CA ILE B 360 27.20 -33.07 -16.83
C ILE B 360 28.02 -34.06 -17.66
N THR B 361 27.49 -34.47 -18.79
CA THR B 361 28.14 -35.48 -19.62
C THR B 361 29.31 -34.89 -20.39
N LYS B 362 30.11 -35.77 -20.97
CA LYS B 362 31.30 -35.35 -21.71
C LYS B 362 30.94 -34.56 -22.96
N GLU B 363 29.91 -35.02 -23.69
CA GLU B 363 29.54 -34.36 -24.94
C GLU B 363 29.03 -32.95 -24.69
N GLU B 364 28.24 -32.75 -23.63
CA GLU B 364 27.75 -31.40 -23.31
C GLU B 364 28.90 -30.46 -23.00
N TYR B 365 29.88 -30.92 -22.23
CA TYR B 365 31.05 -30.09 -21.94
C TYR B 365 31.85 -29.80 -23.21
N GLU B 366 32.01 -30.80 -24.07
CA GLU B 366 32.76 -30.60 -25.30
C GLU B 366 32.08 -29.60 -26.22
N ASP B 367 30.76 -29.66 -26.32
CA ASP B 367 30.01 -28.75 -27.19
C ASP B 367 29.85 -27.35 -26.60
N SER B 368 29.80 -27.23 -25.28
CA SER B 368 29.54 -25.94 -24.64
C SER B 368 30.76 -25.30 -24.01
N GLY B 369 31.68 -26.09 -23.46
CA GLY B 369 32.85 -25.56 -22.83
C GLY B 369 32.79 -25.64 -21.32
N PRO B 370 33.78 -25.05 -20.64
CA PRO B 370 33.80 -25.10 -19.18
C PRO B 370 32.77 -24.20 -18.52
N SER B 371 32.05 -23.41 -19.33
CA SER B 371 31.04 -22.51 -18.81
C SER B 371 29.70 -23.17 -18.58
N ILE B 372 29.54 -24.44 -18.94
CA ILE B 372 28.27 -25.13 -18.78
C ILE B 372 27.94 -25.33 -17.31
N VAL B 373 28.96 -25.36 -16.44
CA VAL B 373 28.75 -25.65 -15.03
C VAL B 373 27.94 -24.57 -14.32
N HIS B 374 27.79 -23.40 -14.91
CA HIS B 374 27.02 -22.31 -14.32
C HIS B 374 25.53 -22.44 -14.55
N ARG B 375 25.11 -22.76 -15.78
CA ARG B 375 23.69 -22.83 -16.09
C ARG B 375 23.03 -24.10 -15.56
N LYS B 376 23.79 -25.18 -15.37
CA LYS B 376 23.20 -26.43 -14.90
C LYS B 376 23.30 -26.56 -13.39
N CYS B 377 24.51 -26.46 -12.85
CA CYS B 377 24.71 -26.61 -11.41
C CYS B 377 24.37 -25.30 -10.69
N PHE B 378 23.78 -25.43 -9.51
CA PHE B 378 23.45 -24.28 -8.68
C PHE B 378 24.63 -23.89 -7.79
N ALA C 7 16.52 38.06 11.40
CA ALA C 7 17.07 36.78 11.80
C ALA C 7 16.99 35.77 10.68
N VAL C 8 18.11 35.54 9.99
CA VAL C 8 18.13 34.59 8.89
C VAL C 8 17.99 33.17 9.44
N ALA C 9 17.16 32.38 8.77
CA ALA C 9 16.88 31.04 9.23
C ALA C 9 17.96 30.06 8.77
N LEU C 10 18.02 28.92 9.45
CA LEU C 10 18.97 27.85 9.15
C LEU C 10 18.23 26.72 8.44
N VAL C 11 18.76 26.26 7.32
CA VAL C 11 18.19 25.14 6.59
C VAL C 11 19.08 23.93 6.82
N VAL C 12 18.51 22.88 7.40
CA VAL C 12 19.23 21.67 7.77
C VAL C 12 18.47 20.49 7.18
N ASP C 13 19.03 19.85 6.16
CA ASP C 13 18.46 18.66 5.57
C ASP C 13 19.21 17.44 6.12
N ASN C 14 18.51 16.63 6.91
CA ASN C 14 19.08 15.46 7.56
C ASN C 14 18.69 14.21 6.77
N GLY C 15 19.63 13.69 5.99
CA GLY C 15 19.41 12.49 5.22
C GLY C 15 19.86 11.24 5.97
N SER C 16 19.85 10.12 5.25
CA SER C 16 20.31 8.86 5.81
C SER C 16 21.80 8.62 5.60
N GLY C 17 22.41 9.26 4.60
CA GLY C 17 23.82 9.11 4.34
C GLY C 17 24.61 10.40 4.44
N MET C 18 23.94 11.52 4.18
CA MET C 18 24.58 12.83 4.18
C MET C 18 23.73 13.82 4.96
N VAL C 19 24.38 14.85 5.48
CA VAL C 19 23.73 15.96 6.16
C VAL C 19 24.13 17.24 5.45
N LYS C 20 23.14 18.02 5.03
CA LYS C 20 23.35 19.31 4.40
C LYS C 20 22.87 20.41 5.34
N SER C 21 23.62 21.52 5.37
CA SER C 21 23.24 22.62 6.25
C SER C 21 23.71 23.93 5.63
N GLY C 22 22.95 24.98 5.88
CA GLY C 22 23.30 26.28 5.35
C GLY C 22 22.36 27.36 5.83
N LEU C 23 22.57 28.56 5.29
CA LEU C 23 21.78 29.74 5.61
C LEU C 23 20.71 29.97 4.54
N ALA C 24 19.58 30.50 4.98
CA ALA C 24 18.49 30.80 4.06
C ALA C 24 18.87 31.97 3.15
N GLY C 25 18.47 31.88 1.88
CA GLY C 25 18.77 32.89 0.88
C GLY C 25 19.83 32.47 -0.11
N ASP C 26 20.68 31.52 0.26
CA ASP C 26 21.72 31.04 -0.64
C ASP C 26 21.16 29.94 -1.55
N ASP C 27 21.89 29.69 -2.64
CA ASP C 27 21.49 28.68 -3.61
C ASP C 27 22.39 27.45 -3.57
N ALA C 28 23.24 27.32 -2.55
CA ALA C 28 24.12 26.17 -2.40
C ALA C 28 24.38 25.91 -0.93
N PRO C 29 24.25 24.67 -0.47
CA PRO C 29 24.52 24.37 0.94
C PRO C 29 25.97 24.69 1.30
N LYS C 30 26.18 25.19 2.51
CA LYS C 30 27.50 25.58 2.95
C LYS C 30 28.26 24.46 3.66
N CYS C 31 27.56 23.51 4.28
CA CYS C 31 28.21 22.42 4.98
C CYS C 31 27.52 21.11 4.64
N VAL C 32 28.18 20.28 3.85
CA VAL C 32 27.68 18.95 3.48
C VAL C 32 28.69 17.93 3.97
N PHE C 33 28.23 17.00 4.81
CA PHE C 33 29.16 16.02 5.36
C PHE C 33 28.41 14.73 5.68
N PRO C 34 29.09 13.58 5.66
CA PRO C 34 28.41 12.31 5.96
C PRO C 34 27.93 12.24 7.40
N SER C 35 26.88 11.47 7.60
CA SER C 35 26.23 11.29 8.90
C SER C 35 26.70 9.96 9.49
N ILE C 36 27.87 9.98 10.13
CA ILE C 36 28.44 8.80 10.75
C ILE C 36 29.04 9.19 12.09
N VAL C 37 29.01 8.26 13.04
CA VAL C 37 29.66 8.42 14.34
C VAL C 37 30.70 7.32 14.48
N GLY C 38 31.95 7.71 14.69
CA GLY C 38 33.06 6.77 14.77
C GLY C 38 33.55 6.61 16.20
N ARG C 39 33.86 5.37 16.57
CA ARG C 39 34.37 5.08 17.90
C ARG C 39 35.61 4.19 17.81
N PRO C 40 36.66 4.49 18.57
CA PRO C 40 37.90 3.70 18.46
C PRO C 40 37.71 2.29 18.98
N LYS C 41 38.50 1.37 18.42
CA LYS C 41 38.48 -0.03 18.79
C LYS C 41 39.87 -0.55 19.12
N MET C 42 40.81 0.34 19.41
CA MET C 42 42.18 -0.06 19.69
C MET C 42 42.68 0.63 20.97
N PRO C 43 43.64 0.02 21.67
CA PRO C 43 44.18 0.68 22.87
C PRO C 43 45.05 1.88 22.55
N ASN C 44 44.94 2.92 23.37
CA ASN C 44 45.76 4.12 23.23
C ASN C 44 47.00 3.98 24.10
N ILE C 45 48.18 4.09 23.49
CA ILE C 45 49.44 3.89 24.17
C ILE C 45 50.28 5.16 24.23
N MET C 46 50.24 5.98 23.17
CA MET C 46 51.09 7.16 23.10
C MET C 46 50.60 8.26 24.03
N ILE C 47 51.14 8.30 25.25
CA ILE C 47 50.79 9.36 26.18
C ILE C 47 51.36 10.69 25.69
N GLY C 48 50.58 11.76 25.85
CA GLY C 48 50.98 13.09 25.45
C GLY C 48 50.14 13.68 24.33
N MET C 49 49.41 12.86 23.58
CA MET C 49 48.53 13.33 22.53
C MET C 49 47.08 13.16 22.97
N GLU C 50 46.26 14.16 22.70
CA GLU C 50 44.86 14.15 23.11
C GLU C 50 44.04 13.25 22.19
N GLN C 51 43.06 12.58 22.77
CA GLN C 51 42.17 11.69 22.03
C GLN C 51 40.72 12.01 22.40
N LYS C 52 39.81 11.72 21.48
CA LYS C 52 38.40 11.96 21.67
C LYS C 52 37.63 10.64 21.66
N GLU C 53 36.54 10.61 22.44
CA GLU C 53 35.74 9.40 22.56
C GLU C 53 35.00 9.06 21.27
N CYS C 54 34.53 10.07 20.54
CA CYS C 54 33.74 9.84 19.33
C CYS C 54 34.09 10.89 18.28
N TYR C 55 34.21 10.45 17.04
CA TYR C 55 34.47 11.32 15.90
C TYR C 55 33.21 11.41 15.05
N VAL C 56 32.82 12.64 14.71
CA VAL C 56 31.58 12.90 13.99
C VAL C 56 31.90 13.63 12.69
N GLY C 57 31.39 13.12 11.58
CA GLY C 57 31.51 13.78 10.29
C GLY C 57 32.79 13.39 9.56
N ASP C 58 33.37 14.34 8.83
CA ASP C 58 34.55 14.07 8.02
C ASP C 58 35.74 13.59 8.85
N GLU C 59 35.88 14.08 10.08
CA GLU C 59 36.97 13.63 10.95
C GLU C 59 36.82 12.17 11.37
N ALA C 60 35.72 11.51 10.99
CA ALA C 60 35.58 10.08 11.24
C ALA C 60 35.74 9.31 9.93
N GLN C 61 35.64 10.02 8.81
CA GLN C 61 35.83 9.41 7.49
C GLN C 61 37.29 9.31 7.10
N ASN C 62 38.18 10.07 7.73
CA ASN C 62 39.60 10.05 7.40
C ASN C 62 40.34 9.04 8.26
N LYS C 63 40.00 8.98 9.54
CA LYS C 63 40.65 8.05 10.46
C LYS C 63 39.80 6.80 10.66
N ARG C 64 39.05 6.41 9.64
CA ARG C 64 38.15 5.27 9.75
C ARG C 64 38.88 3.93 9.84
N GLY C 65 40.19 3.90 9.62
CA GLY C 65 40.93 2.66 9.72
C GLY C 65 40.93 2.08 11.12
N ILE C 66 40.92 2.93 12.14
CA ILE C 66 40.94 2.50 13.53
C ILE C 66 39.62 2.72 14.22
N LEU C 67 38.55 3.00 13.48
CA LEU C 67 37.25 3.31 14.06
C LEU C 67 36.19 2.32 13.59
N THR C 68 35.14 2.19 14.40
CA THR C 68 33.91 1.51 14.03
C THR C 68 32.87 2.61 13.80
N LEU C 69 32.19 2.54 12.65
CA LEU C 69 31.29 3.60 12.23
C LEU C 69 29.85 3.18 12.39
N LYS C 70 29.01 4.08 12.90
CA LYS C 70 27.60 3.85 13.10
C LYS C 70 26.79 4.91 12.36
N TYR C 71 25.71 4.46 11.71
CA TYR C 71 24.75 5.36 11.09
C TYR C 71 23.56 5.52 12.03
N PRO C 72 23.30 6.71 12.57
CA PRO C 72 22.19 6.87 13.52
C PRO C 72 20.82 6.95 12.87
N ILE C 73 20.73 6.93 11.54
CA ILE C 73 19.46 7.02 10.83
C ILE C 73 19.34 5.83 9.90
N GLU C 74 18.24 5.09 10.00
CA GLU C 74 17.98 3.96 9.12
C GLU C 74 16.59 4.06 8.51
N HIC C 75 16.53 4.20 7.19
CA HIC C 75 15.29 4.28 6.45
C HIC C 75 14.49 5.50 6.89
O HIC C 75 13.27 5.52 7.05
CB HIC C 75 14.37 3.05 6.61
CG HIC C 75 15.05 1.80 6.24
ND1 HIC C 75 15.56 1.50 4.97
CD2 HIC C 75 15.33 0.73 7.12
CE1 HIC C 75 16.11 0.27 5.07
NE2 HIC C 75 15.99 -0.23 6.37
CZ HIC C 75 16.46 -1.49 6.84
N GLY C 76 15.24 6.59 7.08
CA GLY C 76 14.64 7.87 7.44
C GLY C 76 14.10 7.95 8.84
N ILE C 77 14.45 6.98 9.68
CA ILE C 77 13.99 6.92 11.06
C ILE C 77 15.21 6.94 11.97
N VAL C 78 15.19 7.83 12.96
CA VAL C 78 16.29 7.93 13.91
C VAL C 78 16.24 6.73 14.85
N THR C 79 17.33 5.95 14.86
CA THR C 79 17.41 4.78 15.72
C THR C 79 18.08 5.10 17.06
N ASN C 80 19.18 5.84 17.03
CA ASN C 80 19.89 6.26 18.24
C ASN C 80 19.79 7.77 18.33
N TRP C 81 19.28 8.26 19.47
CA TRP C 81 19.08 9.70 19.60
C TRP C 81 20.30 10.42 20.16
N ASP C 82 21.15 9.72 20.93
CA ASP C 82 22.37 10.34 21.42
C ASP C 82 23.30 10.71 20.27
N ASP C 83 23.46 9.80 19.31
CA ASP C 83 24.28 10.07 18.15
C ASP C 83 23.71 11.21 17.32
N MET C 84 22.38 11.27 17.17
CA MET C 84 21.77 12.37 16.43
C MET C 84 21.98 13.70 17.14
N GLU C 85 21.91 13.70 18.47
CA GLU C 85 22.21 14.91 19.23
C GLU C 85 23.65 15.34 19.03
N LYS C 86 24.58 14.38 19.02
CA LYS C 86 25.98 14.71 18.76
C LYS C 86 26.15 15.30 17.36
N ILE C 87 25.48 14.72 16.37
CA ILE C 87 25.58 15.21 15.00
C ILE C 87 25.02 16.62 14.88
N TRP C 88 23.87 16.88 15.52
CA TRP C 88 23.29 18.21 15.48
C TRP C 88 24.19 19.23 16.17
N HIS C 89 24.80 18.84 17.30
CA HIS C 89 25.72 19.74 17.99
C HIS C 89 26.93 20.05 17.11
N HIS C 90 27.46 19.03 16.45
CA HIS C 90 28.59 19.25 15.54
C HIS C 90 28.21 20.17 14.40
N THR C 91 27.00 19.97 13.84
CA THR C 91 26.55 20.83 12.75
C THR C 91 26.39 22.27 13.20
N PHE C 92 25.82 22.49 14.38
CA PHE C 92 25.53 23.85 14.83
C PHE C 92 26.79 24.58 15.26
N TYR C 93 27.68 23.92 15.99
CA TYR C 93 28.80 24.62 16.62
C TYR C 93 30.13 24.41 15.92
N ASN C 94 30.29 23.38 15.09
CA ASN C 94 31.57 23.11 14.45
C ASN C 94 31.56 23.36 12.94
N GLU C 95 30.39 23.32 12.30
CA GLU C 95 30.30 23.54 10.86
C GLU C 95 29.88 24.96 10.51
N LEU C 96 28.73 25.41 11.03
CA LEU C 96 28.26 26.76 10.77
C LEU C 96 28.81 27.78 11.77
N ARG C 97 29.10 27.34 13.00
CA ARG C 97 29.59 28.21 14.06
CA ARG C 97 29.59 28.21 14.06
C ARG C 97 28.66 29.39 14.29
N VAL C 98 27.36 29.14 14.32
CA VAL C 98 26.33 30.14 14.60
C VAL C 98 25.49 29.65 15.76
N SER C 99 25.17 30.53 16.69
CA SER C 99 24.39 30.14 17.87
C SER C 99 22.98 29.77 17.45
N PRO C 100 22.50 28.57 17.80
CA PRO C 100 21.15 28.17 17.39
C PRO C 100 20.06 28.82 18.24
N GLU C 101 20.47 29.65 19.20
CA GLU C 101 19.55 30.34 20.08
C GLU C 101 19.07 31.67 19.50
N GLU C 102 19.47 32.00 18.27
CA GLU C 102 19.09 33.26 17.65
C GLU C 102 18.50 33.07 16.25
N HIS C 103 18.56 31.86 15.70
CA HIS C 103 18.11 31.61 14.33
C HIS C 103 17.00 30.57 14.33
N PRO C 104 15.92 30.80 13.59
CA PRO C 104 14.92 29.74 13.41
C PRO C 104 15.48 28.59 12.56
N VAL C 105 14.99 27.38 12.83
CA VAL C 105 15.49 26.17 12.19
C VAL C 105 14.37 25.55 11.38
N LEU C 106 14.68 25.19 10.14
CA LEU C 106 13.74 24.52 9.24
C LEU C 106 14.25 23.10 9.00
N LEU C 107 13.44 22.11 9.38
CA LEU C 107 13.80 20.71 9.25
C LEU C 107 12.98 20.02 8.17
N THR C 108 13.46 18.87 7.72
CA THR C 108 12.81 18.08 6.69
C THR C 108 12.59 16.67 7.19
N GLU C 109 11.61 15.99 6.59
CA GLU C 109 11.27 14.63 6.99
C GLU C 109 10.57 13.93 5.83
N ALA C 110 10.75 12.62 5.75
CA ALA C 110 10.10 11.81 4.74
C ALA C 110 8.63 11.58 5.10
N PRO C 111 7.76 11.42 4.11
CA PRO C 111 6.35 11.17 4.40
C PRO C 111 6.11 9.77 4.95
N LEU C 112 4.95 9.62 5.61
CA LEU C 112 4.51 8.35 6.18
C LEU C 112 5.50 7.82 7.23
N ASN C 113 5.92 8.71 8.12
CA ASN C 113 6.81 8.37 9.23
C ASN C 113 6.06 8.38 10.55
N PRO C 114 6.55 7.64 11.54
CA PRO C 114 5.89 7.62 12.85
C PRO C 114 5.86 9.01 13.49
N LYS C 115 4.80 9.23 14.27
CA LYS C 115 4.60 10.52 14.93
C LYS C 115 5.63 10.76 16.03
N THR C 116 6.04 9.69 16.72
CA THR C 116 7.01 9.83 17.80
C THR C 116 8.33 10.40 17.31
N ASN C 117 8.72 10.12 16.06
CA ASN C 117 9.92 10.72 15.50
C ASN C 117 9.82 12.24 15.50
N ARG C 118 8.73 12.77 14.96
CA ARG C 118 8.52 14.22 14.94
C ARG C 118 8.43 14.79 16.35
N GLU C 119 7.74 14.10 17.25
CA GLU C 119 7.60 14.61 18.62
C GLU C 119 8.95 14.69 19.31
N LYS C 120 9.77 13.64 19.19
CA LYS C 120 11.09 13.64 19.81
C LYS C 120 11.99 14.69 19.16
N MET C 121 11.91 14.85 17.84
CA MET C 121 12.71 15.86 17.17
C MET C 121 12.37 17.26 17.68
N THR C 122 11.07 17.55 17.80
CA THR C 122 10.64 18.85 18.32
C THR C 122 11.09 19.03 19.77
N GLN C 123 10.94 18.00 20.59
CA GLN C 123 11.34 18.10 22.00
C GLN C 123 12.84 18.38 22.12
N ILE C 124 13.65 17.68 21.33
CA ILE C 124 15.10 17.90 21.39
C ILE C 124 15.45 19.29 20.89
N MET C 125 14.82 19.74 19.79
CA MET C 125 15.15 21.05 19.24
C MET C 125 14.71 22.18 20.17
N PHE C 126 13.69 21.95 21.00
CA PHE C 126 13.18 23.01 21.86
C PHE C 126 13.75 22.99 23.27
N GLU C 127 14.13 21.83 23.79
CA GLU C 127 14.61 21.76 25.17
C GLU C 127 16.14 21.85 25.26
N THR C 128 16.86 21.22 24.34
CA THR C 128 18.32 21.23 24.41
C THR C 128 18.90 22.50 23.82
N PHE C 129 18.65 22.74 22.53
CA PHE C 129 19.21 23.91 21.86
C PHE C 129 18.44 25.18 22.13
N ASP C 130 17.14 25.08 22.47
CA ASP C 130 16.30 26.22 22.80
C ASP C 130 16.26 27.23 21.64
N VAL C 131 15.83 26.74 20.49
CA VAL C 131 15.68 27.59 19.30
C VAL C 131 14.44 28.45 19.46
N PRO C 132 14.40 29.65 18.87
CA PRO C 132 13.19 30.48 18.99
C PRO C 132 11.98 29.88 18.28
N ALA C 133 12.16 29.49 17.02
CA ALA C 133 11.08 28.90 16.23
C ALA C 133 11.61 27.74 15.41
N MET C 134 10.71 26.85 15.02
CA MET C 134 11.08 25.70 14.21
C MET C 134 9.90 25.31 13.32
N TYR C 135 10.19 24.49 12.32
CA TYR C 135 9.17 24.00 11.40
C TYR C 135 9.67 22.74 10.72
N VAL C 136 8.75 21.82 10.44
CA VAL C 136 9.05 20.55 9.78
C VAL C 136 8.20 20.45 8.52
N SER C 137 8.83 20.11 7.40
CA SER C 137 8.15 20.02 6.12
C SER C 137 8.57 18.75 5.40
N ILE C 138 7.74 18.35 4.43
CA ILE C 138 8.04 17.18 3.62
C ILE C 138 9.05 17.54 2.53
N GLN C 139 9.86 16.55 2.16
CA GLN C 139 10.96 16.75 1.22
C GLN C 139 10.49 16.94 -0.21
N ALA C 140 9.46 16.19 -0.63
CA ALA C 140 8.97 16.30 -2.01
C ALA C 140 8.39 17.69 -2.28
N ILE C 141 7.73 18.28 -1.29
CA ILE C 141 7.19 19.63 -1.46
C ILE C 141 8.32 20.62 -1.70
N LEU C 142 9.41 20.50 -0.94
CA LEU C 142 10.56 21.39 -1.14
C LEU C 142 11.22 21.14 -2.48
N SER C 143 11.27 19.88 -2.91
CA SER C 143 11.83 19.58 -4.22
C SER C 143 11.01 20.22 -5.34
N LEU C 144 9.69 20.21 -5.21
CA LEU C 144 8.84 20.88 -6.20
C LEU C 144 8.98 22.39 -6.11
N TYR C 145 9.17 22.93 -4.89
CA TYR C 145 9.42 24.35 -4.73
C TYR C 145 10.69 24.77 -5.48
N ALA C 146 11.74 23.96 -5.38
CA ALA C 146 13.02 24.28 -6.00
C ALA C 146 12.95 24.32 -7.53
N SER C 147 11.95 23.67 -8.13
CA SER C 147 11.82 23.65 -9.59
C SER C 147 10.97 24.81 -10.13
N GLY C 148 10.37 25.61 -9.25
CA GLY C 148 9.55 26.72 -9.70
C GLY C 148 8.27 26.33 -10.39
N ARG C 149 7.67 25.21 -10.01
CA ARG C 149 6.43 24.73 -10.61
C ARG C 149 5.37 24.55 -9.52
N THR C 150 4.18 24.15 -9.94
CA THR C 150 3.09 23.86 -9.02
C THR C 150 2.38 22.54 -9.32
N THR C 151 2.61 21.94 -10.49
CA THR C 151 1.96 20.68 -10.87
C THR C 151 3.03 19.69 -11.30
N GLY C 152 2.99 18.50 -10.73
CA GLY C 152 3.93 17.46 -11.11
C GLY C 152 3.96 16.35 -10.07
N ILE C 153 4.62 15.26 -10.45
CA ILE C 153 4.82 14.12 -9.57
C ILE C 153 6.31 14.04 -9.25
N VAL C 154 6.63 14.04 -7.97
CA VAL C 154 8.02 14.08 -7.51
C VAL C 154 8.43 12.68 -7.08
N LEU C 155 9.54 12.20 -7.65
CA LEU C 155 10.15 10.91 -7.31
C LEU C 155 11.47 11.19 -6.61
N ASP C 156 11.44 11.14 -5.28
CA ASP C 156 12.65 11.37 -4.48
C ASP C 156 13.25 10.03 -4.09
N SER C 157 14.56 9.94 -4.16
CA SER C 157 15.27 8.70 -3.84
C SER C 157 16.62 9.06 -3.26
N GLY C 158 16.82 8.75 -1.97
CA GLY C 158 18.06 9.08 -1.31
C GLY C 158 18.90 7.87 -0.95
N ASP C 159 19.23 7.74 0.34
CA ASP C 159 20.08 6.64 0.80
C ASP C 159 19.31 5.58 1.59
N GLY C 160 18.14 5.91 2.14
CA GLY C 160 17.41 4.95 2.93
C GLY C 160 15.99 4.66 2.47
N VAL C 161 15.38 5.60 1.76
CA VAL C 161 13.98 5.50 1.40
C VAL C 161 13.74 6.26 0.10
N SER C 162 12.85 5.73 -0.74
CA SER C 162 12.45 6.39 -1.98
C SER C 162 10.93 6.50 -2.02
N HIS C 163 10.43 7.70 -2.29
CA HIS C 163 9.00 7.96 -2.26
C HIS C 163 8.58 8.83 -3.44
N THR C 164 7.33 8.64 -3.86
CA THR C 164 6.71 9.42 -4.92
C THR C 164 5.46 10.10 -4.41
N VAL C 165 5.34 11.38 -4.73
CA VAL C 165 4.23 12.22 -4.28
C VAL C 165 3.70 13.07 -5.43
N PRO C 166 2.42 12.99 -5.77
CA PRO C 166 1.85 13.88 -6.78
C PRO C 166 1.25 15.15 -6.17
N ILE C 167 1.41 16.26 -6.89
CA ILE C 167 0.86 17.54 -6.48
C ILE C 167 0.25 18.21 -7.71
N TYR C 168 -0.98 18.71 -7.58
CA TYR C 168 -1.70 19.33 -8.68
C TYR C 168 -2.15 20.73 -8.26
N GLU C 169 -1.49 21.75 -8.81
CA GLU C 169 -1.87 23.15 -8.62
C GLU C 169 -1.97 23.52 -7.15
N GLY C 170 -0.96 23.10 -6.38
CA GLY C 170 -0.86 23.46 -4.99
C GLY C 170 -1.58 22.54 -4.03
N TYR C 171 -2.31 21.55 -4.52
CA TYR C 171 -3.04 20.61 -3.69
C TYR C 171 -2.39 19.23 -3.78
N VAL C 172 -2.05 18.67 -2.62
CA VAL C 172 -1.46 17.34 -2.56
C VAL C 172 -2.55 16.31 -2.42
N LEU C 173 -2.31 15.12 -2.97
CA LEU C 173 -3.25 14.00 -2.91
C LEU C 173 -2.65 12.93 -2.01
N PRO C 174 -2.96 12.94 -0.70
CA PRO C 174 -2.31 11.98 0.21
C PRO C 174 -2.66 10.53 -0.06
N HIS C 175 -3.75 10.25 -0.77
CA HIS C 175 -4.12 8.86 -1.03
C HIS C 175 -3.30 8.27 -2.16
N ALA C 176 -2.52 9.09 -2.87
CA ALA C 176 -1.70 8.63 -3.98
C ALA C 176 -0.21 8.72 -3.69
N ILE C 177 0.17 8.83 -2.42
CA ILE C 177 1.58 8.93 -2.04
C ILE C 177 2.11 7.53 -1.79
N ASN C 178 3.24 7.20 -2.42
CA ASN C 178 3.86 5.89 -2.23
C ASN C 178 5.27 6.05 -1.67
N ARG C 179 5.68 5.04 -0.91
CA ARG C 179 6.97 5.06 -0.22
C ARG C 179 7.49 3.63 -0.09
N ILE C 180 8.71 3.39 -0.58
CA ILE C 180 9.34 2.08 -0.46
C ILE C 180 10.74 2.25 0.10
N ASP C 181 11.23 1.21 0.77
CA ASP C 181 12.55 1.22 1.40
C ASP C 181 13.52 0.46 0.50
N MET C 182 14.05 1.17 -0.50
CA MET C 182 15.04 0.61 -1.41
C MET C 182 15.83 1.75 -2.00
N ALA C 183 17.11 1.84 -1.64
CA ALA C 183 17.91 2.99 -2.03
C ALA C 183 19.38 2.64 -2.22
N GLY C 184 20.25 3.66 -2.19
CA GLY C 184 21.64 3.46 -2.51
C GLY C 184 22.37 2.49 -1.61
N ARG C 185 21.90 2.32 -0.37
CA ARG C 185 22.53 1.37 0.53
C ARG C 185 22.32 -0.07 0.06
N ASP C 186 21.10 -0.38 -0.38
CA ASP C 186 20.84 -1.69 -0.96
C ASP C 186 21.66 -1.91 -2.24
N LEU C 187 21.82 -0.86 -3.04
CA LEU C 187 22.67 -0.97 -4.22
C LEU C 187 24.13 -1.21 -3.84
N THR C 188 24.60 -0.59 -2.76
CA THR C 188 25.96 -0.85 -2.27
C THR C 188 26.11 -2.31 -1.85
N TYR C 189 25.12 -2.83 -1.12
CA TYR C 189 25.17 -4.23 -0.73
C TYR C 189 25.15 -5.16 -1.94
N HIS C 190 24.33 -4.83 -2.94
CA HIS C 190 24.30 -5.63 -4.16
C HIS C 190 25.63 -5.58 -4.90
N MET C 191 26.27 -4.40 -4.93
CA MET C 191 27.58 -4.29 -5.55
C MET C 191 28.62 -5.12 -4.81
N MET C 192 28.56 -5.11 -3.47
CA MET C 192 29.46 -5.94 -2.68
C MET C 192 29.26 -7.41 -2.98
N LYS C 193 27.99 -7.84 -3.10
CA LYS C 193 27.72 -9.23 -3.46
C LYS C 193 28.23 -9.57 -4.86
N LEU C 194 28.08 -8.65 -5.81
CA LEU C 194 28.54 -8.90 -7.17
C LEU C 194 30.06 -8.96 -7.26
N PHE C 195 30.76 -8.16 -6.47
CA PHE C 195 32.22 -8.19 -6.48
C PHE C 195 32.79 -9.52 -6.00
N THR C 196 32.01 -10.30 -5.24
CA THR C 196 32.49 -11.60 -4.77
C THR C 196 32.72 -12.57 -5.92
N GLU C 197 31.90 -12.47 -6.98
CA GLU C 197 32.02 -13.39 -8.11
C GLU C 197 33.33 -13.24 -8.87
N ARG C 198 34.01 -12.09 -8.75
CA ARG C 198 35.30 -11.89 -9.39
C ARG C 198 36.48 -12.21 -8.48
N GLY C 199 36.24 -12.55 -7.23
CA GLY C 199 37.29 -12.87 -6.30
C GLY C 199 37.64 -11.78 -5.29
N HIS C 200 36.83 -10.74 -5.17
CA HIS C 200 37.09 -9.64 -4.26
C HIS C 200 36.04 -9.63 -3.15
N THR C 201 36.49 -9.48 -1.91
CA THR C 201 35.62 -9.55 -0.74
C THR C 201 35.75 -8.26 0.06
N PHE C 202 34.62 -7.63 0.35
CA PHE C 202 34.55 -6.46 1.21
C PHE C 202 33.59 -6.76 2.36
N THR C 203 34.09 -6.66 3.59
CA THR C 203 33.32 -6.99 4.78
C THR C 203 33.23 -5.86 5.79
N THR C 204 34.31 -5.13 6.02
CA THR C 204 34.32 -4.11 7.06
C THR C 204 33.62 -2.84 6.56
N THR C 205 33.45 -1.89 7.48
CA THR C 205 32.76 -0.64 7.15
C THR C 205 33.57 0.20 6.18
N ALA C 206 34.89 0.28 6.38
CA ALA C 206 35.73 1.03 5.46
C ALA C 206 35.68 0.44 4.05
N GLU C 207 35.65 -0.90 3.97
CA GLU C 207 35.47 -1.55 2.68
C GLU C 207 34.11 -1.20 2.07
N ARG C 208 33.08 -1.07 2.91
CA ARG C 208 31.78 -0.64 2.40
CA ARG C 208 31.78 -0.64 2.39
C ARG C 208 31.86 0.77 1.82
N GLU C 209 32.58 1.67 2.49
CA GLU C 209 32.74 3.02 1.96
C GLU C 209 33.50 3.01 0.64
N ILE C 210 34.52 2.14 0.53
CA ILE C 210 35.25 2.02 -0.72
C ILE C 210 34.34 1.53 -1.84
N VAL C 211 33.50 0.54 -1.55
CA VAL C 211 32.56 0.03 -2.54
C VAL C 211 31.56 1.11 -2.93
N ARG C 212 31.11 1.90 -1.95
CA ARG C 212 30.20 2.99 -2.24
C ARG C 212 30.84 4.01 -3.18
N ASP C 213 32.11 4.34 -2.94
CA ASP C 213 32.81 5.27 -3.83
C ASP C 213 32.96 4.68 -5.23
N ILE C 214 33.28 3.39 -5.33
CA ILE C 214 33.37 2.73 -6.63
C ILE C 214 32.04 2.81 -7.37
N LYS C 215 30.94 2.56 -6.65
CA LYS C 215 29.62 2.65 -7.26
C LYS C 215 29.31 4.06 -7.73
N GLU C 216 29.64 5.06 -6.90
CA GLU C 216 29.40 6.45 -7.27
C GLU C 216 30.24 6.87 -8.48
N LYS C 217 31.39 6.26 -8.69
CA LYS C 217 32.29 6.67 -9.76
C LYS C 217 32.06 5.93 -11.07
N LEU C 218 31.87 4.61 -11.03
CA LEU C 218 31.93 3.79 -12.24
C LEU C 218 30.62 3.09 -12.59
N CYS C 219 29.48 3.64 -12.22
CA CYS C 219 28.19 3.02 -12.51
C CYS C 219 27.39 3.83 -13.52
N TYR C 220 26.62 3.12 -14.33
CA TYR C 220 25.70 3.74 -15.29
C TYR C 220 24.57 2.76 -15.56
N ILE C 221 23.50 3.27 -16.17
CA ILE C 221 22.29 2.50 -16.44
C ILE C 221 22.21 2.21 -17.93
N ALA C 222 21.98 0.95 -18.27
CA ALA C 222 21.93 0.52 -19.66
C ALA C 222 20.51 0.66 -20.21
N MET C 223 20.42 0.93 -21.51
CA MET C 223 19.12 1.07 -22.16
C MET C 223 18.44 -0.27 -22.36
N ASP C 224 19.19 -1.29 -22.78
CA ASP C 224 18.64 -2.62 -23.03
C ASP C 224 19.47 -3.64 -22.25
N TYR C 225 18.86 -4.22 -21.21
CA TYR C 225 19.62 -5.05 -20.27
C TYR C 225 20.06 -6.36 -20.91
N ASP C 226 19.15 -7.03 -21.62
CA ASP C 226 19.46 -8.34 -22.19
C ASP C 226 20.56 -8.25 -23.23
N GLU C 227 20.48 -7.25 -24.11
CA GLU C 227 21.50 -7.08 -25.13
CA GLU C 227 21.51 -7.10 -25.13
C GLU C 227 22.85 -6.71 -24.51
N GLU C 228 22.83 -5.92 -23.44
CA GLU C 228 24.08 -5.60 -22.75
C GLU C 228 24.70 -6.84 -22.11
N LEU C 229 23.87 -7.70 -21.51
CA LEU C 229 24.40 -8.95 -20.97
C LEU C 229 24.98 -9.83 -22.07
N LYS C 230 24.31 -9.89 -23.23
CA LYS C 230 24.84 -10.66 -24.35
C LYS C 230 26.16 -10.07 -24.85
N ARG C 231 26.25 -8.75 -24.92
CA ARG C 231 27.48 -8.09 -25.38
C ARG C 231 28.62 -8.27 -24.39
N SER C 232 28.30 -8.39 -23.09
CA SER C 232 29.32 -8.58 -22.07
C SER C 232 29.99 -9.95 -22.14
N GLU C 233 29.67 -10.76 -23.15
CA GLU C 233 30.32 -12.05 -23.37
C GLU C 233 31.18 -12.04 -24.62
N GLU C 234 30.62 -11.66 -25.77
CA GLU C 234 31.40 -11.59 -26.99
C GLU C 234 32.50 -10.55 -26.92
N HIS C 235 32.20 -9.36 -26.41
CA HIS C 235 33.20 -8.31 -26.25
C HIS C 235 33.04 -7.60 -24.92
N SER C 236 33.70 -8.09 -23.88
CA SER C 236 33.65 -7.46 -22.57
C SER C 236 34.71 -6.39 -22.38
N ASP C 237 35.68 -6.29 -23.30
CA ASP C 237 36.78 -5.36 -23.11
C ASP C 237 36.36 -3.90 -23.27
N GLU C 238 35.20 -3.65 -23.88
CA GLU C 238 34.77 -2.26 -24.12
C GLU C 238 34.25 -1.61 -22.84
N ILE C 239 33.84 -2.41 -21.85
CA ILE C 239 33.29 -1.88 -20.60
C ILE C 239 34.23 -2.08 -19.42
N GLU C 240 35.47 -2.52 -19.66
CA GLU C 240 36.41 -2.75 -18.56
C GLU C 240 36.97 -1.42 -18.08
N GLU C 241 37.08 -1.29 -16.76
CA GLU C 241 37.72 -0.12 -16.15
C GLU C 241 38.62 -0.59 -15.03
N ILE C 242 39.64 0.21 -14.73
CA ILE C 242 40.60 -0.08 -13.67
C ILE C 242 40.46 0.96 -12.59
N TYR C 243 40.33 0.49 -11.34
CA TYR C 243 40.17 1.37 -10.20
C TYR C 243 41.29 1.11 -9.21
N GLU C 244 41.91 2.18 -8.71
CA GLU C 244 43.05 2.07 -7.82
C GLU C 244 42.56 2.06 -6.37
N LEU C 245 42.79 0.95 -5.68
CA LEU C 245 42.43 0.85 -4.28
C LEU C 245 43.32 1.78 -3.45
N PRO C 246 42.87 2.18 -2.25
CA PRO C 246 43.66 3.12 -1.44
C PRO C 246 45.03 2.61 -1.07
N ASP C 247 45.22 1.29 -1.03
CA ASP C 247 46.51 0.71 -0.68
C ASP C 247 47.41 0.48 -1.90
N GLY C 248 46.97 0.89 -3.09
CA GLY C 248 47.77 0.79 -4.28
C GLY C 248 47.38 -0.33 -5.23
N ASN C 249 46.57 -1.28 -4.78
CA ASN C 249 46.16 -2.37 -5.65
C ASN C 249 45.17 -1.87 -6.70
N LEU C 250 45.07 -2.63 -7.79
CA LEU C 250 44.19 -2.31 -8.91
C LEU C 250 43.11 -3.36 -9.04
N ILE C 251 41.86 -2.93 -9.16
CA ILE C 251 40.71 -3.81 -9.31
C ILE C 251 40.04 -3.53 -10.65
N THR C 252 39.62 -4.60 -11.33
CA THR C 252 39.01 -4.48 -12.64
C THR C 252 37.48 -4.56 -12.49
N VAL C 253 36.80 -3.53 -12.96
CA VAL C 253 35.35 -3.46 -12.93
C VAL C 253 34.84 -3.66 -14.36
N GLY C 254 34.01 -4.70 -14.55
CA GLY C 254 33.51 -5.02 -15.87
C GLY C 254 32.02 -4.83 -16.03
N SER C 255 31.28 -5.94 -16.01
CA SER C 255 29.83 -5.88 -16.20
C SER C 255 29.14 -5.22 -15.02
N GLU C 256 29.71 -5.32 -13.82
CA GLU C 256 29.09 -4.76 -12.62
C GLU C 256 28.83 -3.26 -12.74
N ARG C 257 29.35 -2.59 -13.78
CA ARG C 257 29.05 -1.19 -13.99
C ARG C 257 27.58 -0.95 -14.30
N PHE C 258 26.87 -1.94 -14.85
CA PHE C 258 25.47 -1.75 -15.20
C PHE C 258 24.55 -2.80 -14.59
N ARG C 259 25.07 -3.80 -13.89
CA ARG C 259 24.24 -4.75 -13.18
C ARG C 259 23.90 -4.30 -11.76
N CYS C 260 24.59 -3.27 -11.25
CA CYS C 260 24.26 -2.77 -9.91
C CYS C 260 23.02 -1.88 -9.91
N PRO C 261 22.93 -0.83 -10.72
CA PRO C 261 21.73 0.01 -10.70
C PRO C 261 20.48 -0.66 -11.26
N GLU C 262 20.62 -1.79 -11.95
CA GLU C 262 19.47 -2.47 -12.53
C GLU C 262 18.47 -2.93 -11.48
N ALA C 263 18.89 -3.02 -10.23
CA ALA C 263 17.95 -3.35 -9.15
C ALA C 263 16.94 -2.25 -8.90
N LEU C 264 17.12 -1.05 -9.44
CA LEU C 264 16.10 -0.02 -9.32
C LEU C 264 14.86 -0.34 -10.14
N PHE C 265 15.03 -0.95 -11.31
CA PHE C 265 13.92 -1.32 -12.19
C PHE C 265 13.56 -2.79 -12.08
N ASN C 266 14.16 -3.53 -11.15
CA ASN C 266 13.88 -4.94 -10.96
C ASN C 266 14.32 -5.35 -9.56
N PRO C 267 13.52 -5.06 -8.53
CA PRO C 267 13.94 -5.35 -7.16
C PRO C 267 13.98 -6.84 -6.83
N THR C 268 13.60 -7.68 -7.79
CA THR C 268 13.67 -9.12 -7.57
C THR C 268 15.10 -9.62 -7.59
N LEU C 269 16.02 -8.86 -8.18
CA LEU C 269 17.43 -9.26 -8.19
C LEU C 269 18.00 -9.28 -6.77
N ILE C 270 17.65 -8.28 -5.96
CA ILE C 270 18.15 -8.25 -4.59
C ILE C 270 17.29 -9.04 -3.63
N GLY C 271 16.21 -9.65 -4.11
CA GLY C 271 15.35 -10.46 -3.29
C GLY C 271 14.14 -9.78 -2.69
N ARG C 272 13.73 -8.64 -3.23
CA ARG C 272 12.58 -7.89 -2.72
C ARG C 272 11.39 -8.05 -3.64
N GLU C 273 10.19 -8.07 -3.03
CA GLU C 273 8.95 -8.22 -3.76
C GLU C 273 8.34 -6.89 -4.19
N CYS C 274 8.91 -5.76 -3.74
CA CYS C 274 8.38 -4.46 -4.08
C CYS C 274 8.50 -4.20 -5.58
N PRO C 275 7.58 -3.42 -6.15
CA PRO C 275 7.66 -3.11 -7.57
C PRO C 275 8.77 -2.11 -7.88
N GLY C 276 9.09 -2.02 -9.16
CA GLY C 276 10.15 -1.14 -9.61
C GLY C 276 9.80 0.33 -9.46
N LEU C 277 10.64 1.16 -10.07
CA LEU C 277 10.45 2.61 -9.99
C LEU C 277 9.41 3.12 -10.98
N HIS C 278 9.51 2.69 -12.24
CA HIS C 278 8.52 3.09 -13.23
C HIS C 278 7.14 2.55 -12.88
N ILE C 279 7.07 1.31 -12.39
CA ILE C 279 5.80 0.73 -11.98
C ILE C 279 5.21 1.52 -10.82
N THR C 280 6.05 1.90 -9.86
CA THR C 280 5.57 2.68 -8.72
C THR C 280 5.05 4.04 -9.18
N ALA C 281 5.77 4.71 -10.07
CA ALA C 281 5.31 6.00 -10.57
C ALA C 281 3.99 5.86 -11.32
N TYR C 282 3.86 4.84 -12.16
CA TYR C 282 2.63 4.63 -12.91
C TYR C 282 1.47 4.34 -11.98
N GLN C 283 1.67 3.49 -10.97
CA GLN C 283 0.60 3.20 -10.03
C GLN C 283 0.23 4.39 -9.17
N SER C 284 1.20 5.28 -8.88
CA SER C 284 0.88 6.50 -8.17
C SER C 284 0.12 7.50 -9.04
N ILE C 285 0.38 7.51 -10.35
CA ILE C 285 -0.39 8.37 -11.26
C ILE C 285 -1.81 7.84 -11.42
N MET C 286 -1.97 6.53 -11.55
CA MET C 286 -3.28 5.92 -11.79
C MET C 286 -4.21 5.98 -10.58
N LYS C 287 -3.76 6.36 -9.39
CA LYS C 287 -4.66 6.51 -8.24
C LYS C 287 -5.20 7.93 -8.11
N CYS C 288 -4.89 8.81 -9.06
CA CYS C 288 -5.41 10.16 -9.08
C CYS C 288 -6.63 10.22 -10.00
N ASP C 289 -7.28 11.39 -10.01
CA ASP C 289 -8.46 11.56 -10.85
C ASP C 289 -8.09 11.60 -12.32
N ILE C 290 -9.04 11.19 -13.16
CA ILE C 290 -8.76 11.00 -14.59
C ILE C 290 -8.40 12.31 -15.27
N ASP C 291 -8.86 13.44 -14.72
CA ASP C 291 -8.63 14.72 -15.38
C ASP C 291 -7.17 15.16 -15.27
N ILE C 292 -6.55 14.95 -14.09
CA ILE C 292 -5.21 15.46 -13.84
C ILE C 292 -4.11 14.53 -14.28
N ARG C 293 -4.44 13.34 -14.78
CA ARG C 293 -3.41 12.40 -15.22
C ARG C 293 -2.62 12.96 -16.38
N LYS C 294 -3.28 13.66 -17.31
CA LYS C 294 -2.57 14.24 -18.44
CA LYS C 294 -2.57 14.24 -18.44
C LYS C 294 -1.54 15.26 -17.99
N GLU C 295 -1.88 16.11 -17.02
CA GLU C 295 -0.93 17.09 -16.52
C GLU C 295 0.17 16.44 -15.70
N LEU C 296 -0.13 15.37 -14.96
CA LEU C 296 0.90 14.68 -14.19
C LEU C 296 1.90 13.98 -15.10
N TYR C 297 1.43 13.42 -16.22
CA TYR C 297 2.29 12.68 -17.13
C TYR C 297 3.35 13.53 -17.78
N ASN C 298 3.20 14.86 -17.80
CA ASN C 298 4.13 15.75 -18.50
C ASN C 298 4.99 16.57 -17.56
N ASN C 299 4.97 16.28 -16.26
CA ASN C 299 5.73 17.04 -15.27
C ASN C 299 6.40 16.10 -14.27
N ILE C 300 7.01 15.03 -14.78
CA ILE C 300 7.72 14.10 -13.91
C ILE C 300 9.05 14.72 -13.51
N VAL C 301 9.29 14.82 -12.20
CA VAL C 301 10.45 15.50 -11.65
C VAL C 301 11.26 14.49 -10.85
N LEU C 302 12.57 14.46 -11.10
CA LEU C 302 13.49 13.58 -10.40
C LEU C 302 14.21 14.34 -9.29
N SER C 303 14.46 13.66 -8.18
CA SER C 303 15.14 14.28 -7.05
C SER C 303 15.94 13.21 -6.30
N GLY C 304 16.85 13.66 -5.46
CA GLY C 304 17.69 12.79 -4.67
C GLY C 304 19.01 12.48 -5.35
N GLY C 305 19.90 11.88 -4.57
CA GLY C 305 21.22 11.54 -5.06
C GLY C 305 21.28 10.23 -5.81
N THR C 306 20.33 9.34 -5.55
CA THR C 306 20.29 8.05 -6.22
C THR C 306 19.86 8.15 -7.68
N THR C 307 19.28 9.29 -8.09
CA THR C 307 18.87 9.51 -9.47
C THR C 307 19.94 10.22 -10.28
N MET C 308 21.21 10.13 -9.87
CA MET C 308 22.30 10.81 -10.53
C MET C 308 23.05 9.93 -11.52
N TYR C 309 22.60 8.71 -11.75
CA TYR C 309 23.23 7.84 -12.73
C TYR C 309 23.08 8.43 -14.13
N ASN C 310 23.82 7.84 -15.06
CA ASN C 310 23.72 8.25 -16.46
C ASN C 310 22.64 7.43 -17.17
N ASN C 311 22.01 8.06 -18.16
CA ASN C 311 20.93 7.44 -18.93
C ASN C 311 19.78 7.00 -18.03
N ILE C 312 19.47 7.82 -17.03
CA ILE C 312 18.34 7.54 -16.15
C ILE C 312 17.06 8.13 -16.69
N GLY C 313 17.12 9.38 -17.18
CA GLY C 313 15.94 10.01 -17.73
C GLY C 313 15.43 9.32 -18.98
N GLU C 314 16.32 8.95 -19.89
CA GLU C 314 15.91 8.27 -21.12
C GLU C 314 15.31 6.90 -20.81
N ARG C 315 15.93 6.16 -19.89
CA ARG C 315 15.40 4.84 -19.52
C ARG C 315 14.03 4.97 -18.86
N LEU C 316 13.88 5.96 -17.97
CA LEU C 316 12.58 6.16 -17.32
C LEU C 316 11.52 6.57 -18.34
N THR C 317 11.88 7.43 -19.29
CA THR C 317 10.93 7.84 -20.32
C THR C 317 10.51 6.65 -21.18
N LYS C 318 11.47 5.80 -21.57
CA LYS C 318 11.14 4.64 -22.38
C LYS C 318 10.26 3.67 -21.62
N GLU C 319 10.53 3.46 -20.33
CA GLU C 319 9.68 2.58 -19.54
C GLU C 319 8.28 3.14 -19.37
N MET C 320 8.16 4.44 -19.13
CA MET C 320 6.86 5.06 -18.95
C MET C 320 6.05 5.04 -20.24
N THR C 321 6.73 5.19 -21.38
CA THR C 321 6.04 5.19 -22.67
C THR C 321 5.30 3.89 -22.92
N ASN C 322 5.92 2.75 -22.57
CA ASN C 322 5.28 1.45 -22.78
C ASN C 322 4.11 1.20 -21.84
N LEU C 323 3.91 2.04 -20.82
CA LEU C 323 2.81 1.88 -19.88
C LEU C 323 1.69 2.89 -20.06
N ALA C 324 1.97 4.07 -20.61
CA ALA C 324 1.01 5.14 -20.79
C ALA C 324 0.25 4.96 -22.09
N PRO C 325 -0.95 5.55 -22.20
CA PRO C 325 -1.68 5.47 -23.48
C PRO C 325 -0.89 6.13 -24.61
N SER C 326 -1.10 5.62 -25.82
CA SER C 326 -0.30 6.04 -26.96
C SER C 326 -0.50 7.52 -27.30
N SER C 327 -1.58 8.14 -26.83
CA SER C 327 -1.87 9.53 -27.13
C SER C 327 -1.36 10.49 -26.06
N MET C 328 -0.50 10.01 -25.17
CA MET C 328 0.01 10.82 -24.07
C MET C 328 1.48 11.13 -24.27
N LYS C 329 1.89 12.34 -23.88
CA LYS C 329 3.27 12.78 -23.98
C LYS C 329 3.93 12.73 -22.60
N ILE C 330 5.08 12.08 -22.51
CA ILE C 330 5.82 11.94 -21.26
C ILE C 330 7.11 12.73 -21.37
N LYS C 331 7.37 13.57 -20.37
CA LYS C 331 8.59 14.38 -20.30
C LYS C 331 9.17 14.24 -18.90
N VAL C 332 10.30 13.54 -18.78
CA VAL C 332 10.97 13.34 -17.50
C VAL C 332 11.93 14.49 -17.31
N ILE C 333 11.65 15.34 -16.32
CA ILE C 333 12.50 16.49 -16.02
C ILE C 333 13.60 16.02 -15.09
N ALA C 334 14.86 16.10 -15.56
CA ALA C 334 16.03 15.72 -14.78
C ALA C 334 16.99 16.90 -14.72
N PRO C 335 16.75 17.87 -13.84
CA PRO C 335 17.60 19.06 -13.80
C PRO C 335 18.95 18.75 -13.20
N PRO C 336 20.00 19.49 -13.60
CA PRO C 336 21.29 19.38 -12.92
C PRO C 336 21.17 19.84 -11.47
N GLU C 337 22.25 19.60 -10.71
CA GLU C 337 22.34 19.95 -9.29
C GLU C 337 21.11 19.49 -8.49
N ARG C 338 20.46 18.43 -8.94
CA ARG C 338 19.31 17.88 -8.22
C ARG C 338 19.72 17.17 -6.93
N LYS C 339 21.03 17.01 -6.70
CA LYS C 339 21.50 16.45 -5.45
C LYS C 339 21.08 17.30 -4.25
N TYR C 340 21.07 18.63 -4.41
CA TYR C 340 20.72 19.55 -3.33
C TYR C 340 19.40 20.26 -3.60
N SER C 341 18.51 19.65 -4.38
CA SER C 341 17.25 20.32 -4.73
C SER C 341 16.39 20.56 -3.49
N VAL C 342 16.37 19.62 -2.55
CA VAL C 342 15.56 19.78 -1.35
C VAL C 342 16.03 20.98 -0.54
N TRP C 343 17.35 21.13 -0.38
CA TRP C 343 17.87 22.26 0.37
C TRP C 343 17.55 23.58 -0.32
N ILE C 344 17.67 23.63 -1.64
CA ILE C 344 17.36 24.85 -2.37
C ILE C 344 15.88 25.21 -2.21
N GLY C 345 15.00 24.21 -2.32
CA GLY C 345 13.58 24.47 -2.12
C GLY C 345 13.27 24.94 -0.72
N GLY C 346 13.91 24.35 0.29
CA GLY C 346 13.71 24.81 1.65
C GLY C 346 14.18 26.23 1.87
N SER C 347 15.33 26.58 1.28
CA SER C 347 15.84 27.94 1.39
C SER C 347 14.91 28.94 0.71
N ILE C 348 14.36 28.57 -0.45
CA ILE C 348 13.40 29.44 -1.12
C ILE C 348 12.14 29.61 -0.29
N LEU C 349 11.63 28.52 0.28
CA LEU C 349 10.42 28.58 1.09
C LEU C 349 10.63 29.44 2.34
N SER C 350 11.80 29.33 2.98
CA SER C 350 12.04 30.03 4.22
C SER C 350 12.22 31.54 4.04
N SER C 351 12.36 32.02 2.80
CA SER C 351 12.53 33.44 2.55
C SER C 351 11.25 34.14 2.14
N LEU C 352 10.15 33.41 1.94
CA LEU C 352 8.88 34.02 1.57
C LEU C 352 8.31 34.81 2.74
N SER C 353 7.74 35.98 2.44
CA SER C 353 7.14 36.81 3.47
C SER C 353 5.88 36.19 4.05
N THR C 354 5.19 35.33 3.29
CA THR C 354 3.97 34.72 3.79
C THR C 354 4.25 33.64 4.83
N PHE C 355 5.40 32.98 4.74
CA PHE C 355 5.73 31.86 5.63
C PHE C 355 6.03 32.31 7.06
N GLN C 356 6.23 33.62 7.28
CA GLN C 356 6.68 34.10 8.58
C GLN C 356 5.65 33.88 9.68
N GLN C 357 4.40 33.55 9.32
CA GLN C 357 3.35 33.32 10.29
C GLN C 357 3.05 31.83 10.49
N MET C 358 3.93 30.95 10.02
CA MET C 358 3.72 29.51 10.12
C MET C 358 4.79 28.86 10.99
N TRP C 359 5.50 29.65 11.79
CA TRP C 359 6.52 29.12 12.68
C TRP C 359 5.89 28.62 13.98
N ILE C 360 6.51 27.60 14.56
CA ILE C 360 6.12 27.08 15.86
C ILE C 360 6.95 27.81 16.92
N THR C 361 6.34 28.79 17.59
CA THR C 361 7.07 29.60 18.55
C THR C 361 7.27 28.84 19.86
N LYS C 362 8.14 29.40 20.71
CA LYS C 362 8.47 28.76 21.98
C LYS C 362 7.27 28.72 22.92
N GLU C 363 6.51 29.81 22.98
CA GLU C 363 5.37 29.88 23.89
C GLU C 363 4.29 28.87 23.52
N GLU C 364 4.02 28.70 22.22
CA GLU C 364 3.03 27.72 21.79
C GLU C 364 3.43 26.31 22.20
N TYR C 365 4.72 25.96 22.01
CA TYR C 365 5.19 24.64 22.42
C TYR C 365 5.10 24.49 23.93
N GLU C 366 5.47 25.53 24.68
CA GLU C 366 5.41 25.45 26.14
C GLU C 366 3.99 25.26 26.64
N ASP C 367 3.02 25.95 26.04
CA ASP C 367 1.64 25.85 26.46
C ASP C 367 0.95 24.58 25.97
N SER C 368 1.35 24.04 24.83
CA SER C 368 0.68 22.89 24.24
C SER C 368 1.45 21.58 24.38
N GLY C 369 2.78 21.62 24.34
CA GLY C 369 3.57 20.43 24.45
C GLY C 369 4.15 20.00 23.12
N PRO C 370 4.79 18.82 23.09
CA PRO C 370 5.42 18.35 21.85
C PRO C 370 4.41 17.86 20.82
N SER C 371 3.12 17.82 21.19
CA SER C 371 2.08 17.37 20.30
C SER C 371 1.57 18.45 19.36
N ILE C 372 2.06 19.68 19.49
CA ILE C 372 1.60 20.78 18.64
C ILE C 372 2.05 20.58 17.20
N VAL C 373 3.13 19.83 16.99
CA VAL C 373 3.70 19.68 15.66
C VAL C 373 2.78 18.93 14.71
N HIS C 374 1.76 18.24 15.23
CA HIS C 374 0.83 17.49 14.40
C HIS C 374 -0.27 18.36 13.82
N ARG C 375 -0.88 19.24 14.63
CA ARG C 375 -1.98 20.06 14.14
C ARG C 375 -1.53 21.22 13.27
N LYS C 376 -0.29 21.68 13.42
CA LYS C 376 0.19 22.81 12.62
C LYS C 376 0.92 22.35 11.37
N CYS C 377 1.95 21.53 11.55
CA CYS C 377 2.73 21.05 10.41
C CYS C 377 2.03 19.89 9.72
N PHE C 378 2.14 19.86 8.39
CA PHE C 378 1.56 18.78 7.60
C PHE C 378 2.53 17.62 7.47
N ALA D 7 -31.19 -36.02 -8.61
CA ALA D 7 -29.90 -35.35 -8.76
C ALA D 7 -29.83 -34.09 -7.91
N VAL D 8 -29.16 -34.20 -6.76
CA VAL D 8 -29.02 -33.04 -5.87
C VAL D 8 -28.10 -32.01 -6.52
N ALA D 9 -28.51 -30.74 -6.44
CA ALA D 9 -27.76 -29.67 -7.07
C ALA D 9 -26.61 -29.21 -6.19
N LEU D 10 -25.65 -28.54 -6.82
CA LEU D 10 -24.47 -28.00 -6.15
C LEU D 10 -24.63 -26.49 -6.02
N VAL D 11 -24.42 -25.97 -4.82
CA VAL D 11 -24.48 -24.53 -4.57
C VAL D 11 -23.06 -24.04 -4.40
N VAL D 12 -22.65 -23.11 -5.27
CA VAL D 12 -21.29 -22.59 -5.30
C VAL D 12 -21.41 -21.06 -5.27
N ASP D 13 -21.02 -20.45 -4.16
CA ASP D 13 -20.99 -19.00 -4.03
C ASP D 13 -19.54 -18.55 -4.20
N ASN D 14 -19.27 -17.84 -5.30
CA ASN D 14 -17.93 -17.36 -5.64
C ASN D 14 -17.81 -15.89 -5.26
N GLY D 15 -17.14 -15.63 -4.14
CA GLY D 15 -16.91 -14.27 -3.70
C GLY D 15 -15.59 -13.72 -4.19
N SER D 16 -15.23 -12.54 -3.66
CA SER D 16 -13.96 -11.93 -3.99
C SER D 16 -12.84 -12.33 -3.06
N GLY D 17 -13.16 -12.79 -1.85
CA GLY D 17 -12.14 -13.23 -0.91
C GLY D 17 -12.28 -14.67 -0.49
N MET D 18 -13.51 -15.19 -0.53
CA MET D 18 -13.78 -16.56 -0.10
C MET D 18 -14.66 -17.25 -1.13
N VAL D 19 -14.57 -18.58 -1.17
CA VAL D 19 -15.41 -19.41 -2.00
C VAL D 19 -16.12 -20.40 -1.10
N LYS D 20 -17.45 -20.43 -1.20
CA LYS D 20 -18.29 -21.36 -0.45
C LYS D 20 -18.89 -22.38 -1.42
N SER D 21 -18.98 -23.63 -0.99
CA SER D 21 -19.54 -24.67 -1.84
C SER D 21 -20.18 -25.75 -0.99
N GLY D 22 -21.24 -26.34 -1.52
CA GLY D 22 -21.92 -27.39 -0.79
C GLY D 22 -23.04 -28.00 -1.60
N LEU D 23 -23.77 -28.90 -0.95
CA LEU D 23 -24.90 -29.59 -1.54
C LEU D 23 -26.22 -28.94 -1.16
N ALA D 24 -27.16 -28.99 -2.09
CA ALA D 24 -28.49 -28.42 -1.85
C ALA D 24 -29.23 -29.25 -0.79
N GLY D 25 -29.96 -28.55 0.08
CA GLY D 25 -30.71 -29.15 1.15
C GLY D 25 -30.09 -28.95 2.52
N ASP D 26 -28.79 -28.70 2.58
CA ASP D 26 -28.12 -28.47 3.84
C ASP D 26 -28.25 -27.00 4.25
N ASP D 27 -28.01 -26.74 5.55
CA ASP D 27 -28.09 -25.39 6.09
C ASP D 27 -26.72 -24.82 6.44
N ALA D 28 -25.64 -25.46 6.00
CA ALA D 28 -24.29 -24.97 6.24
C ALA D 28 -23.38 -25.39 5.10
N PRO D 29 -22.58 -24.47 4.55
CA PRO D 29 -21.67 -24.85 3.47
C PRO D 29 -20.66 -25.88 3.93
N LYS D 30 -20.34 -26.81 3.04
CA LYS D 30 -19.42 -27.90 3.38
C LYS D 30 -17.97 -27.57 3.09
N CYS D 31 -17.68 -26.69 2.13
CA CYS D 31 -16.31 -26.35 1.78
C CYS D 31 -16.20 -24.84 1.63
N VAL D 32 -15.56 -24.19 2.58
CA VAL D 32 -15.31 -22.75 2.54
C VAL D 32 -13.80 -22.54 2.57
N PHE D 33 -13.28 -21.85 1.55
CA PHE D 33 -11.83 -21.67 1.49
C PHE D 33 -11.50 -20.39 0.74
N PRO D 34 -10.36 -19.76 1.02
CA PRO D 34 -10.02 -18.51 0.32
C PRO D 34 -9.77 -18.73 -1.16
N SER D 35 -10.01 -17.68 -1.93
CA SER D 35 -9.86 -17.69 -3.39
C SER D 35 -8.54 -17.02 -3.74
N ILE D 36 -7.46 -17.80 -3.68
CA ILE D 36 -6.12 -17.31 -4.00
C ILE D 36 -5.39 -18.37 -4.81
N VAL D 37 -4.51 -17.93 -5.70
CA VAL D 37 -3.63 -18.81 -6.46
C VAL D 37 -2.20 -18.44 -6.12
N GLY D 38 -1.43 -19.40 -5.63
CA GLY D 38 -0.06 -19.17 -5.19
C GLY D 38 0.93 -19.76 -6.17
N ARG D 39 2.02 -19.02 -6.41
CA ARG D 39 3.08 -19.48 -7.30
C ARG D 39 4.43 -19.28 -6.65
N PRO D 40 5.31 -20.28 -6.72
CA PRO D 40 6.62 -20.15 -6.06
C PRO D 40 7.50 -19.10 -6.70
N LYS D 41 8.36 -18.51 -5.88
CA LYS D 41 9.30 -17.49 -6.32
C LYS D 41 10.73 -17.81 -5.91
N MET D 42 11.01 -19.07 -5.60
CA MET D 42 12.34 -19.48 -5.16
C MET D 42 12.81 -20.70 -5.94
N PRO D 43 14.12 -20.89 -6.08
CA PRO D 43 14.61 -22.10 -6.79
C PRO D 43 14.43 -23.37 -5.97
N ASN D 44 14.07 -24.46 -6.66
CA ASN D 44 13.93 -25.76 -6.02
C ASN D 44 15.24 -26.53 -6.14
N ILE D 45 15.79 -26.94 -4.99
CA ILE D 45 17.09 -27.59 -4.94
C ILE D 45 16.98 -29.04 -4.47
N MET D 46 16.08 -29.32 -3.52
CA MET D 46 15.99 -30.65 -2.93
C MET D 46 15.38 -31.65 -3.90
N ILE D 47 16.22 -32.35 -4.65
CA ILE D 47 15.73 -33.38 -5.56
C ILE D 47 15.19 -34.56 -4.74
N GLY D 48 14.07 -35.12 -5.21
CA GLY D 48 13.44 -36.26 -4.57
C GLY D 48 12.07 -35.98 -4.01
N MET D 49 11.72 -34.70 -3.80
CA MET D 49 10.39 -34.32 -3.33
C MET D 49 9.62 -33.66 -4.46
N GLU D 50 8.35 -34.02 -4.58
CA GLU D 50 7.50 -33.51 -5.66
C GLU D 50 7.06 -32.08 -5.36
N GLN D 51 6.96 -31.28 -6.42
CA GLN D 51 6.54 -29.89 -6.32
C GLN D 51 5.46 -29.62 -7.35
N LYS D 52 4.61 -28.65 -7.06
CA LYS D 52 3.52 -28.26 -7.94
C LYS D 52 3.71 -26.83 -8.42
N GLU D 53 3.26 -26.57 -9.64
CA GLU D 53 3.41 -25.25 -10.25
C GLU D 53 2.57 -24.19 -9.56
N CYS D 54 1.36 -24.55 -9.11
CA CYS D 54 0.46 -23.58 -8.50
C CYS D 54 -0.29 -24.22 -7.35
N TYR D 55 -0.45 -23.48 -6.25
CA TYR D 55 -1.21 -23.93 -5.09
C TYR D 55 -2.49 -23.13 -5.01
N VAL D 56 -3.62 -23.83 -4.84
CA VAL D 56 -4.94 -23.23 -4.84
C VAL D 56 -5.62 -23.52 -3.52
N GLY D 57 -6.14 -22.48 -2.87
CA GLY D 57 -6.93 -22.64 -1.66
C GLY D 57 -6.07 -22.64 -0.41
N ASP D 58 -6.48 -23.43 0.59
CA ASP D 58 -5.78 -23.48 1.87
C ASP D 58 -4.32 -23.92 1.74
N GLU D 59 -4.02 -24.82 0.80
CA GLU D 59 -2.65 -25.24 0.59
C GLU D 59 -1.76 -24.13 0.04
N ALA D 60 -2.31 -22.95 -0.24
CA ALA D 60 -1.50 -21.80 -0.63
C ALA D 60 -1.47 -20.79 0.50
N GLN D 61 -2.37 -20.94 1.47
CA GLN D 61 -2.41 -20.06 2.63
C GLN D 61 -1.45 -20.52 3.73
N ASN D 62 -0.99 -21.77 3.70
CA ASN D 62 -0.08 -22.28 4.73
C ASN D 62 1.37 -22.09 4.30
N LYS D 63 1.66 -22.34 3.02
CA LYS D 63 3.01 -22.20 2.50
C LYS D 63 3.19 -20.86 1.80
N ARG D 64 2.47 -19.83 2.26
CA ARG D 64 2.51 -18.52 1.62
C ARG D 64 3.84 -17.81 1.81
N GLY D 65 4.72 -18.30 2.69
CA GLY D 65 6.01 -17.65 2.89
C GLY D 65 6.88 -17.67 1.66
N ILE D 66 6.78 -18.71 0.85
CA ILE D 66 7.58 -18.85 -0.36
C ILE D 66 6.77 -18.67 -1.63
N LEU D 67 5.55 -18.15 -1.53
CA LEU D 67 4.66 -18.00 -2.67
C LEU D 67 4.27 -16.55 -2.89
N THR D 68 3.91 -16.24 -4.13
CA THR D 68 3.26 -15.00 -4.50
C THR D 68 1.80 -15.34 -4.75
N LEU D 69 0.89 -14.58 -4.14
CA LEU D 69 -0.52 -14.88 -4.16
C LEU D 69 -1.27 -13.93 -5.09
N LYS D 70 -2.18 -14.47 -5.88
CA LYS D 70 -3.00 -13.70 -6.81
C LYS D 70 -4.47 -13.94 -6.51
N TYR D 71 -5.25 -12.85 -6.55
CA TYR D 71 -6.71 -12.93 -6.46
C TYR D 71 -7.29 -12.84 -7.85
N PRO D 72 -7.94 -13.88 -8.36
CA PRO D 72 -8.47 -13.83 -9.73
C PRO D 72 -9.76 -13.04 -9.89
N ILE D 73 -10.32 -12.52 -8.80
CA ILE D 73 -11.57 -11.77 -8.85
C ILE D 73 -11.34 -10.41 -8.19
N GLU D 74 -11.67 -9.35 -8.91
CA GLU D 74 -11.56 -8.00 -8.37
C GLU D 74 -12.87 -7.22 -8.57
N HIC D 75 -13.49 -6.86 -7.46
CA HIC D 75 -14.73 -6.09 -7.46
C HIC D 75 -15.84 -6.88 -8.16
O HIC D 75 -16.66 -6.40 -8.93
CB HIC D 75 -14.63 -4.72 -8.16
CG HIC D 75 -13.56 -3.89 -7.59
ND1 HIC D 75 -13.53 -3.43 -6.26
CD2 HIC D 75 -12.42 -3.44 -8.28
CE1 HIC D 75 -12.39 -2.72 -6.16
NE2 HIC D 75 -11.68 -2.69 -7.36
CZ HIC D 75 -10.44 -2.04 -7.62
N GLY D 76 -15.84 -8.18 -7.87
CA GLY D 76 -16.87 -9.08 -8.38
C GLY D 76 -16.76 -9.39 -9.86
N ILE D 77 -15.62 -9.04 -10.46
CA ILE D 77 -15.37 -9.26 -11.87
C ILE D 77 -14.16 -10.15 -12.03
N VAL D 78 -14.29 -11.22 -12.81
CA VAL D 78 -13.18 -12.14 -13.05
C VAL D 78 -12.16 -11.45 -13.95
N THR D 79 -10.93 -11.31 -13.46
CA THR D 79 -9.86 -10.69 -14.23
C THR D 79 -9.05 -11.73 -15.01
N ASN D 80 -8.68 -12.83 -14.36
CA ASN D 80 -7.94 -13.91 -15.00
C ASN D 80 -8.83 -15.15 -15.02
N TRP D 81 -9.05 -15.71 -16.21
CA TRP D 81 -9.96 -16.84 -16.34
C TRP D 81 -9.26 -18.17 -16.11
N ASP D 82 -7.97 -18.26 -16.38
CA ASP D 82 -7.24 -19.50 -16.13
C ASP D 82 -7.21 -19.83 -14.64
N ASP D 83 -6.96 -18.81 -13.81
CA ASP D 83 -6.98 -19.02 -12.37
C ASP D 83 -8.37 -19.40 -11.87
N MET D 84 -9.42 -18.79 -12.44
CA MET D 84 -10.77 -19.15 -12.03
C MET D 84 -11.10 -20.58 -12.44
N GLU D 85 -10.63 -21.02 -13.62
CA GLU D 85 -10.81 -22.40 -14.02
C GLU D 85 -10.09 -23.34 -13.06
N LYS D 86 -8.88 -22.99 -12.65
CA LYS D 86 -8.16 -23.81 -11.67
C LYS D 86 -8.92 -23.88 -10.36
N ILE D 87 -9.45 -22.75 -9.90
CA ILE D 87 -10.19 -22.73 -8.64
C ILE D 87 -11.46 -23.58 -8.73
N TRP D 88 -12.18 -23.48 -9.84
CA TRP D 88 -13.38 -24.30 -10.02
C TRP D 88 -13.03 -25.79 -10.07
N HIS D 89 -11.94 -26.13 -10.75
CA HIS D 89 -11.52 -27.53 -10.80
C HIS D 89 -11.16 -28.04 -9.40
N HIS D 90 -10.45 -27.22 -8.62
CA HIS D 90 -10.11 -27.59 -7.25
C HIS D 90 -11.37 -27.77 -6.41
N THR D 91 -12.34 -26.87 -6.57
CA THR D 91 -13.58 -26.97 -5.82
C THR D 91 -14.34 -28.24 -6.17
N PHE D 92 -14.42 -28.57 -7.47
CA PHE D 92 -15.24 -29.70 -7.89
C PHE D 92 -14.58 -31.03 -7.56
N TYR D 93 -13.26 -31.15 -7.76
CA TYR D 93 -12.60 -32.45 -7.67
C TYR D 93 -11.80 -32.65 -6.40
N ASN D 94 -11.41 -31.59 -5.70
CA ASN D 94 -10.59 -31.73 -4.49
C ASN D 94 -11.33 -31.42 -3.20
N GLU D 95 -12.40 -30.62 -3.25
CA GLU D 95 -13.15 -30.26 -2.06
C GLU D 95 -14.40 -31.10 -1.88
N LEU D 96 -15.28 -31.13 -2.88
CA LEU D 96 -16.50 -31.94 -2.81
C LEU D 96 -16.29 -33.35 -3.30
N ARG D 97 -15.35 -33.56 -4.23
CA ARG D 97 -15.09 -34.87 -4.83
CA ARG D 97 -15.08 -34.87 -4.82
C ARG D 97 -16.34 -35.50 -5.41
N VAL D 98 -17.14 -34.69 -6.13
CA VAL D 98 -18.33 -35.15 -6.83
C VAL D 98 -18.21 -34.75 -8.28
N SER D 99 -18.58 -35.65 -9.18
CA SER D 99 -18.46 -35.39 -10.61
C SER D 99 -19.43 -34.29 -11.02
N PRO D 100 -18.95 -33.21 -11.66
CA PRO D 100 -19.87 -32.12 -12.04
C PRO D 100 -20.68 -32.45 -13.27
N GLU D 101 -20.49 -33.65 -13.82
CA GLU D 101 -21.21 -34.10 -15.00
C GLU D 101 -22.54 -34.77 -14.65
N GLU D 102 -22.92 -34.79 -13.38
CA GLU D 102 -24.16 -35.43 -12.95
C GLU D 102 -25.02 -34.52 -12.07
N HIS D 103 -24.50 -33.37 -11.66
CA HIS D 103 -25.22 -32.49 -10.74
C HIS D 103 -25.42 -31.12 -11.39
N PRO D 104 -26.63 -30.55 -11.31
CA PRO D 104 -26.80 -29.16 -11.75
C PRO D 104 -26.08 -28.20 -10.82
N VAL D 105 -25.64 -27.08 -11.38
CA VAL D 105 -24.84 -26.09 -10.68
C VAL D 105 -25.62 -24.78 -10.61
N LEU D 106 -25.68 -24.20 -9.41
CA LEU D 106 -26.31 -22.91 -9.19
C LEU D 106 -25.23 -21.90 -8.82
N LEU D 107 -25.10 -20.86 -9.63
CA LEU D 107 -24.09 -19.83 -9.43
C LEU D 107 -24.72 -18.52 -8.98
N THR D 108 -23.88 -17.63 -8.44
CA THR D 108 -24.31 -16.33 -7.96
C THR D 108 -23.47 -15.24 -8.60
N GLU D 109 -24.02 -14.04 -8.64
CA GLU D 109 -23.34 -12.90 -9.25
C GLU D 109 -23.90 -11.61 -8.67
N ALA D 110 -23.03 -10.59 -8.61
CA ALA D 110 -23.45 -9.28 -8.16
C ALA D 110 -24.23 -8.55 -9.24
N PRO D 111 -25.16 -7.66 -8.85
CA PRO D 111 -25.93 -6.92 -9.85
C PRO D 111 -25.09 -5.86 -10.54
N LEU D 112 -25.57 -5.44 -11.71
CA LEU D 112 -24.94 -4.39 -12.51
C LEU D 112 -23.53 -4.78 -12.94
N ASN D 113 -23.38 -6.00 -13.42
CA ASN D 113 -22.12 -6.52 -13.92
C ASN D 113 -22.14 -6.65 -15.44
N PRO D 114 -20.97 -6.61 -16.09
CA PRO D 114 -20.94 -6.75 -17.55
C PRO D 114 -21.50 -8.09 -18.01
N LYS D 115 -22.10 -8.06 -19.20
CA LYS D 115 -22.72 -9.25 -19.77
C LYS D 115 -21.68 -10.29 -20.16
N THR D 116 -20.51 -9.85 -20.62
CA THR D 116 -19.46 -10.77 -21.02
C THR D 116 -19.02 -11.69 -19.88
N ASN D 117 -19.07 -11.20 -18.64
CA ASN D 117 -18.75 -12.05 -17.50
C ASN D 117 -19.69 -13.25 -17.44
N ARG D 118 -21.00 -12.99 -17.51
CA ARG D 118 -21.98 -14.07 -17.49
C ARG D 118 -21.83 -14.99 -18.69
N GLU D 119 -21.58 -14.42 -19.88
CA GLU D 119 -21.44 -15.24 -21.07
C GLU D 119 -20.23 -16.18 -20.96
N LYS D 120 -19.09 -15.65 -20.51
CA LYS D 120 -17.89 -16.47 -20.34
C LYS D 120 -18.09 -17.52 -19.26
N MET D 121 -18.76 -17.15 -18.16
CA MET D 121 -19.02 -18.12 -17.09
C MET D 121 -19.87 -19.27 -17.61
N THR D 122 -20.93 -18.96 -18.37
CA THR D 122 -21.77 -20.01 -18.94
C THR D 122 -20.99 -20.87 -19.93
N GLN D 123 -20.18 -20.24 -20.78
CA GLN D 123 -19.42 -20.99 -21.76
C GLN D 123 -18.44 -21.94 -21.08
N ILE D 124 -17.76 -21.48 -20.03
CA ILE D 124 -16.82 -22.34 -19.31
C ILE D 124 -17.56 -23.47 -18.61
N MET D 125 -18.68 -23.16 -17.96
CA MET D 125 -19.42 -24.20 -17.23
C MET D 125 -20.01 -25.24 -18.17
N PHE D 126 -20.29 -24.87 -19.41
CA PHE D 126 -20.93 -25.81 -20.33
C PHE D 126 -19.97 -26.54 -21.26
N GLU D 127 -18.82 -25.94 -21.59
CA GLU D 127 -17.89 -26.59 -22.51
C GLU D 127 -16.82 -27.39 -21.80
N THR D 128 -16.28 -26.89 -20.68
CA THR D 128 -15.21 -27.59 -19.99
C THR D 128 -15.75 -28.69 -19.09
N PHE D 129 -16.58 -28.33 -18.11
CA PHE D 129 -17.08 -29.30 -17.16
C PHE D 129 -18.27 -30.08 -17.70
N ASP D 130 -19.01 -29.52 -18.66
CA ASP D 130 -20.15 -30.18 -19.30
C ASP D 130 -21.20 -30.60 -18.26
N VAL D 131 -21.69 -29.59 -17.52
CA VAL D 131 -22.73 -29.81 -16.52
C VAL D 131 -24.06 -30.00 -17.26
N PRO D 132 -25.01 -30.75 -16.68
CA PRO D 132 -26.31 -30.92 -17.35
C PRO D 132 -27.11 -29.63 -17.41
N ALA D 133 -27.26 -28.96 -16.27
CA ALA D 133 -28.02 -27.71 -16.20
C ALA D 133 -27.28 -26.72 -15.31
N MET D 134 -27.58 -25.43 -15.51
CA MET D 134 -26.97 -24.38 -14.71
C MET D 134 -27.94 -23.22 -14.59
N TYR D 135 -27.65 -22.32 -13.65
CA TYR D 135 -28.48 -21.15 -13.42
C TYR D 135 -27.66 -20.11 -12.68
N VAL D 136 -27.90 -18.83 -12.98
CA VAL D 136 -27.22 -17.70 -12.36
C VAL D 136 -28.27 -16.80 -11.73
N SER D 137 -28.06 -16.42 -10.47
CA SER D 137 -29.00 -15.59 -9.74
C SER D 137 -28.25 -14.48 -9.00
N ILE D 138 -29.01 -13.45 -8.62
CA ILE D 138 -28.43 -12.33 -7.87
C ILE D 138 -28.33 -12.72 -6.39
N GLN D 139 -27.32 -12.15 -5.72
CA GLN D 139 -27.02 -12.50 -4.34
C GLN D 139 -28.03 -11.93 -3.35
N ALA D 140 -28.50 -10.70 -3.58
CA ALA D 140 -29.45 -10.10 -2.65
C ALA D 140 -30.77 -10.86 -2.62
N ILE D 141 -31.21 -11.40 -3.76
CA ILE D 141 -32.42 -12.19 -3.79
C ILE D 141 -32.27 -13.43 -2.93
N LEU D 142 -31.12 -14.10 -3.03
CA LEU D 142 -30.88 -15.28 -2.20
C LEU D 142 -30.78 -14.92 -0.73
N SER D 143 -30.19 -13.77 -0.43
CA SER D 143 -30.13 -13.31 0.95
C SER D 143 -31.51 -13.07 1.53
N LEU D 144 -32.42 -12.51 0.73
CA LEU D 144 -33.80 -12.33 1.18
C LEU D 144 -34.52 -13.66 1.29
N TYR D 145 -34.23 -14.60 0.39
CA TYR D 145 -34.78 -15.95 0.49
C TYR D 145 -34.39 -16.60 1.81
N ALA D 146 -33.13 -16.45 2.21
CA ALA D 146 -32.63 -17.08 3.43
C ALA D 146 -33.32 -16.56 4.68
N SER D 147 -33.89 -15.36 4.65
CA SER D 147 -34.55 -14.77 5.81
C SER D 147 -36.02 -15.15 5.92
N GLY D 148 -36.58 -15.83 4.92
CA GLY D 148 -37.98 -16.21 4.96
C GLY D 148 -38.95 -15.06 4.87
N ARG D 149 -38.60 -14.00 4.14
CA ARG D 149 -39.45 -12.83 3.97
C ARG D 149 -39.69 -12.58 2.49
N THR D 150 -40.50 -11.56 2.20
CA THR D 150 -40.75 -11.13 0.83
C THR D 150 -40.63 -9.64 0.63
N THR D 151 -40.58 -8.84 1.69
CA THR D 151 -40.47 -7.39 1.59
C THR D 151 -39.31 -6.92 2.44
N GLY D 152 -38.43 -6.11 1.85
CA GLY D 152 -37.30 -5.56 2.57
C GLY D 152 -36.26 -5.04 1.63
N ILE D 153 -35.31 -4.31 2.21
CA ILE D 153 -34.16 -3.77 1.49
C ILE D 153 -32.92 -4.51 1.98
N VAL D 154 -32.17 -5.10 1.06
CA VAL D 154 -31.02 -5.93 1.38
C VAL D 154 -29.75 -5.12 1.14
N LEU D 155 -28.90 -5.04 2.15
CA LEU D 155 -27.60 -4.38 2.09
C LEU D 155 -26.53 -5.45 2.19
N ASP D 156 -26.00 -5.87 1.05
CA ASP D 156 -24.95 -6.88 1.01
C ASP D 156 -23.60 -6.20 0.88
N SER D 157 -22.62 -6.70 1.62
CA SER D 157 -21.27 -6.11 1.62
C SER D 157 -20.27 -7.23 1.85
N GLY D 158 -19.46 -7.53 0.83
CA GLY D 158 -18.49 -8.59 0.93
C GLY D 158 -17.06 -8.12 0.96
N ASP D 159 -16.23 -8.61 0.04
CA ASP D 159 -14.82 -8.26 0.00
C ASP D 159 -14.46 -7.32 -1.14
N GLY D 160 -15.28 -7.24 -2.19
CA GLY D 160 -14.96 -6.39 -3.31
C GLY D 160 -15.99 -5.34 -3.68
N VAL D 161 -17.26 -5.59 -3.33
CA VAL D 161 -18.35 -4.72 -3.75
C VAL D 161 -19.46 -4.80 -2.71
N SER D 162 -20.13 -3.67 -2.49
CA SER D 162 -21.28 -3.59 -1.59
C SER D 162 -22.44 -2.97 -2.33
N HIS D 163 -23.60 -3.63 -2.27
CA HIS D 163 -24.78 -3.19 -3.02
C HIS D 163 -26.04 -3.30 -2.18
N THR D 164 -26.99 -2.42 -2.48
CA THR D 164 -28.29 -2.41 -1.83
C THR D 164 -29.39 -2.58 -2.87
N VAL D 165 -30.34 -3.46 -2.56
CA VAL D 165 -31.44 -3.80 -3.47
C VAL D 165 -32.75 -3.85 -2.69
N PRO D 166 -33.77 -3.07 -3.08
CA PRO D 166 -35.08 -3.19 -2.44
C PRO D 166 -36.00 -4.16 -3.18
N ILE D 167 -36.80 -4.89 -2.41
CA ILE D 167 -37.78 -5.84 -2.94
C ILE D 167 -39.07 -5.67 -2.17
N TYR D 168 -40.19 -5.57 -2.88
CA TYR D 168 -41.49 -5.36 -2.26
C TYR D 168 -42.47 -6.44 -2.75
N GLU D 169 -42.78 -7.40 -1.87
CA GLU D 169 -43.78 -8.42 -2.12
C GLU D 169 -43.49 -9.20 -3.40
N GLY D 170 -42.22 -9.58 -3.56
CA GLY D 170 -41.81 -10.40 -4.67
C GLY D 170 -41.44 -9.66 -5.94
N TYR D 171 -41.59 -8.34 -5.96
CA TYR D 171 -41.25 -7.53 -7.12
C TYR D 171 -40.04 -6.67 -6.82
N VAL D 172 -39.01 -6.77 -7.66
CA VAL D 172 -37.80 -5.98 -7.50
C VAL D 172 -37.95 -4.67 -8.26
N LEU D 173 -37.31 -3.61 -7.75
CA LEU D 173 -37.32 -2.30 -8.37
C LEU D 173 -35.93 -2.00 -8.91
N PRO D 174 -35.65 -2.32 -10.18
CA PRO D 174 -34.28 -2.16 -10.69
C PRO D 174 -33.82 -0.72 -10.75
N HIS D 175 -34.72 0.26 -10.74
CA HIS D 175 -34.29 1.65 -10.80
C HIS D 175 -33.81 2.16 -9.45
N ALA D 176 -33.97 1.37 -8.39
CA ALA D 176 -33.56 1.76 -7.05
C ALA D 176 -32.42 0.90 -6.52
N ILE D 177 -31.71 0.20 -7.39
CA ILE D 177 -30.61 -0.67 -6.99
C ILE D 177 -29.33 0.15 -7.02
N ASN D 178 -28.57 0.12 -5.92
CA ASN D 178 -27.30 0.84 -5.87
C ASN D 178 -26.15 -0.12 -5.61
N ARG D 179 -24.98 0.24 -6.12
CA ARG D 179 -23.79 -0.60 -6.02
C ARG D 179 -22.55 0.29 -5.97
N ILE D 180 -21.72 0.10 -4.95
CA ILE D 180 -20.47 0.84 -4.81
C ILE D 180 -19.33 -0.15 -4.56
N ASP D 181 -18.12 0.26 -4.95
CA ASP D 181 -16.94 -0.58 -4.80
C ASP D 181 -16.15 -0.09 -3.59
N MET D 182 -16.56 -0.58 -2.41
CA MET D 182 -15.89 -0.24 -1.16
C MET D 182 -16.20 -1.34 -0.16
N ALA D 183 -15.18 -2.12 0.20
CA ALA D 183 -15.41 -3.30 1.03
C ALA D 183 -14.22 -3.61 1.92
N GLY D 184 -14.17 -4.85 2.42
CA GLY D 184 -13.16 -5.22 3.41
C GLY D 184 -11.73 -5.07 2.94
N ARG D 185 -11.50 -5.15 1.62
CA ARG D 185 -10.14 -4.98 1.12
C ARG D 185 -9.66 -3.54 1.30
N ASP D 186 -10.54 -2.57 1.03
CA ASP D 186 -10.20 -1.18 1.30
C ASP D 186 -9.99 -0.93 2.78
N LEU D 187 -10.78 -1.59 3.64
CA LEU D 187 -10.56 -1.47 5.07
C LEU D 187 -9.22 -2.08 5.48
N THR D 188 -8.81 -3.18 4.85
CA THR D 188 -7.50 -3.76 5.11
C THR D 188 -6.39 -2.79 4.73
N TYR D 189 -6.52 -2.15 3.57
CA TYR D 189 -5.52 -1.17 3.15
C TYR D 189 -5.49 0.02 4.11
N HIS D 190 -6.66 0.47 4.57
CA HIS D 190 -6.71 1.57 5.53
C HIS D 190 -6.06 1.18 6.85
N MET D 191 -6.28 -0.06 7.29
CA MET D 191 -5.63 -0.55 8.51
C MET D 191 -4.12 -0.60 8.35
N MET D 192 -3.65 -1.04 7.18
CA MET D 192 -2.22 -1.06 6.91
C MET D 192 -1.64 0.34 6.95
N LYS D 193 -2.35 1.32 6.38
CA LYS D 193 -1.90 2.70 6.43
C LYS D 193 -1.89 3.24 7.86
N LEU D 194 -2.89 2.89 8.67
CA LEU D 194 -2.94 3.35 10.04
C LEU D 194 -1.85 2.74 10.91
N PHE D 195 -1.49 1.48 10.66
CA PHE D 195 -0.41 0.84 11.41
C PHE D 195 0.93 1.51 11.20
N THR D 196 1.12 2.23 10.10
CA THR D 196 2.38 2.91 9.85
C THR D 196 2.65 4.00 10.89
N GLU D 197 1.60 4.66 11.37
CA GLU D 197 1.77 5.75 12.33
C GLU D 197 2.33 5.29 13.66
N ARG D 198 2.22 4.00 13.98
CA ARG D 198 2.77 3.47 15.21
C ARG D 198 4.17 2.88 15.03
N GLY D 199 4.68 2.83 13.82
CA GLY D 199 5.98 2.28 13.54
C GLY D 199 6.01 0.88 12.94
N HIS D 200 4.87 0.36 12.50
CA HIS D 200 4.79 -0.98 11.93
C HIS D 200 4.46 -0.88 10.45
N THR D 201 5.17 -1.66 9.64
CA THR D 201 5.05 -1.60 8.18
C THR D 201 4.72 -3.00 7.65
N PHE D 202 3.65 -3.09 6.87
CA PHE D 202 3.27 -4.32 6.19
C PHE D 202 3.20 -4.04 4.69
N THR D 203 3.99 -4.78 3.91
CA THR D 203 4.07 -4.55 2.47
C THR D 203 3.76 -5.79 1.64
N THR D 204 4.23 -6.97 2.05
CA THR D 204 4.05 -8.16 1.25
C THR D 204 2.63 -8.71 1.41
N THR D 205 2.31 -9.73 0.60
CA THR D 205 0.98 -10.31 0.62
C THR D 205 0.70 -11.04 1.92
N ALA D 206 1.68 -11.78 2.44
CA ALA D 206 1.50 -12.46 3.72
C ALA D 206 1.27 -11.47 4.84
N GLU D 207 1.97 -10.34 4.81
CA GLU D 207 1.71 -9.27 5.77
C GLU D 207 0.30 -8.71 5.60
N ARG D 208 -0.20 -8.64 4.37
CA ARG D 208 -1.59 -8.22 4.16
CA ARG D 208 -1.58 -8.21 4.16
C ARG D 208 -2.56 -9.20 4.79
N GLU D 209 -2.29 -10.50 4.67
CA GLU D 209 -3.15 -11.51 5.30
C GLU D 209 -3.12 -11.38 6.82
N ILE D 210 -1.93 -11.10 7.37
CA ILE D 210 -1.81 -10.90 8.81
C ILE D 210 -2.63 -9.69 9.26
N VAL D 211 -2.55 -8.60 8.50
CA VAL D 211 -3.33 -7.41 8.84
C VAL D 211 -4.83 -7.69 8.72
N ARG D 212 -5.21 -8.48 7.71
CA ARG D 212 -6.61 -8.86 7.57
C ARG D 212 -7.10 -9.66 8.77
N ASP D 213 -6.27 -10.59 9.26
CA ASP D 213 -6.64 -11.36 10.44
C ASP D 213 -6.75 -10.46 11.67
N ILE D 214 -5.81 -9.51 11.82
CA ILE D 214 -5.87 -8.57 12.93
C ILE D 214 -7.17 -7.77 12.87
N LYS D 215 -7.54 -7.31 11.68
CA LYS D 215 -8.79 -6.56 11.52
C LYS D 215 -10.00 -7.42 11.86
N GLU D 216 -10.01 -8.67 11.40
CA GLU D 216 -11.13 -9.56 11.69
C GLU D 216 -11.23 -9.87 13.18
N LYS D 217 -10.12 -9.83 13.91
CA LYS D 217 -10.13 -10.20 15.33
C LYS D 217 -10.39 -9.04 16.27
N LEU D 218 -9.75 -7.88 16.04
CA LEU D 218 -9.71 -6.82 17.04
C LEU D 218 -10.39 -5.53 16.62
N CYS D 219 -11.39 -5.58 15.74
CA CYS D 219 -12.07 -4.38 15.29
C CYS D 219 -13.52 -4.32 15.79
N TYR D 220 -13.99 -3.10 16.03
CA TYR D 220 -15.37 -2.87 16.42
C TYR D 220 -15.74 -1.45 16.00
N ILE D 221 -17.04 -1.17 16.01
CA ILE D 221 -17.58 0.11 15.54
C ILE D 221 -18.06 0.90 16.75
N ALA D 222 -17.63 2.16 16.83
CA ALA D 222 -17.97 3.02 17.96
C ALA D 222 -19.29 3.74 17.70
N MET D 223 -20.02 4.02 18.79
CA MET D 223 -21.29 4.71 18.67
C MET D 223 -21.09 6.20 18.39
N ASP D 224 -20.13 6.84 19.07
CA ASP D 224 -19.86 8.27 18.91
C ASP D 224 -18.39 8.43 18.59
N TYR D 225 -18.09 8.83 17.35
CA TYR D 225 -16.70 8.84 16.89
C TYR D 225 -15.88 9.94 17.57
N ASP D 226 -16.44 11.15 17.65
CA ASP D 226 -15.68 12.27 18.19
C ASP D 226 -15.34 12.06 19.66
N GLU D 227 -16.32 11.58 20.44
CA GLU D 227 -16.07 11.32 21.86
CA GLU D 227 -16.05 11.34 21.86
C GLU D 227 -15.07 10.19 22.04
N GLU D 228 -15.12 9.19 21.17
CA GLU D 228 -14.13 8.11 21.26
C GLU D 228 -12.73 8.61 20.94
N LEU D 229 -12.59 9.48 19.95
CA LEU D 229 -11.29 10.08 19.67
C LEU D 229 -10.80 10.92 20.85
N LYS D 230 -11.71 11.67 21.47
CA LYS D 230 -11.32 12.46 22.65
C LYS D 230 -10.89 11.54 23.81
N ARG D 231 -11.60 10.43 24.01
CA ARG D 231 -11.27 9.51 25.08
C ARG D 231 -9.96 8.78 24.82
N SER D 232 -9.62 8.58 23.54
CA SER D 232 -8.37 7.91 23.18
C SER D 232 -7.13 8.76 23.49
N GLU D 233 -7.30 9.90 24.13
CA GLU D 233 -6.18 10.73 24.55
C GLU D 233 -6.04 10.78 26.07
N GLU D 234 -7.12 11.12 26.78
CA GLU D 234 -7.07 11.13 28.24
C GLU D 234 -6.83 9.74 28.82
N HIS D 235 -7.54 8.73 28.31
CA HIS D 235 -7.36 7.36 28.77
C HIS D 235 -7.36 6.39 27.60
N SER D 236 -6.20 6.13 27.02
CA SER D 236 -6.08 5.18 25.92
C SER D 236 -5.85 3.76 26.39
N ASP D 237 -5.56 3.55 27.67
CA ASP D 237 -5.23 2.22 28.16
C ASP D 237 -6.43 1.28 28.18
N GLU D 238 -7.65 1.80 28.12
CA GLU D 238 -8.83 0.95 28.20
C GLU D 238 -9.09 0.21 26.89
N ILE D 239 -8.54 0.71 25.78
CA ILE D 239 -8.75 0.10 24.48
C ILE D 239 -7.50 -0.58 23.93
N GLU D 240 -6.45 -0.71 24.74
CA GLU D 240 -5.21 -1.32 24.28
C GLU D 240 -5.36 -2.84 24.25
N GLU D 241 -4.86 -3.47 23.19
CA GLU D 241 -4.83 -4.92 23.08
C GLU D 241 -3.46 -5.34 22.56
N ILE D 242 -3.07 -6.57 22.90
CA ILE D 242 -1.80 -7.12 22.48
C ILE D 242 -2.06 -8.29 21.54
N TYR D 243 -1.41 -8.28 20.38
CA TYR D 243 -1.58 -9.32 19.39
C TYR D 243 -0.23 -9.97 19.12
N GLU D 244 -0.22 -11.31 19.08
CA GLU D 244 1.03 -12.05 18.91
C GLU D 244 1.24 -12.32 17.41
N LEU D 245 2.31 -11.76 16.86
CA LEU D 245 2.66 -12.01 15.48
C LEU D 245 3.09 -13.46 15.29
N PRO D 246 3.01 -13.99 14.07
CA PRO D 246 3.35 -15.40 13.85
C PRO D 246 4.79 -15.75 14.21
N ASP D 247 5.69 -14.77 14.18
CA ASP D 247 7.08 -15.00 14.50
C ASP D 247 7.40 -14.80 15.98
N GLY D 248 6.39 -14.52 16.80
CA GLY D 248 6.55 -14.40 18.23
C GLY D 248 6.55 -12.97 18.77
N ASN D 249 6.66 -11.98 17.89
CA ASN D 249 6.65 -10.59 18.34
C ASN D 249 5.24 -10.18 18.76
N LEU D 250 5.17 -9.14 19.58
CA LEU D 250 3.92 -8.61 20.11
C LEU D 250 3.69 -7.20 19.57
N ILE D 251 2.49 -6.95 19.07
CA ILE D 251 2.11 -5.65 18.54
C ILE D 251 0.95 -5.10 19.35
N THR D 252 0.99 -3.81 19.64
CA THR D 252 -0.03 -3.16 20.45
C THR D 252 -1.02 -2.45 19.53
N VAL D 253 -2.30 -2.81 19.65
CA VAL D 253 -3.38 -2.21 18.87
C VAL D 253 -4.19 -1.32 19.80
N GLY D 254 -4.26 -0.04 19.49
CA GLY D 254 -4.96 0.92 20.32
C GLY D 254 -6.21 1.51 19.70
N SER D 255 -6.10 2.74 19.21
CA SER D 255 -7.26 3.42 18.63
C SER D 255 -7.68 2.79 17.31
N GLU D 256 -6.73 2.19 16.57
CA GLU D 256 -7.04 1.60 15.27
C GLU D 256 -8.13 0.53 15.35
N ARG D 257 -8.53 0.11 16.55
CA ARG D 257 -9.64 -0.82 16.69
C ARG D 257 -10.95 -0.24 16.20
N PHE D 258 -11.12 1.09 16.24
CA PHE D 258 -12.37 1.70 15.83
C PHE D 258 -12.21 2.77 14.75
N ARG D 259 -10.98 3.10 14.35
CA ARG D 259 -10.77 4.02 13.24
C ARG D 259 -10.71 3.31 11.90
N CYS D 260 -10.61 1.98 11.89
CA CYS D 260 -10.60 1.25 10.61
C CYS D 260 -12.01 1.10 10.04
N PRO D 261 -12.99 0.56 10.76
CA PRO D 261 -14.33 0.41 10.18
C PRO D 261 -15.07 1.72 9.97
N GLU D 262 -14.58 2.83 10.54
CA GLU D 262 -15.26 4.11 10.40
C GLU D 262 -15.31 4.57 8.95
N ALA D 263 -14.47 4.03 8.08
CA ALA D 263 -14.53 4.35 6.67
C ALA D 263 -15.79 3.83 6.01
N LEU D 264 -16.57 2.95 6.65
CA LEU D 264 -17.85 2.54 6.08
C LEU D 264 -18.88 3.66 6.12
N PHE D 265 -18.85 4.48 7.17
CA PHE D 265 -19.78 5.59 7.31
C PHE D 265 -19.18 6.93 6.93
N ASN D 266 -17.96 6.93 6.40
CA ASN D 266 -17.28 8.15 5.98
C ASN D 266 -16.18 7.79 4.97
N PRO D 267 -16.53 7.57 3.71
CA PRO D 267 -15.51 7.13 2.74
C PRO D 267 -14.52 8.22 2.37
N THR D 268 -14.68 9.42 2.94
CA THR D 268 -13.73 10.48 2.68
C THR D 268 -12.41 10.24 3.39
N LEU D 269 -12.41 9.40 4.44
CA LEU D 269 -11.17 9.09 5.14
C LEU D 269 -10.19 8.36 4.23
N ILE D 270 -10.69 7.41 3.42
CA ILE D 270 -9.83 6.67 2.52
C ILE D 270 -9.62 7.39 1.20
N GLY D 271 -10.24 8.55 1.00
CA GLY D 271 -10.07 9.33 -0.20
C GLY D 271 -11.10 9.11 -1.29
N ARG D 272 -12.26 8.56 -0.95
CA ARG D 272 -13.31 8.29 -1.93
C ARG D 272 -14.45 9.30 -1.77
N GLU D 273 -15.06 9.65 -2.90
CA GLU D 273 -16.16 10.59 -2.94
C GLU D 273 -17.53 9.92 -2.80
N CYS D 274 -17.58 8.59 -2.81
CA CYS D 274 -18.85 7.88 -2.70
C CYS D 274 -19.49 8.14 -1.34
N PRO D 275 -20.81 8.12 -1.27
CA PRO D 275 -21.50 8.32 0.01
C PRO D 275 -21.39 7.11 0.91
N GLY D 276 -21.71 7.32 2.18
CA GLY D 276 -21.61 6.28 3.18
C GLY D 276 -22.65 5.19 2.97
N LEU D 277 -22.76 4.33 3.99
CA LEU D 277 -23.68 3.20 3.93
C LEU D 277 -25.10 3.61 4.27
N HIS D 278 -25.29 4.35 5.37
CA HIS D 278 -26.63 4.82 5.73
C HIS D 278 -27.18 5.77 4.68
N ILE D 279 -26.33 6.65 4.13
CA ILE D 279 -26.76 7.56 3.08
C ILE D 279 -27.19 6.78 1.85
N THR D 280 -26.41 5.76 1.49
CA THR D 280 -26.76 4.94 0.32
C THR D 280 -28.09 4.22 0.53
N ALA D 281 -28.30 3.66 1.73
CA ALA D 281 -29.57 2.98 2.02
C ALA D 281 -30.73 3.97 1.96
N TYR D 282 -30.56 5.16 2.53
CA TYR D 282 -31.62 6.14 2.52
C TYR D 282 -31.95 6.59 1.10
N GLN D 283 -30.92 6.85 0.28
CA GLN D 283 -31.15 7.26 -1.09
C GLN D 283 -31.77 6.14 -1.93
N SER D 284 -31.47 4.87 -1.61
CA SER D 284 -32.13 3.77 -2.29
C SER D 284 -33.57 3.61 -1.87
N ILE D 285 -33.91 3.93 -0.62
CA ILE D 285 -35.30 3.89 -0.18
C ILE D 285 -36.09 5.04 -0.82
N MET D 286 -35.50 6.23 -0.88
CA MET D 286 -36.19 7.42 -1.40
C MET D 286 -36.42 7.38 -2.90
N LYS D 287 -35.87 6.43 -3.67
CA LYS D 287 -36.15 6.33 -5.09
C LYS D 287 -37.29 5.37 -5.39
N CYS D 288 -37.95 4.84 -4.35
CA CYS D 288 -39.11 3.98 -4.51
C CYS D 288 -40.38 4.80 -4.35
N ASP D 289 -41.52 4.16 -4.60
CA ASP D 289 -42.80 4.85 -4.48
C ASP D 289 -43.13 5.16 -3.02
N ILE D 290 -43.90 6.22 -2.83
CA ILE D 290 -44.16 6.75 -1.48
C ILE D 290 -44.91 5.74 -0.62
N ASP D 291 -45.67 4.85 -1.23
CA ASP D 291 -46.49 3.91 -0.47
C ASP D 291 -45.64 2.84 0.21
N ILE D 292 -44.62 2.34 -0.48
CA ILE D 292 -43.85 1.20 0.04
C ILE D 292 -42.69 1.62 0.92
N ARG D 293 -42.44 2.92 1.08
CA ARG D 293 -41.33 3.37 1.92
C ARG D 293 -41.52 2.95 3.37
N LYS D 294 -42.77 2.99 3.87
CA LYS D 294 -43.03 2.59 5.24
CA LYS D 294 -43.03 2.59 5.24
C LYS D 294 -42.69 1.13 5.47
N GLU D 295 -43.05 0.26 4.53
CA GLU D 295 -42.71 -1.16 4.65
C GLU D 295 -41.23 -1.41 4.48
N LEU D 296 -40.56 -0.65 3.61
CA LEU D 296 -39.12 -0.84 3.45
C LEU D 296 -38.35 -0.39 4.69
N TYR D 297 -38.81 0.66 5.35
CA TYR D 297 -38.11 1.19 6.52
C TYR D 297 -38.08 0.22 7.70
N ASN D 298 -38.95 -0.78 7.72
CA ASN D 298 -39.07 -1.68 8.87
C ASN D 298 -38.54 -3.09 8.56
N ASN D 299 -37.90 -3.29 7.42
CA ASN D 299 -37.39 -4.60 7.04
C ASN D 299 -35.98 -4.49 6.46
N ILE D 300 -35.12 -3.71 7.13
CA ILE D 300 -33.74 -3.58 6.70
C ILE D 300 -32.98 -4.84 7.08
N VAL D 301 -32.36 -5.49 6.09
CA VAL D 301 -31.69 -6.77 6.28
C VAL D 301 -30.21 -6.59 5.94
N LEU D 302 -29.34 -7.07 6.84
CA LEU D 302 -27.91 -7.02 6.64
C LEU D 302 -27.40 -8.36 6.13
N SER D 303 -26.39 -8.31 5.27
CA SER D 303 -25.81 -9.50 4.69
C SER D 303 -24.33 -9.25 4.39
N GLY D 304 -23.61 -10.35 4.18
CA GLY D 304 -22.19 -10.28 3.87
C GLY D 304 -21.32 -10.41 5.11
N GLY D 305 -20.02 -10.59 4.86
CA GLY D 305 -19.07 -10.75 5.94
C GLY D 305 -18.57 -9.45 6.52
N THR D 306 -18.66 -8.37 5.75
CA THR D 306 -18.20 -7.06 6.21
C THR D 306 -19.14 -6.45 7.23
N THR D 307 -20.37 -6.96 7.35
CA THR D 307 -21.34 -6.48 8.34
C THR D 307 -21.28 -7.27 9.64
N MET D 308 -20.16 -7.91 9.94
CA MET D 308 -20.01 -8.75 11.12
C MET D 308 -19.35 -8.03 12.29
N TYR D 309 -19.08 -6.73 12.15
CA TYR D 309 -18.50 -5.98 13.26
C TYR D 309 -19.48 -5.90 14.42
N ASN D 310 -18.99 -5.44 15.56
CA ASN D 310 -19.83 -5.23 16.72
C ASN D 310 -20.43 -3.83 16.70
N ASN D 311 -21.63 -3.70 17.27
CA ASN D 311 -22.36 -2.44 17.32
C ASN D 311 -22.58 -1.87 15.93
N ILE D 312 -22.88 -2.74 14.98
CA ILE D 312 -23.19 -2.30 13.61
C ILE D 312 -24.68 -2.02 13.46
N GLY D 313 -25.53 -2.88 14.00
CA GLY D 313 -26.97 -2.67 13.90
C GLY D 313 -27.43 -1.44 14.65
N GLU D 314 -26.92 -1.23 15.86
CA GLU D 314 -27.31 -0.06 16.64
C GLU D 314 -26.84 1.23 15.98
N ARG D 315 -25.60 1.24 15.47
CA ARG D 315 -25.10 2.42 14.78
C ARG D 315 -25.91 2.71 13.52
N LEU D 316 -26.23 1.67 12.75
CA LEU D 316 -27.03 1.88 11.55
C LEU D 316 -28.42 2.38 11.89
N THR D 317 -29.03 1.84 12.94
CA THR D 317 -30.35 2.30 13.37
C THR D 317 -30.31 3.77 13.80
N LYS D 318 -29.29 4.15 14.56
CA LYS D 318 -29.17 5.53 15.01
C LYS D 318 -28.97 6.47 13.82
N GLU D 319 -28.15 6.07 12.85
CA GLU D 319 -27.94 6.91 11.67
C GLU D 319 -29.21 7.02 10.84
N MET D 320 -29.95 5.93 10.67
CA MET D 320 -31.18 5.96 9.88
C MET D 320 -32.25 6.80 10.57
N THR D 321 -32.29 6.77 11.90
CA THR D 321 -33.30 7.52 12.64
C THR D 321 -33.18 9.01 12.38
N ASN D 322 -31.95 9.54 12.31
CA ASN D 322 -31.75 10.96 12.07
C ASN D 322 -32.09 11.38 10.65
N LEU D 323 -32.31 10.43 9.73
CA LEU D 323 -32.65 10.74 8.35
C LEU D 323 -34.10 10.49 8.00
N ALA D 324 -34.79 9.58 8.69
CA ALA D 324 -36.17 9.21 8.44
C ALA D 324 -37.12 10.16 9.15
N PRO D 325 -38.36 10.28 8.66
CA PRO D 325 -39.34 11.11 9.35
C PRO D 325 -39.60 10.61 10.77
N SER D 326 -39.92 11.54 11.67
CA SER D 326 -40.04 11.23 13.09
C SER D 326 -41.16 10.22 13.39
N SER D 327 -42.10 10.05 12.47
CA SER D 327 -43.23 9.16 12.67
C SER D 327 -42.99 7.77 12.10
N MET D 328 -41.75 7.43 11.74
CA MET D 328 -41.42 6.16 11.12
C MET D 328 -40.61 5.31 12.09
N LYS D 329 -40.84 4.00 12.04
CA LYS D 329 -40.13 3.04 12.89
C LYS D 329 -39.10 2.30 12.04
N ILE D 330 -37.85 2.27 12.52
CA ILE D 330 -36.76 1.62 11.82
C ILE D 330 -36.31 0.41 12.64
N LYS D 331 -36.21 -0.75 11.98
CA LYS D 331 -35.76 -1.98 12.61
C LYS D 331 -34.72 -2.63 11.70
N VAL D 332 -33.46 -2.61 12.14
CA VAL D 332 -32.37 -3.20 11.38
C VAL D 332 -32.25 -4.66 11.80
N ILE D 333 -32.55 -5.56 10.87
CA ILE D 333 -32.47 -6.99 11.14
C ILE D 333 -31.05 -7.45 10.88
N ALA D 334 -30.37 -7.92 11.93
CA ALA D 334 -29.00 -8.41 11.84
C ALA D 334 -28.97 -9.84 12.38
N PRO D 335 -29.34 -10.83 11.57
CA PRO D 335 -29.40 -12.21 12.07
C PRO D 335 -28.00 -12.78 12.25
N PRO D 336 -27.83 -13.72 13.17
CA PRO D 336 -26.57 -14.46 13.25
C PRO D 336 -26.34 -15.29 11.99
N GLU D 337 -25.15 -15.85 11.88
CA GLU D 337 -24.71 -16.67 10.74
C GLU D 337 -25.04 -16.01 9.39
N ARG D 338 -25.08 -14.68 9.36
CA ARG D 338 -25.30 -13.96 8.11
C ARG D 338 -24.11 -14.02 7.18
N LYS D 339 -22.98 -14.57 7.64
CA LYS D 339 -21.82 -14.77 6.77
C LYS D 339 -22.15 -15.68 5.59
N TYR D 340 -22.98 -16.71 5.82
CA TYR D 340 -23.33 -17.67 4.79
C TYR D 340 -24.80 -17.57 4.39
N SER D 341 -25.41 -16.38 4.55
CA SER D 341 -26.82 -16.23 4.23
C SER D 341 -27.10 -16.47 2.76
N VAL D 342 -26.21 -16.01 1.88
CA VAL D 342 -26.43 -16.18 0.44
C VAL D 342 -26.45 -17.66 0.08
N TRP D 343 -25.53 -18.45 0.65
CA TRP D 343 -25.50 -19.88 0.35
C TRP D 343 -26.75 -20.57 0.87
N ILE D 344 -27.21 -20.20 2.07
CA ILE D 344 -28.42 -20.80 2.61
C ILE D 344 -29.62 -20.48 1.74
N GLY D 345 -29.73 -19.21 1.30
CA GLY D 345 -30.82 -18.85 0.43
C GLY D 345 -30.79 -19.58 -0.90
N GLY D 346 -29.59 -19.74 -1.47
CA GLY D 346 -29.46 -20.50 -2.70
C GLY D 346 -29.84 -21.95 -2.54
N SER D 347 -29.44 -22.56 -1.42
CA SER D 347 -29.81 -23.94 -1.15
C SER D 347 -31.32 -24.10 -0.97
N ILE D 348 -31.96 -23.14 -0.30
CA ILE D 348 -33.42 -23.18 -0.16
C ILE D 348 -34.09 -23.03 -1.51
N LEU D 349 -33.61 -22.10 -2.34
CA LEU D 349 -34.20 -21.89 -3.65
C LEU D 349 -34.06 -23.11 -4.54
N SER D 350 -32.90 -23.77 -4.49
CA SER D 350 -32.64 -24.90 -5.37
C SER D 350 -33.45 -26.14 -5.02
N SER D 351 -34.10 -26.18 -3.86
CA SER D 351 -34.88 -27.32 -3.44
C SER D 351 -36.37 -27.17 -3.72
N LEU D 352 -36.82 -26.00 -4.17
CA LEU D 352 -38.24 -25.80 -4.46
C LEU D 352 -38.64 -26.58 -5.70
N SER D 353 -39.84 -27.18 -5.65
CA SER D 353 -40.34 -27.93 -6.78
C SER D 353 -40.67 -27.05 -7.98
N THR D 354 -40.97 -25.77 -7.75
CA THR D 354 -41.32 -24.88 -8.84
C THR D 354 -40.09 -24.50 -9.67
N PHE D 355 -38.92 -24.44 -9.05
CA PHE D 355 -37.71 -23.99 -9.72
C PHE D 355 -37.18 -25.00 -10.73
N GLN D 356 -37.69 -26.23 -10.73
CA GLN D 356 -37.14 -27.28 -11.57
C GLN D 356 -37.33 -27.01 -13.05
N GLN D 357 -38.18 -26.05 -13.42
CA GLN D 357 -38.43 -25.71 -14.81
C GLN D 357 -37.72 -24.43 -15.24
N MET D 358 -36.76 -23.95 -14.44
CA MET D 358 -36.06 -22.71 -14.76
C MET D 358 -34.57 -22.96 -14.99
N TRP D 359 -34.20 -24.21 -15.25
CA TRP D 359 -32.81 -24.56 -15.52
C TRP D 359 -32.48 -24.32 -16.98
N ILE D 360 -31.23 -23.97 -17.23
CA ILE D 360 -30.71 -23.81 -18.59
C ILE D 360 -30.10 -25.15 -19.00
N THR D 361 -30.83 -25.91 -19.81
CA THR D 361 -30.40 -27.24 -20.20
C THR D 361 -29.31 -27.18 -21.26
N LYS D 362 -28.67 -28.33 -21.50
CA LYS D 362 -27.57 -28.39 -22.45
C LYS D 362 -28.05 -28.14 -23.88
N GLU D 363 -29.20 -28.70 -24.25
CA GLU D 363 -29.70 -28.55 -25.61
C GLU D 363 -30.06 -27.10 -25.92
N GLU D 364 -30.65 -26.39 -24.98
CA GLU D 364 -30.98 -24.99 -25.19
C GLU D 364 -29.73 -24.15 -25.43
N TYR D 365 -28.68 -24.39 -24.64
CA TYR D 365 -27.42 -23.68 -24.84
C TYR D 365 -26.80 -24.04 -26.18
N GLU D 366 -26.85 -25.31 -26.56
CA GLU D 366 -26.27 -25.74 -27.83
C GLU D 366 -27.00 -25.10 -29.01
N ASP D 367 -28.32 -25.01 -28.94
CA ASP D 367 -29.11 -24.43 -30.03
C ASP D 367 -29.06 -22.91 -30.06
N SER D 368 -28.91 -22.26 -28.91
CA SER D 368 -28.97 -20.80 -28.84
C SER D 368 -27.61 -20.14 -28.66
N GLY D 369 -26.70 -20.76 -27.94
CA GLY D 369 -25.39 -20.19 -27.70
C GLY D 369 -25.25 -19.64 -26.30
N PRO D 370 -24.13 -18.96 -26.03
CA PRO D 370 -23.89 -18.43 -24.68
C PRO D 370 -24.74 -17.21 -24.37
N SER D 371 -25.50 -16.73 -25.35
CA SER D 371 -26.35 -15.55 -25.16
C SER D 371 -27.69 -15.88 -24.54
N ILE D 372 -28.00 -17.16 -24.32
CA ILE D 372 -29.29 -17.55 -23.75
C ILE D 372 -29.41 -17.10 -22.31
N VAL D 373 -28.28 -16.91 -21.62
CA VAL D 373 -28.31 -16.58 -20.20
C VAL D 373 -28.91 -15.21 -19.92
N HIS D 374 -29.05 -14.37 -20.94
CA HIS D 374 -29.62 -13.04 -20.77
C HIS D 374 -31.14 -13.03 -20.78
N ARG D 375 -31.76 -13.76 -21.72
CA ARG D 375 -33.22 -13.77 -21.82
C ARG D 375 -33.90 -14.61 -20.75
N LYS D 376 -33.21 -15.61 -20.20
CA LYS D 376 -33.82 -16.47 -19.21
C LYS D 376 -33.51 -16.00 -17.79
N CYS D 377 -32.22 -15.86 -17.46
CA CYS D 377 -31.84 -15.44 -16.12
C CYS D 377 -31.95 -13.92 -15.99
N PHE D 378 -32.36 -13.49 -14.80
CA PHE D 378 -32.48 -12.07 -14.50
C PHE D 378 -31.16 -11.52 -13.97
N ALA E 7 -31.21 53.41 -21.56
CA ALA E 7 -30.71 52.33 -20.72
C ALA E 7 -31.04 50.96 -21.31
N VAL E 8 -30.06 50.34 -21.95
CA VAL E 8 -30.27 49.03 -22.56
C VAL E 8 -30.45 47.99 -21.46
N ALA E 9 -31.43 47.12 -21.65
CA ALA E 9 -31.75 46.12 -20.64
C ALA E 9 -30.84 44.90 -20.76
N LEU E 10 -30.77 44.13 -19.68
CA LEU E 10 -29.96 42.91 -19.61
C LEU E 10 -30.89 41.72 -19.69
N VAL E 11 -30.57 40.77 -20.57
CA VAL E 11 -31.34 39.54 -20.71
C VAL E 11 -30.53 38.42 -20.09
N VAL E 12 -31.09 37.78 -19.07
CA VAL E 12 -30.43 36.73 -18.30
C VAL E 12 -31.36 35.53 -18.27
N ASP E 13 -31.01 34.47 -18.98
CA ASP E 13 -31.75 33.22 -18.96
C ASP E 13 -31.03 32.25 -18.04
N ASN E 14 -31.67 31.92 -16.91
CA ASN E 14 -31.10 31.04 -15.89
C ASN E 14 -31.72 29.66 -16.05
N GLY E 15 -30.95 28.73 -16.64
CA GLY E 15 -31.37 27.37 -16.80
C GLY E 15 -30.93 26.48 -15.66
N SER E 16 -31.14 25.18 -15.85
CA SER E 16 -30.70 24.20 -14.86
C SER E 16 -29.28 23.69 -15.09
N GLY E 17 -28.78 23.80 -16.32
CA GLY E 17 -27.44 23.36 -16.63
C GLY E 17 -26.54 24.46 -17.17
N MET E 18 -27.15 25.47 -17.81
CA MET E 18 -26.40 26.56 -18.41
C MET E 18 -27.04 27.88 -18.03
N VAL E 19 -26.25 28.93 -18.05
CA VAL E 19 -26.70 30.30 -17.83
C VAL E 19 -26.30 31.12 -19.05
N LYS E 20 -27.28 31.80 -19.65
CA LYS E 20 -27.05 32.68 -20.79
C LYS E 20 -27.29 34.12 -20.35
N SER E 21 -26.46 35.03 -20.85
CA SER E 21 -26.61 36.43 -20.48
C SER E 21 -26.14 37.31 -21.63
N GLY E 22 -26.76 38.48 -21.76
CA GLY E 22 -26.38 39.39 -22.82
C GLY E 22 -27.16 40.69 -22.74
N LEU E 23 -26.92 41.53 -23.74
CA LEU E 23 -27.56 42.82 -23.87
C LEU E 23 -28.74 42.76 -24.82
N ALA E 24 -29.77 43.56 -24.53
CA ALA E 24 -30.94 43.62 -25.39
C ALA E 24 -30.61 44.26 -26.72
N GLY E 25 -31.18 43.72 -27.79
CA GLY E 25 -30.96 44.19 -29.15
C GLY E 25 -30.10 43.26 -29.98
N ASP E 26 -29.27 42.44 -29.33
CA ASP E 26 -28.44 41.51 -30.05
C ASP E 26 -29.20 40.23 -30.35
N ASP E 27 -28.68 39.46 -31.31
CA ASP E 27 -29.29 38.21 -31.73
C ASP E 27 -28.49 36.98 -31.27
N ALA E 28 -27.52 37.16 -30.38
CA ALA E 28 -26.73 36.06 -29.87
C ALA E 28 -26.28 36.38 -28.45
N PRO E 29 -26.45 35.45 -27.50
CA PRO E 29 -25.99 35.72 -26.13
C PRO E 29 -24.49 35.94 -26.08
N LYS E 30 -24.06 36.86 -25.22
CA LYS E 30 -22.66 37.22 -25.11
C LYS E 30 -21.90 36.38 -24.09
N CYS E 31 -22.58 35.86 -23.06
CA CYS E 31 -21.91 35.07 -22.02
C CYS E 31 -22.76 33.84 -21.73
N VAL E 32 -22.29 32.67 -22.17
CA VAL E 32 -22.95 31.40 -21.91
C VAL E 32 -21.97 30.54 -21.13
N PHE E 33 -22.37 30.09 -19.94
CA PHE E 33 -21.46 29.30 -19.13
C PHE E 33 -22.25 28.36 -18.22
N PRO E 34 -21.68 27.22 -17.83
CA PRO E 34 -22.41 26.28 -16.97
C PRO E 34 -22.68 26.87 -15.59
N SER E 35 -23.75 26.38 -14.98
CA SER E 35 -24.22 26.83 -13.67
C SER E 35 -23.77 25.80 -12.63
N ILE E 36 -22.53 25.91 -12.18
CA ILE E 36 -21.97 25.02 -11.17
C ILE E 36 -21.14 25.84 -10.19
N VAL E 37 -21.11 25.37 -8.95
CA VAL E 37 -20.26 25.96 -7.90
C VAL E 37 -19.31 24.88 -7.42
N GLY E 38 -18.01 25.14 -7.52
CA GLY E 38 -16.99 24.17 -7.17
C GLY E 38 -16.31 24.53 -5.86
N ARG E 39 -16.05 23.52 -5.04
CA ARG E 39 -15.37 23.72 -3.76
C ARG E 39 -14.24 22.70 -3.60
N PRO E 40 -13.07 23.14 -3.15
CA PRO E 40 -11.93 22.22 -3.05
C PRO E 40 -12.16 21.17 -1.96
N LYS E 41 -11.54 20.00 -2.17
CA LYS E 41 -11.62 18.89 -1.24
C LYS E 41 -10.24 18.36 -0.87
N MET E 42 -9.20 19.16 -1.08
CA MET E 42 -7.84 18.73 -0.80
C MET E 42 -7.10 19.78 0.02
N PRO E 43 -6.11 19.39 0.81
CA PRO E 43 -5.34 20.39 1.58
C PRO E 43 -4.43 21.24 0.70
N ASN E 44 -4.33 22.52 1.01
CA ASN E 44 -3.44 23.43 0.31
C ASN E 44 -2.10 23.50 1.03
N ILE E 45 -1.02 23.18 0.30
CA ILE E 45 0.31 23.11 0.88
C ILE E 45 1.25 24.18 0.32
N MET E 46 1.12 24.50 -0.97
CA MET E 46 2.04 25.42 -1.61
C MET E 46 1.79 26.85 -1.18
N ILE E 47 2.51 27.31 -0.15
CA ILE E 47 2.38 28.68 0.29
C ILE E 47 2.98 29.61 -0.77
N GLY E 48 2.33 30.75 -0.98
CA GLY E 48 2.76 31.74 -1.94
C GLY E 48 1.83 31.95 -3.11
N MET E 49 0.93 31.00 -3.38
CA MET E 49 -0.06 31.12 -4.43
C MET E 49 -1.44 31.33 -3.82
N GLU E 50 -2.20 32.26 -4.40
CA GLU E 50 -3.52 32.59 -3.89
C GLU E 50 -4.54 31.53 -4.27
N GLN E 51 -5.47 31.28 -3.35
CA GLN E 51 -6.54 30.31 -3.56
C GLN E 51 -7.88 30.94 -3.21
N LYS E 52 -8.94 30.43 -3.84
CA LYS E 52 -10.28 30.92 -3.63
C LYS E 52 -11.14 29.82 -3.01
N GLU E 53 -12.11 30.25 -2.19
CA GLU E 53 -12.98 29.31 -1.50
C GLU E 53 -13.93 28.59 -2.45
N CYS E 54 -14.42 29.28 -3.47
CA CYS E 54 -15.39 28.69 -4.39
C CYS E 54 -15.12 29.16 -5.81
N TYR E 55 -15.22 28.25 -6.77
CA TYR E 55 -15.06 28.55 -8.18
C TYR E 55 -16.42 28.47 -8.86
N VAL E 56 -16.75 29.49 -9.64
CA VAL E 56 -18.06 29.60 -10.28
C VAL E 56 -17.87 29.70 -11.78
N GLY E 57 -18.58 28.86 -12.52
CA GLY E 57 -18.60 28.94 -13.98
C GLY E 57 -17.48 28.11 -14.60
N ASP E 58 -16.93 28.59 -15.71
CA ASP E 58 -15.91 27.86 -16.45
C ASP E 58 -14.66 27.60 -15.62
N GLU E 59 -14.29 28.53 -14.73
CA GLU E 59 -13.13 28.32 -13.86
C GLU E 59 -13.34 27.19 -12.86
N ALA E 60 -14.53 26.58 -12.82
CA ALA E 60 -14.76 25.40 -11.98
C ALA E 60 -14.85 24.17 -12.86
N GLN E 61 -15.06 24.37 -14.17
CA GLN E 61 -15.12 23.27 -15.11
C GLN E 61 -13.74 22.81 -15.58
N ASN E 62 -12.71 23.63 -15.41
CA ASN E 62 -11.36 23.28 -15.86
C ASN E 62 -10.58 22.62 -14.73
N LYS E 63 -10.74 23.13 -13.50
CA LYS E 63 -10.04 22.56 -12.35
C LYS E 63 -10.95 21.63 -11.57
N ARG E 64 -11.88 20.96 -12.26
CA ARG E 64 -12.84 20.09 -11.59
C ARG E 64 -12.22 18.83 -11.02
N GLY E 65 -10.96 18.53 -11.35
CA GLY E 65 -10.32 17.34 -10.82
C GLY E 65 -10.16 17.38 -9.31
N ILE E 66 -9.95 18.57 -8.74
CA ILE E 66 -9.76 18.73 -7.30
C ILE E 66 -10.95 19.39 -6.63
N LEU E 67 -12.09 19.49 -7.31
CA LEU E 67 -13.25 20.18 -6.79
C LEU E 67 -14.45 19.24 -6.69
N THR E 68 -15.37 19.59 -5.81
CA THR E 68 -16.70 18.99 -5.74
C THR E 68 -17.66 20.04 -6.30
N LEU E 69 -18.50 19.61 -7.24
CA LEU E 69 -19.37 20.52 -7.97
C LEU E 69 -20.81 20.40 -7.50
N LYS E 70 -21.47 21.54 -7.34
CA LYS E 70 -22.86 21.60 -6.92
C LYS E 70 -23.68 22.36 -7.94
N TYR E 71 -24.87 21.85 -8.23
CA TYR E 71 -25.84 22.55 -9.07
C TYR E 71 -26.86 23.22 -8.17
N PRO E 72 -26.94 24.56 -8.15
CA PRO E 72 -27.88 25.23 -7.25
C PRO E 72 -29.32 25.22 -7.73
N ILE E 73 -29.61 24.69 -8.91
CA ILE E 73 -30.96 24.66 -9.47
C ILE E 73 -31.30 23.22 -9.81
N GLU E 74 -32.44 22.74 -9.30
CA GLU E 74 -32.91 21.40 -9.60
C GLU E 74 -34.37 21.44 -10.05
N HIC E 75 -34.61 21.04 -11.29
CA HIC E 75 -35.94 20.98 -11.87
C HIC E 75 -36.55 22.39 -11.90
O HIC E 75 -37.74 22.62 -11.64
CB HIC E 75 -36.92 20.06 -11.13
CG HIC E 75 -36.40 18.69 -11.01
ND1 HIC E 75 -36.12 17.84 -12.08
CD2 HIC E 75 -36.09 18.04 -9.79
CE1 HIC E 75 -35.66 16.69 -11.54
NE2 HIC E 75 -35.62 16.76 -10.14
CZ HIC E 75 -35.20 15.75 -9.23
N GLY E 76 -35.71 23.34 -12.25
CA GLY E 76 -36.13 24.72 -12.41
C GLY E 76 -36.45 25.44 -11.12
N ILE E 77 -36.07 24.84 -9.99
CA ILE E 77 -36.32 25.41 -8.67
C ILE E 77 -34.98 25.62 -7.98
N VAL E 78 -34.78 26.83 -7.45
CA VAL E 78 -33.55 27.15 -6.75
C VAL E 78 -33.56 26.44 -5.39
N THR E 79 -32.55 25.60 -5.16
CA THR E 79 -32.43 24.87 -3.91
C THR E 79 -31.56 25.60 -2.90
N ASN E 80 -30.42 26.12 -3.35
CA ASN E 80 -29.50 26.89 -2.50
C ASN E 80 -29.46 28.31 -3.04
N TRP E 81 -29.75 29.28 -2.17
CA TRP E 81 -29.82 30.67 -2.61
C TRP E 81 -28.47 31.37 -2.53
N ASP E 82 -27.58 30.93 -1.64
CA ASP E 82 -26.25 31.52 -1.56
C ASP E 82 -25.47 31.27 -2.85
N ASP E 83 -25.54 30.04 -3.36
CA ASP E 83 -24.87 29.71 -4.61
C ASP E 83 -25.47 30.48 -5.77
N MET E 84 -26.79 30.65 -5.80
CA MET E 84 -27.41 31.44 -6.86
C MET E 84 -26.99 32.90 -6.78
N GLU E 85 -26.86 33.45 -5.57
CA GLU E 85 -26.35 34.81 -5.43
C GLU E 85 -24.93 34.92 -5.94
N LYS E 86 -24.09 33.92 -5.64
CA LYS E 86 -22.72 33.93 -6.16
C LYS E 86 -22.71 33.88 -7.67
N ILE E 87 -23.57 33.05 -8.26
CA ILE E 87 -23.63 32.92 -9.72
C ILE E 87 -24.09 34.23 -10.35
N TRP E 88 -25.10 34.88 -9.77
CA TRP E 88 -25.57 36.15 -10.30
C TRP E 88 -24.50 37.22 -10.19
N HIS E 89 -23.77 37.25 -9.06
CA HIS E 89 -22.68 38.20 -8.91
C HIS E 89 -21.59 37.97 -9.96
N HIS E 90 -21.25 36.70 -10.19
CA HIS E 90 -20.25 36.38 -11.20
C HIS E 90 -20.72 36.81 -12.59
N THR E 91 -22.01 36.58 -12.89
CA THR E 91 -22.54 36.97 -14.19
C THR E 91 -22.51 38.48 -14.37
N PHE E 92 -22.89 39.23 -13.33
CA PHE E 92 -22.99 40.68 -13.47
C PHE E 92 -21.63 41.35 -13.51
N TYR E 93 -20.70 40.92 -12.66
CA TYR E 93 -19.45 41.64 -12.49
C TYR E 93 -18.25 41.01 -13.18
N ASN E 94 -18.30 39.70 -13.50
CA ASN E 94 -17.16 39.04 -14.11
C ASN E 94 -17.37 38.67 -15.57
N GLU E 95 -18.62 38.52 -16.01
CA GLU E 95 -18.90 38.16 -17.40
C GLU E 95 -19.25 39.36 -18.26
N LEU E 96 -20.27 40.13 -17.86
CA LEU E 96 -20.66 41.32 -18.61
C LEU E 96 -19.89 42.56 -18.19
N ARG E 97 -19.45 42.62 -16.92
CA ARG E 97 -18.74 43.77 -16.37
CA ARG E 97 -18.74 43.78 -16.38
C ARG E 97 -19.53 45.06 -16.57
N VAL E 98 -20.83 45.02 -16.31
CA VAL E 98 -21.71 46.19 -16.37
C VAL E 98 -22.42 46.31 -15.02
N SER E 99 -22.52 47.53 -14.52
CA SER E 99 -23.14 47.76 -13.22
C SER E 99 -24.64 47.44 -13.29
N PRO E 100 -25.15 46.56 -12.43
CA PRO E 100 -26.59 46.22 -12.50
C PRO E 100 -27.47 47.29 -11.89
N GLU E 101 -26.86 48.38 -11.41
CA GLU E 101 -27.58 49.49 -10.81
C GLU E 101 -28.02 50.52 -11.84
N GLU E 102 -27.79 50.27 -13.13
CA GLU E 102 -28.15 51.22 -14.18
C GLU E 102 -28.95 50.56 -15.31
N HIS E 103 -29.07 49.24 -15.31
CA HIS E 103 -29.73 48.52 -16.39
C HIS E 103 -30.92 47.73 -15.85
N PRO E 104 -32.08 47.78 -16.50
CA PRO E 104 -33.17 46.88 -16.13
C PRO E 104 -32.84 45.44 -16.47
N VAL E 105 -33.38 44.51 -15.69
CA VAL E 105 -33.08 43.09 -15.80
C VAL E 105 -34.36 42.35 -16.17
N LEU E 106 -34.27 41.49 -17.17
CA LEU E 106 -35.38 40.65 -17.60
C LEU E 106 -35.03 39.20 -17.27
N LEU E 107 -35.86 38.56 -16.45
CA LEU E 107 -35.63 37.19 -16.02
C LEU E 107 -36.66 36.26 -16.63
N THR E 108 -36.35 34.96 -16.61
CA THR E 108 -37.21 33.93 -17.14
C THR E 108 -37.47 32.86 -16.07
N GLU E 109 -38.58 32.15 -16.24
CA GLU E 109 -38.96 31.12 -15.29
C GLU E 109 -39.88 30.12 -15.98
N ALA E 110 -39.82 28.87 -15.51
CA ALA E 110 -40.68 27.82 -16.03
C ALA E 110 -42.10 27.96 -15.45
N PRO E 111 -43.11 27.53 -16.19
CA PRO E 111 -44.48 27.62 -15.69
C PRO E 111 -44.76 26.61 -14.59
N LEU E 112 -45.81 26.90 -13.81
CA LEU E 112 -46.26 26.03 -12.72
C LEU E 112 -45.18 25.85 -11.66
N ASN E 113 -44.56 26.95 -11.26
CA ASN E 113 -43.54 26.96 -10.21
C ASN E 113 -44.09 27.60 -8.95
N PRO E 114 -43.52 27.27 -7.79
CA PRO E 114 -43.98 27.87 -6.53
C PRO E 114 -43.81 29.38 -6.53
N LYS E 115 -44.72 30.04 -5.81
CA LYS E 115 -44.70 31.49 -5.74
C LYS E 115 -43.52 32.02 -4.94
N THR E 116 -43.10 31.27 -3.90
CA THR E 116 -41.97 31.69 -3.09
C THR E 116 -40.69 31.84 -3.90
N ASN E 117 -40.51 31.03 -4.95
CA ASN E 117 -39.35 31.18 -5.82
C ASN E 117 -39.33 32.57 -6.45
N ARG E 118 -40.45 32.99 -7.05
CA ARG E 118 -40.53 34.32 -7.65
C ARG E 118 -40.36 35.41 -6.61
N GLU E 119 -40.97 35.25 -5.43
CA GLU E 119 -40.87 36.27 -4.39
C GLU E 119 -39.43 36.44 -3.94
N LYS E 120 -38.73 35.32 -3.69
CA LYS E 120 -37.33 35.39 -3.28
C LYS E 120 -36.45 35.97 -4.37
N MET E 121 -36.72 35.59 -5.63
CA MET E 121 -35.94 36.13 -6.74
C MET E 121 -36.10 37.65 -6.83
N THR E 122 -37.33 38.14 -6.70
CA THR E 122 -37.57 39.58 -6.72
C THR E 122 -36.89 40.27 -5.55
N GLN E 123 -37.00 39.68 -4.35
CA GLN E 123 -36.39 40.28 -3.17
C GLN E 123 -34.88 40.38 -3.32
N ILE E 124 -34.25 39.33 -3.83
CA ILE E 124 -32.81 39.35 -4.01
C ILE E 124 -32.41 40.36 -5.08
N MET E 125 -33.15 40.41 -6.19
CA MET E 125 -32.80 41.33 -7.26
C MET E 125 -33.01 42.78 -6.86
N PHE E 126 -33.91 43.05 -5.91
CA PHE E 126 -34.20 44.42 -5.52
C PHE E 126 -33.44 44.90 -4.29
N GLU E 127 -33.08 44.00 -3.36
CA GLU E 127 -32.40 44.42 -2.15
C GLU E 127 -30.89 44.34 -2.26
N THR E 128 -30.35 43.30 -2.90
CA THR E 128 -28.91 43.14 -2.98
C THR E 128 -28.31 43.98 -4.11
N PHE E 129 -28.73 43.71 -5.34
CA PHE E 129 -28.18 44.42 -6.49
C PHE E 129 -28.80 45.80 -6.70
N ASP E 130 -30.03 46.00 -6.23
CA ASP E 130 -30.73 47.28 -6.32
C ASP E 130 -30.85 47.74 -7.78
N VAL E 131 -31.48 46.90 -8.59
CA VAL E 131 -31.73 47.20 -9.98
C VAL E 131 -32.86 48.23 -10.07
N PRO E 132 -32.89 49.07 -11.10
CA PRO E 132 -33.99 50.04 -11.22
C PRO E 132 -35.34 49.38 -11.49
N ALA E 133 -35.39 48.48 -12.48
CA ALA E 133 -36.61 47.79 -12.85
C ALA E 133 -36.30 46.34 -13.16
N MET E 134 -37.33 45.49 -13.04
CA MET E 134 -37.18 44.07 -13.34
C MET E 134 -38.50 43.53 -13.86
N TYR E 135 -38.43 42.34 -14.45
CA TYR E 135 -39.61 41.67 -14.98
C TYR E 135 -39.32 40.18 -15.12
N VAL E 136 -40.34 39.36 -14.90
CA VAL E 136 -40.25 37.91 -15.00
C VAL E 136 -41.28 37.43 -16.01
N SER E 137 -40.85 36.59 -16.95
CA SER E 137 -41.72 36.09 -17.99
C SER E 137 -41.52 34.59 -18.17
N ILE E 138 -42.51 33.94 -18.80
CA ILE E 138 -42.44 32.52 -19.07
C ILE E 138 -41.56 32.26 -20.29
N GLN E 139 -40.90 31.11 -20.30
CA GLN E 139 -39.94 30.78 -21.35
C GLN E 139 -40.61 30.43 -22.68
N ALA E 140 -41.75 29.72 -22.64
CA ALA E 140 -42.42 29.34 -23.88
C ALA E 140 -42.92 30.56 -24.64
N ILE E 141 -43.37 31.58 -23.93
CA ILE E 141 -43.82 32.81 -24.59
C ILE E 141 -42.65 33.46 -25.33
N LEU E 142 -41.48 33.52 -24.71
CA LEU E 142 -40.31 34.08 -25.38
C LEU E 142 -39.87 33.23 -26.55
N SER E 143 -39.99 31.91 -26.42
CA SER E 143 -39.65 31.03 -27.54
C SER E 143 -40.58 31.27 -28.73
N LEU E 144 -41.86 31.50 -28.47
CA LEU E 144 -42.79 31.82 -29.56
C LEU E 144 -42.51 33.21 -30.13
N TYR E 145 -42.11 34.15 -29.27
CA TYR E 145 -41.71 35.48 -29.74
C TYR E 145 -40.54 35.38 -30.71
N ALA E 146 -39.55 34.54 -30.39
CA ALA E 146 -38.36 34.41 -31.22
C ALA E 146 -38.65 33.85 -32.60
N SER E 147 -39.78 33.15 -32.78
CA SER E 147 -40.12 32.57 -34.07
C SER E 147 -40.94 33.51 -34.95
N GLY E 148 -41.34 34.68 -34.44
CA GLY E 148 -42.12 35.61 -35.22
C GLY E 148 -43.51 35.15 -35.56
N ARG E 149 -44.15 34.38 -34.69
CA ARG E 149 -45.49 33.86 -34.89
C ARG E 149 -46.38 34.28 -33.74
N THR E 150 -47.66 33.92 -33.84
CA THR E 150 -48.63 34.17 -32.77
C THR E 150 -49.47 32.95 -32.42
N THR E 151 -49.48 31.90 -33.25
CA THR E 151 -50.26 30.70 -33.00
C THR E 151 -49.36 29.49 -33.09
N GLY E 152 -49.41 28.64 -32.07
CA GLY E 152 -48.64 27.42 -32.07
C GLY E 152 -48.54 26.83 -30.68
N ILE E 153 -48.04 25.60 -30.64
CA ILE E 153 -47.80 24.89 -29.40
C ILE E 153 -46.30 24.75 -29.22
N VAL E 154 -45.79 25.22 -28.09
CA VAL E 154 -44.35 25.24 -27.83
C VAL E 154 -44.00 24.09 -26.91
N LEU E 155 -43.02 23.28 -27.32
CA LEU E 155 -42.48 22.17 -26.56
C LEU E 155 -41.06 22.52 -26.16
N ASP E 156 -40.88 23.02 -24.94
CA ASP E 156 -39.57 23.37 -24.43
C ASP E 156 -39.03 22.24 -23.58
N SER E 157 -37.74 21.95 -23.74
CA SER E 157 -37.11 20.85 -23.00
C SER E 157 -35.65 21.23 -22.76
N GLY E 158 -35.30 21.45 -21.50
CA GLY E 158 -33.94 21.84 -21.16
C GLY E 158 -33.17 20.78 -20.41
N ASP E 159 -32.67 21.13 -19.23
CA ASP E 159 -31.85 20.21 -18.44
C ASP E 159 -32.58 19.67 -17.21
N GLY E 160 -33.62 20.34 -16.73
CA GLY E 160 -34.31 19.88 -15.55
C GLY E 160 -35.80 19.63 -15.71
N VAL E 161 -36.43 20.30 -16.67
CA VAL E 161 -37.88 20.24 -16.81
C VAL E 161 -38.23 20.44 -18.28
N SER E 162 -39.28 19.75 -18.73
CA SER E 162 -39.80 19.91 -20.09
C SER E 162 -41.30 20.19 -20.01
N HIS E 163 -41.73 21.24 -20.71
CA HIS E 163 -43.11 21.68 -20.65
C HIS E 163 -43.63 22.05 -22.03
N THR E 164 -44.95 21.87 -22.20
CA THR E 164 -45.64 22.24 -23.43
C THR E 164 -46.75 23.24 -23.11
N VAL E 165 -46.80 24.29 -23.93
CA VAL E 165 -47.76 25.38 -23.77
C VAL E 165 -48.39 25.75 -25.10
N PRO E 166 -49.71 25.72 -25.24
CA PRO E 166 -50.34 26.20 -26.47
C PRO E 166 -50.74 27.67 -26.39
N ILE E 167 -50.60 28.36 -27.52
CA ILE E 167 -50.97 29.77 -27.63
C ILE E 167 -51.70 29.96 -28.95
N TYR E 168 -52.85 30.63 -28.91
CA TYR E 168 -53.67 30.86 -30.11
C TYR E 168 -53.94 32.34 -30.26
N GLU E 169 -53.28 32.96 -31.25
CA GLU E 169 -53.52 34.35 -31.62
C GLU E 169 -53.35 35.30 -30.43
N GLY E 170 -52.28 35.09 -29.67
CA GLY E 170 -51.95 35.96 -28.56
C GLY E 170 -52.60 35.61 -27.24
N TYR E 171 -53.47 34.61 -27.21
CA TYR E 171 -54.14 34.20 -25.98
C TYR E 171 -53.64 32.83 -25.56
N VAL E 172 -53.17 32.74 -24.32
CA VAL E 172 -52.69 31.48 -23.77
C VAL E 172 -53.84 30.74 -23.10
N LEU E 173 -53.78 29.41 -23.13
CA LEU E 173 -54.79 28.55 -22.52
C LEU E 173 -54.15 27.87 -21.31
N PRO E 174 -54.26 28.43 -20.11
CA PRO E 174 -53.57 27.85 -18.95
C PRO E 174 -54.07 26.48 -18.56
N HIS E 175 -55.27 26.09 -18.97
CA HIS E 175 -55.79 24.77 -18.58
C HIS E 175 -55.20 23.66 -19.45
N ALA E 176 -54.46 24.02 -20.50
CA ALA E 176 -53.87 23.05 -21.40
C ALA E 176 -52.33 23.04 -21.33
N ILE E 177 -51.76 23.60 -20.27
CA ILE E 177 -50.32 23.66 -20.10
C ILE E 177 -49.87 22.41 -19.35
N ASN E 178 -48.88 21.70 -19.90
CA ASN E 178 -48.35 20.51 -19.24
C ASN E 178 -46.87 20.69 -18.93
N ARG E 179 -46.43 20.03 -17.87
CA ARG E 179 -45.05 20.14 -17.40
C ARG E 179 -44.64 18.83 -16.73
N ILE E 180 -43.54 18.25 -17.19
CA ILE E 180 -43.00 17.02 -16.61
C ILE E 180 -41.53 17.22 -16.31
N ASP E 181 -41.03 16.48 -15.33
CA ASP E 181 -39.64 16.56 -14.89
C ASP E 181 -38.86 15.38 -15.48
N MET E 182 -38.44 15.56 -16.73
CA MET E 182 -37.65 14.54 -17.42
C MET E 182 -36.86 15.23 -18.52
N ALA E 183 -35.54 15.28 -18.36
CA ALA E 183 -34.71 16.06 -19.27
C ALA E 183 -33.31 15.47 -19.43
N GLY E 184 -32.38 16.27 -19.93
CA GLY E 184 -31.06 15.78 -20.27
C GLY E 184 -30.29 15.16 -19.12
N ARG E 185 -30.59 15.59 -17.88
CA ARG E 185 -29.90 14.99 -16.74
C ARG E 185 -30.31 13.53 -16.54
N ASP E 186 -31.60 13.23 -16.69
CA ASP E 186 -32.04 11.85 -16.65
C ASP E 186 -31.45 11.03 -17.79
N LEU E 187 -31.32 11.63 -18.97
CA LEU E 187 -30.66 10.95 -20.08
C LEU E 187 -29.19 10.68 -19.78
N THR E 188 -28.52 11.62 -19.10
CA THR E 188 -27.13 11.39 -18.70
C THR E 188 -27.04 10.22 -17.72
N TYR E 189 -27.95 10.17 -16.74
CA TYR E 189 -27.96 9.05 -15.81
C TYR E 189 -28.23 7.73 -16.52
N HIS E 190 -29.15 7.74 -17.49
CA HIS E 190 -29.44 6.52 -18.25
C HIS E 190 -28.23 6.10 -19.07
N MET E 191 -27.51 7.05 -19.66
CA MET E 191 -26.29 6.73 -20.39
C MET E 191 -25.23 6.15 -19.47
N MET E 192 -25.09 6.70 -18.27
CA MET E 192 -24.16 6.14 -17.29
C MET E 192 -24.53 4.71 -16.94
N LYS E 193 -25.81 4.45 -16.74
CA LYS E 193 -26.26 3.08 -16.45
C LYS E 193 -26.00 2.14 -17.62
N LEU E 194 -26.20 2.61 -18.86
CA LEU E 194 -25.97 1.77 -20.03
C LEU E 194 -24.49 1.48 -20.24
N PHE E 195 -23.61 2.43 -19.93
CA PHE E 195 -22.17 2.20 -20.08
C PHE E 195 -21.66 1.11 -19.15
N THR E 196 -22.38 0.82 -18.05
CA THR E 196 -21.95 -0.23 -17.14
C THR E 196 -21.97 -1.61 -17.81
N GLU E 197 -22.92 -1.84 -18.71
CA GLU E 197 -23.04 -3.13 -19.37
C GLU E 197 -21.86 -3.48 -20.24
N ARG E 198 -21.07 -2.48 -20.68
CA ARG E 198 -19.88 -2.73 -21.47
C ARG E 198 -18.61 -2.82 -20.64
N GLY E 199 -18.69 -2.60 -19.34
CA GLY E 199 -17.55 -2.65 -18.47
C GLY E 199 -16.96 -1.31 -18.05
N HIS E 200 -17.66 -0.21 -18.30
CA HIS E 200 -17.18 1.12 -17.95
C HIS E 200 -18.05 1.71 -16.84
N THR E 201 -17.41 2.30 -15.84
CA THR E 201 -18.10 2.82 -14.66
C THR E 201 -17.75 4.29 -14.48
N PHE E 202 -18.76 5.13 -14.37
CA PHE E 202 -18.61 6.54 -14.08
C PHE E 202 -19.40 6.86 -12.82
N THR E 203 -18.72 7.37 -11.80
CA THR E 203 -19.34 7.66 -10.51
C THR E 203 -19.19 9.10 -10.05
N THR E 204 -18.03 9.71 -10.25
CA THR E 204 -17.78 11.05 -9.74
C THR E 204 -18.44 12.09 -10.65
N THR E 205 -18.39 13.34 -10.20
CA THR E 205 -19.02 14.43 -10.94
C THR E 205 -18.29 14.70 -12.26
N ALA E 206 -16.96 14.68 -12.23
CA ALA E 206 -16.20 14.87 -13.47
C ALA E 206 -16.51 13.78 -14.48
N GLU E 207 -16.66 12.54 -14.00
CA GLU E 207 -17.08 11.46 -14.88
C GLU E 207 -18.47 11.70 -15.43
N ARG E 208 -19.37 12.30 -14.63
CA ARG E 208 -20.69 12.67 -15.14
CA ARG E 208 -20.69 12.67 -15.14
C ARG E 208 -20.58 13.70 -16.25
N GLU E 209 -19.69 14.68 -16.10
CA GLU E 209 -19.50 15.67 -17.16
C GLU E 209 -18.95 15.02 -18.43
N ILE E 210 -18.04 14.06 -18.26
CA ILE E 210 -17.50 13.35 -19.41
C ILE E 210 -18.61 12.59 -20.13
N VAL E 211 -19.47 11.91 -19.37
CA VAL E 211 -20.59 11.17 -19.97
C VAL E 211 -21.55 12.13 -20.66
N ARG E 212 -21.76 13.31 -20.06
CA ARG E 212 -22.63 14.31 -20.69
C ARG E 212 -22.05 14.77 -22.02
N ASP E 213 -20.73 14.98 -22.08
CA ASP E 213 -20.10 15.37 -23.34
C ASP E 213 -20.20 14.26 -24.37
N ILE E 214 -20.02 13.01 -23.95
CA ILE E 214 -20.16 11.88 -24.87
C ILE E 214 -21.57 11.84 -25.43
N LYS E 215 -22.58 12.05 -24.57
CA LYS E 215 -23.97 12.06 -25.02
C LYS E 215 -24.21 13.19 -26.00
N GLU E 216 -23.69 14.39 -25.70
CA GLU E 216 -23.88 15.52 -26.60
C GLU E 216 -23.19 15.31 -27.94
N LYS E 217 -22.13 14.51 -27.99
CA LYS E 217 -21.37 14.34 -29.23
C LYS E 217 -21.86 13.17 -30.08
N LEU E 218 -22.14 12.01 -29.47
CA LEU E 218 -22.32 10.78 -30.23
C LEU E 218 -23.72 10.17 -30.13
N CYS E 219 -24.76 10.99 -29.90
CA CYS E 219 -26.11 10.47 -29.79
C CYS E 219 -26.99 10.91 -30.95
N TYR E 220 -27.93 10.05 -31.31
CA TYR E 220 -28.92 10.35 -32.34
C TYR E 220 -30.16 9.51 -32.07
N ILE E 221 -31.25 9.88 -32.73
CA ILE E 221 -32.56 9.23 -32.53
C ILE E 221 -32.88 8.39 -33.74
N ALA E 222 -33.26 7.13 -33.50
CA ALA E 222 -33.55 6.20 -34.57
C ALA E 222 -35.02 6.30 -34.99
N MET E 223 -35.28 6.04 -36.27
CA MET E 223 -36.64 6.08 -36.78
C MET E 223 -37.46 4.87 -36.33
N ASP E 224 -36.86 3.68 -36.37
CA ASP E 224 -37.54 2.44 -35.99
C ASP E 224 -36.70 1.73 -34.94
N TYR E 225 -37.19 1.70 -33.71
CA TYR E 225 -36.37 1.23 -32.58
C TYR E 225 -36.14 -0.28 -32.67
N ASP E 226 -37.20 -1.05 -32.92
CA ASP E 226 -37.08 -2.51 -32.92
C ASP E 226 -36.15 -3.00 -34.02
N GLU E 227 -36.27 -2.43 -35.22
CA GLU E 227 -35.39 -2.82 -36.32
CA GLU E 227 -35.39 -2.84 -36.31
C GLU E 227 -33.95 -2.42 -36.04
N GLU E 228 -33.75 -1.27 -35.39
CA GLU E 228 -32.39 -0.87 -35.03
C GLU E 228 -31.79 -1.82 -34.01
N LEU E 229 -32.58 -2.25 -33.02
CA LEU E 229 -32.08 -3.24 -32.07
C LEU E 229 -31.75 -4.56 -32.76
N LYS E 230 -32.58 -4.98 -33.71
CA LYS E 230 -32.29 -6.21 -34.45
C LYS E 230 -31.02 -6.06 -35.28
N ARG E 231 -30.83 -4.90 -35.91
CA ARG E 231 -29.63 -4.66 -36.72
C ARG E 231 -28.38 -4.58 -35.86
N SER E 232 -28.51 -4.12 -34.61
CA SER E 232 -27.37 -4.02 -33.71
C SER E 232 -26.83 -5.38 -33.27
N GLU E 233 -27.37 -6.47 -33.82
CA GLU E 233 -26.86 -7.81 -33.54
C GLU E 233 -26.20 -8.43 -34.76
N GLU E 234 -26.89 -8.46 -35.91
CA GLU E 234 -26.29 -9.01 -37.13
C GLU E 234 -25.10 -8.18 -37.59
N HIS E 235 -25.24 -6.85 -37.59
CA HIS E 235 -24.14 -5.98 -37.99
C HIS E 235 -24.05 -4.77 -37.08
N SER E 236 -23.28 -4.90 -36.00
CA SER E 236 -23.09 -3.80 -35.06
C SER E 236 -21.93 -2.89 -35.44
N ASP E 237 -21.09 -3.30 -36.41
CA ASP E 237 -19.91 -2.53 -36.75
C ASP E 237 -20.23 -1.22 -37.45
N GLU E 238 -21.43 -1.07 -37.98
CA GLU E 238 -21.77 0.14 -38.73
C GLU E 238 -22.05 1.32 -37.80
N ILE E 239 -22.37 1.04 -36.54
CA ILE E 239 -22.68 2.10 -35.58
C ILE E 239 -21.60 2.27 -34.52
N GLU E 240 -20.46 1.61 -34.67
CA GLU E 240 -19.39 1.71 -33.68
C GLU E 240 -18.64 3.03 -33.84
N GLU E 241 -18.34 3.67 -32.72
CA GLU E 241 -17.53 4.88 -32.72
C GLU E 241 -16.50 4.78 -31.60
N ILE E 242 -15.39 5.50 -31.78
CA ILE E 242 -14.31 5.51 -30.79
C ILE E 242 -14.20 6.92 -30.22
N TYR E 243 -14.19 7.01 -28.90
CA TYR E 243 -14.11 8.29 -28.20
C TYR E 243 -12.88 8.29 -27.32
N GLU E 244 -12.11 9.38 -27.37
CA GLU E 244 -10.86 9.49 -26.64
C GLU E 244 -11.13 10.12 -25.28
N LEU E 245 -10.89 9.37 -24.21
CA LEU E 245 -11.05 9.89 -22.87
C LEU E 245 -9.97 10.94 -22.59
N PRO E 246 -10.21 11.84 -21.63
CA PRO E 246 -9.24 12.92 -21.37
C PRO E 246 -7.86 12.41 -20.96
N ASP E 247 -7.78 11.21 -20.40
CA ASP E 247 -6.51 10.65 -19.97
C ASP E 247 -5.83 9.83 -21.05
N GLY E 248 -6.39 9.78 -22.26
CA GLY E 248 -5.79 9.10 -23.39
C GLY E 248 -6.41 7.76 -23.73
N ASN E 249 -7.22 7.19 -22.85
CA ASN E 249 -7.85 5.91 -23.14
C ASN E 249 -8.94 6.07 -24.19
N LEU E 250 -9.26 4.96 -24.86
CA LEU E 250 -10.26 4.93 -25.92
C LEU E 250 -11.43 4.07 -25.48
N ILE E 251 -12.65 4.59 -25.65
CA ILE E 251 -13.87 3.88 -25.30
C ILE E 251 -14.71 3.68 -26.56
N THR E 252 -15.30 2.50 -26.70
CA THR E 252 -16.10 2.16 -27.87
C THR E 252 -17.57 2.35 -27.54
N VAL E 253 -18.24 3.20 -28.33
CA VAL E 253 -19.66 3.47 -28.18
C VAL E 253 -20.39 2.79 -29.34
N GLY E 254 -21.31 1.88 -29.00
CA GLY E 254 -22.03 1.13 -30.01
C GLY E 254 -23.51 1.44 -30.09
N SER E 255 -24.32 0.54 -29.53
CA SER E 255 -25.78 0.71 -29.58
C SER E 255 -26.24 1.88 -28.71
N GLU E 256 -25.50 2.19 -27.65
CA GLU E 256 -25.88 3.28 -26.74
C GLU E 256 -26.04 4.62 -27.44
N ARG E 257 -25.62 4.72 -28.70
CA ARG E 257 -25.84 5.95 -29.46
C ARG E 257 -27.31 6.25 -29.68
N PHE E 258 -28.17 5.22 -29.71
CA PHE E 258 -29.58 5.44 -29.95
C PHE E 258 -30.50 4.87 -28.87
N ARG E 259 -29.95 4.17 -27.88
CA ARG E 259 -30.76 3.71 -26.75
C ARG E 259 -30.84 4.74 -25.63
N CYS E 260 -30.00 5.78 -25.66
CA CYS E 260 -30.09 6.81 -24.63
C CYS E 260 -31.24 7.78 -24.88
N PRO E 261 -31.35 8.43 -26.04
CA PRO E 261 -32.47 9.36 -26.25
C PRO E 261 -33.83 8.69 -26.35
N GLU E 262 -33.89 7.38 -26.51
CA GLU E 262 -35.16 6.68 -26.64
C GLU E 262 -36.03 6.83 -25.41
N ALA E 263 -35.45 7.19 -24.27
CA ALA E 263 -36.24 7.45 -23.07
C ALA E 263 -37.11 8.68 -23.19
N LEU E 264 -36.92 9.52 -24.21
CA LEU E 264 -37.82 10.65 -24.41
C LEU E 264 -39.19 10.19 -24.90
N PHE E 265 -39.24 9.15 -25.72
CA PHE E 265 -40.49 8.62 -26.25
C PHE E 265 -40.96 7.37 -25.51
N ASN E 266 -40.29 7.00 -24.42
CA ASN E 266 -40.66 5.84 -23.63
C ASN E 266 -40.05 5.96 -22.23
N PRO E 267 -40.66 6.77 -21.35
CA PRO E 267 -40.06 6.98 -20.03
C PRO E 267 -40.10 5.76 -19.13
N THR E 268 -40.68 4.67 -19.61
CA THR E 268 -40.71 3.44 -18.81
C THR E 268 -39.34 2.79 -18.76
N LEU E 269 -38.46 3.11 -19.71
CA LEU E 269 -37.11 2.56 -19.69
C LEU E 269 -36.34 3.02 -18.46
N ILE E 270 -36.47 4.30 -18.10
CA ILE E 270 -35.78 4.82 -16.93
C ILE E 270 -36.56 4.60 -15.65
N GLY E 271 -37.74 4.01 -15.72
CA GLY E 271 -38.53 3.71 -14.55
C GLY E 271 -39.57 4.74 -14.17
N ARG E 272 -39.96 5.61 -15.10
CA ARG E 272 -40.95 6.65 -14.82
C ARG E 272 -42.29 6.30 -15.48
N GLU E 273 -43.37 6.67 -14.80
CA GLU E 273 -44.72 6.42 -15.27
C GLU E 273 -45.27 7.55 -16.14
N CYS E 274 -44.55 8.66 -16.27
CA CYS E 274 -45.03 9.78 -17.06
C CYS E 274 -45.10 9.39 -18.54
N PRO E 275 -46.02 10.00 -19.28
CA PRO E 275 -46.14 9.69 -20.71
C PRO E 275 -45.01 10.33 -21.51
N GLY E 276 -44.86 9.86 -22.74
CA GLY E 276 -43.81 10.32 -23.63
C GLY E 276 -44.02 11.76 -24.05
N LEU E 277 -43.21 12.17 -25.04
CA LEU E 277 -43.26 13.53 -25.55
C LEU E 277 -44.40 13.73 -26.56
N HIS E 278 -44.52 12.83 -27.53
CA HIS E 278 -45.61 12.93 -28.49
C HIS E 278 -46.96 12.77 -27.81
N ILE E 279 -47.06 11.85 -26.85
CA ILE E 279 -48.30 11.66 -26.11
C ILE E 279 -48.65 12.92 -25.33
N THR E 280 -47.64 13.54 -24.69
CA THR E 280 -47.89 14.76 -23.95
C THR E 280 -48.36 15.89 -24.87
N ALA E 281 -47.72 16.03 -26.03
CA ALA E 281 -48.14 17.07 -26.98
C ALA E 281 -49.56 16.83 -27.46
N TYR E 282 -49.89 15.57 -27.77
CA TYR E 282 -51.23 15.25 -28.25
C TYR E 282 -52.27 15.52 -27.17
N GLN E 283 -51.99 15.13 -25.93
CA GLN E 283 -52.93 15.38 -24.84
C GLN E 283 -53.07 16.87 -24.53
N SER E 284 -52.00 17.65 -24.73
CA SER E 284 -52.11 19.09 -24.57
C SER E 284 -52.91 19.74 -25.69
N ILE E 285 -52.84 19.19 -26.90
CA ILE E 285 -53.66 19.72 -28.00
C ILE E 285 -55.13 19.37 -27.79
N MET E 286 -55.40 18.14 -27.34
CA MET E 286 -56.78 17.67 -27.17
C MET E 286 -57.52 18.34 -26.02
N LYS E 287 -56.87 19.11 -25.14
CA LYS E 287 -57.58 19.82 -24.08
C LYS E 287 -57.98 21.23 -24.49
N CYS E 288 -57.73 21.61 -25.75
CA CYS E 288 -58.14 22.90 -26.27
C CYS E 288 -59.48 22.74 -27.02
N ASP E 289 -60.02 23.88 -27.44
CA ASP E 289 -61.30 23.86 -28.14
C ASP E 289 -61.14 23.26 -29.54
N ILE E 290 -62.23 22.67 -30.04
CA ILE E 290 -62.19 21.89 -31.27
C ILE E 290 -61.82 22.76 -32.46
N ASP E 291 -62.11 24.06 -32.40
CA ASP E 291 -61.86 24.92 -33.55
C ASP E 291 -60.37 25.18 -33.77
N ILE E 292 -59.61 25.37 -32.68
CA ILE E 292 -58.21 25.76 -32.80
C ILE E 292 -57.26 24.58 -32.93
N ARG E 293 -57.76 23.35 -32.85
CA ARG E 293 -56.89 22.18 -32.96
C ARG E 293 -56.24 22.11 -34.33
N LYS E 294 -56.97 22.47 -35.38
CA LYS E 294 -56.38 22.44 -36.72
CA LYS E 294 -56.39 22.44 -36.72
C LYS E 294 -55.21 23.40 -36.85
N GLU E 295 -55.34 24.61 -36.28
CA GLU E 295 -54.25 25.57 -36.32
C GLU E 295 -53.09 25.16 -35.43
N LEU E 296 -53.38 24.53 -34.29
CA LEU E 296 -52.29 24.08 -33.41
C LEU E 296 -51.51 22.94 -34.04
N TYR E 297 -52.19 22.05 -34.77
CA TYR E 297 -51.54 20.90 -35.37
C TYR E 297 -50.50 21.26 -36.42
N ASN E 298 -50.54 22.47 -36.98
CA ASN E 298 -49.67 22.88 -38.07
C ASN E 298 -48.61 23.88 -37.64
N ASN E 299 -48.47 24.14 -36.35
CA ASN E 299 -47.50 25.12 -35.85
C ASN E 299 -46.77 24.58 -34.63
N ILE E 300 -46.33 23.33 -34.69
CA ILE E 300 -45.58 22.73 -33.59
C ILE E 300 -44.16 23.28 -33.62
N VAL E 301 -43.73 23.87 -32.51
CA VAL E 301 -42.44 24.54 -32.41
C VAL E 301 -41.60 23.84 -31.35
N LEU E 302 -40.36 23.53 -31.70
CA LEU E 302 -39.43 22.89 -30.79
C LEU E 302 -38.49 23.93 -30.18
N SER E 303 -38.13 23.72 -28.91
CA SER E 303 -37.25 24.63 -28.21
C SER E 303 -36.44 23.87 -27.17
N GLY E 304 -35.38 24.50 -26.70
CA GLY E 304 -34.51 23.91 -25.70
C GLY E 304 -33.33 23.17 -26.32
N GLY E 305 -32.39 22.81 -25.45
CA GLY E 305 -31.18 22.13 -25.88
C GLY E 305 -31.33 20.64 -26.02
N THR E 306 -32.32 20.06 -25.33
CA THR E 306 -32.55 18.63 -25.40
C THR E 306 -33.19 18.20 -26.72
N THR E 307 -33.74 19.14 -27.49
CA THR E 307 -34.32 18.84 -28.80
C THR E 307 -33.33 19.01 -29.93
N MET E 308 -32.03 18.92 -29.65
CA MET E 308 -30.99 19.13 -30.65
C MET E 308 -30.46 17.84 -31.24
N TYR E 309 -31.05 16.69 -30.90
CA TYR E 309 -30.63 15.43 -31.48
C TYR E 309 -30.94 15.42 -32.98
N ASN E 310 -30.40 14.41 -33.67
CA ASN E 310 -30.67 14.23 -35.07
C ASN E 310 -31.91 13.36 -35.27
N ASN E 311 -32.63 13.61 -36.37
CA ASN E 311 -33.86 12.89 -36.69
C ASN E 311 -34.89 13.01 -35.58
N ILE E 312 -34.98 14.19 -34.98
CA ILE E 312 -35.99 14.45 -33.95
C ILE E 312 -37.29 14.95 -34.58
N GLY E 313 -37.19 15.87 -35.54
CA GLY E 313 -38.39 16.38 -36.18
C GLY E 313 -39.14 15.32 -36.96
N GLU E 314 -38.41 14.51 -37.73
CA GLU E 314 -39.06 13.46 -38.51
C GLU E 314 -39.71 12.42 -37.61
N ARG E 315 -39.02 12.02 -36.53
CA ARG E 315 -39.60 11.06 -35.59
C ARG E 315 -40.85 11.62 -34.92
N LEU E 316 -40.79 12.89 -34.51
CA LEU E 316 -41.95 13.51 -33.88
C LEU E 316 -43.12 13.61 -34.85
N THR E 317 -42.84 13.97 -36.11
CA THR E 317 -43.88 14.04 -37.11
C THR E 317 -44.52 12.69 -37.35
N LYS E 318 -43.70 11.63 -37.45
CA LYS E 318 -44.23 10.30 -37.67
C LYS E 318 -45.09 9.85 -36.49
N GLU E 319 -44.64 10.15 -35.26
CA GLU E 319 -45.43 9.77 -34.09
C GLU E 319 -46.74 10.54 -34.02
N MET E 320 -46.72 11.84 -34.34
CA MET E 320 -47.93 12.64 -34.31
C MET E 320 -48.91 12.22 -35.39
N THR E 321 -48.40 11.80 -36.54
CA THR E 321 -49.27 11.38 -37.64
C THR E 321 -50.14 10.19 -37.26
N ASN E 322 -49.58 9.23 -36.53
CA ASN E 322 -50.34 8.06 -36.11
C ASN E 322 -51.38 8.36 -35.04
N LEU E 323 -51.35 9.56 -34.45
CA LEU E 323 -52.32 9.94 -33.43
C LEU E 323 -53.36 10.94 -33.89
N ALA E 324 -53.07 11.74 -34.90
CA ALA E 324 -53.95 12.77 -35.42
C ALA E 324 -54.91 12.18 -36.45
N PRO E 325 -56.05 12.82 -36.67
CA PRO E 325 -56.97 12.36 -37.71
C PRO E 325 -56.32 12.39 -39.08
N SER E 326 -56.73 11.46 -39.95
CA SER E 326 -56.08 11.29 -41.24
C SER E 326 -56.21 12.51 -42.14
N SER E 327 -57.15 13.41 -41.87
CA SER E 327 -57.37 14.59 -42.69
C SER E 327 -56.63 15.81 -42.18
N MET E 328 -55.69 15.63 -41.26
CA MET E 328 -54.96 16.74 -40.65
C MET E 328 -53.51 16.74 -41.11
N LYS E 329 -52.95 17.93 -41.29
CA LYS E 329 -51.56 18.10 -41.71
C LYS E 329 -50.72 18.52 -40.50
N ILE E 330 -49.62 17.81 -40.27
CA ILE E 330 -48.72 18.09 -39.15
C ILE E 330 -47.40 18.59 -39.71
N LYS E 331 -46.93 19.72 -39.18
CA LYS E 331 -45.64 20.30 -39.58
C LYS E 331 -44.88 20.66 -38.31
N VAL E 332 -43.81 19.92 -38.03
CA VAL E 332 -42.98 20.16 -36.85
C VAL E 332 -41.90 21.16 -37.26
N ILE E 333 -41.97 22.37 -36.69
CA ILE E 333 -40.99 23.40 -36.98
C ILE E 333 -39.79 23.20 -36.05
N ALA E 334 -38.62 22.92 -36.63
CA ALA E 334 -37.40 22.72 -35.88
C ALA E 334 -36.34 23.69 -36.42
N PRO E 335 -36.36 24.95 -36.01
CA PRO E 335 -35.42 25.93 -36.55
C PRO E 335 -34.02 25.70 -36.02
N PRO E 336 -33.00 26.07 -36.79
CA PRO E 336 -31.63 26.07 -36.25
C PRO E 336 -31.50 27.08 -35.14
N GLU E 337 -30.34 27.03 -34.45
CA GLU E 337 -30.01 27.89 -33.31
C GLU E 337 -31.14 27.97 -32.29
N ARG E 338 -31.95 26.91 -32.19
CA ARG E 338 -33.01 26.87 -31.20
C ARG E 338 -32.48 26.68 -29.78
N LYS E 339 -31.17 26.46 -29.62
CA LYS E 339 -30.57 26.39 -28.30
C LYS E 339 -30.73 27.70 -27.54
N TYR E 340 -30.65 28.83 -28.23
CA TYR E 340 -30.77 30.15 -27.60
C TYR E 340 -32.04 30.87 -28.02
N SER E 341 -33.09 30.13 -28.37
CA SER E 341 -34.33 30.76 -28.83
C SER E 341 -34.97 31.60 -27.74
N VAL E 342 -34.93 31.12 -26.49
CA VAL E 342 -35.54 31.86 -25.39
C VAL E 342 -34.86 33.20 -25.20
N TRP E 343 -33.52 33.22 -25.26
CA TRP E 343 -32.80 34.48 -25.09
C TRP E 343 -33.11 35.45 -26.23
N ILE E 344 -33.19 34.94 -27.47
CA ILE E 344 -33.50 35.80 -28.60
C ILE E 344 -34.90 36.39 -28.46
N GLY E 345 -35.86 35.56 -28.06
CA GLY E 345 -37.21 36.06 -27.84
C GLY E 345 -37.28 37.10 -26.75
N GLY E 346 -36.55 36.88 -25.65
CA GLY E 346 -36.50 37.87 -24.59
C GLY E 346 -35.89 39.18 -25.03
N SER E 347 -34.82 39.10 -25.82
CA SER E 347 -34.19 40.32 -26.34
C SER E 347 -35.13 41.06 -27.28
N ILE E 348 -35.86 40.34 -28.12
CA ILE E 348 -36.84 40.99 -28.99
C ILE E 348 -37.94 41.66 -28.18
N LEU E 349 -38.45 40.96 -27.15
CA LEU E 349 -39.52 41.51 -26.33
C LEU E 349 -39.06 42.76 -25.58
N SER E 350 -37.82 42.75 -25.07
CA SER E 350 -37.34 43.86 -24.27
C SER E 350 -37.06 45.12 -25.07
N SER E 351 -37.07 45.05 -26.41
CA SER E 351 -36.82 46.20 -27.25
C SER E 351 -38.09 46.86 -27.78
N LEU E 352 -39.26 46.26 -27.54
CA LEU E 352 -40.51 46.84 -28.01
C LEU E 352 -40.84 48.10 -27.21
N SER E 353 -41.35 49.12 -27.92
CA SER E 353 -41.71 50.36 -27.27
C SER E 353 -42.93 50.21 -26.36
N THR E 354 -43.79 49.22 -26.63
CA THR E 354 -44.98 49.02 -25.79
C THR E 354 -44.63 48.44 -24.43
N PHE E 355 -43.57 47.63 -24.36
CA PHE E 355 -43.20 46.94 -23.12
C PHE E 355 -42.65 47.88 -22.06
N GLN E 356 -42.32 49.12 -22.41
CA GLN E 356 -41.65 50.02 -21.48
C GLN E 356 -42.52 50.40 -20.29
N GLN E 357 -43.82 50.12 -20.35
CA GLN E 357 -44.74 50.45 -19.27
C GLN E 357 -45.13 49.23 -18.45
N MET E 358 -44.40 48.12 -18.59
CA MET E 358 -44.72 46.89 -17.88
C MET E 358 -43.59 46.49 -16.93
N TRP E 359 -42.70 47.43 -16.61
CA TRP E 359 -41.61 47.18 -15.69
C TRP E 359 -42.08 47.34 -14.25
N ILE E 360 -41.46 46.56 -13.35
CA ILE E 360 -41.71 46.66 -11.92
C ILE E 360 -40.67 47.63 -11.35
N THR E 361 -41.09 48.86 -11.09
CA THR E 361 -40.17 49.89 -10.64
C THR E 361 -39.83 49.70 -9.16
N LYS E 362 -38.80 50.43 -8.71
CA LYS E 362 -38.35 50.32 -7.32
C LYS E 362 -39.39 50.82 -6.34
N GLU E 363 -40.04 51.94 -6.67
CA GLU E 363 -41.03 52.52 -5.75
C GLU E 363 -42.23 51.60 -5.56
N GLU E 364 -42.70 50.97 -6.64
CA GLU E 364 -43.82 50.04 -6.51
C GLU E 364 -43.48 48.87 -5.61
N TYR E 365 -42.28 48.31 -5.76
CA TYR E 365 -41.86 47.22 -4.89
C TYR E 365 -41.73 47.69 -3.44
N GLU E 366 -41.18 48.89 -3.24
CA GLU E 366 -41.02 49.41 -1.88
C GLU E 366 -42.37 49.63 -1.20
N ASP E 367 -43.35 50.15 -1.95
CA ASP E 367 -44.67 50.41 -1.38
C ASP E 367 -45.52 49.15 -1.22
N SER E 368 -45.33 48.15 -2.08
CA SER E 368 -46.18 46.97 -2.06
C SER E 368 -45.51 45.73 -1.47
N GLY E 369 -44.20 45.58 -1.65
CA GLY E 369 -43.50 44.43 -1.14
C GLY E 369 -43.16 43.43 -2.22
N PRO E 370 -42.63 42.27 -1.82
CA PRO E 370 -42.24 41.25 -2.81
C PRO E 370 -43.42 40.54 -3.43
N SER E 371 -44.63 40.83 -2.96
CA SER E 371 -45.83 40.20 -3.46
C SER E 371 -46.38 40.87 -4.72
N ILE E 372 -45.78 41.97 -5.15
CA ILE E 372 -46.28 42.68 -6.33
C ILE E 372 -46.06 41.87 -7.60
N VAL E 373 -45.08 40.96 -7.59
CA VAL E 373 -44.73 40.20 -8.79
C VAL E 373 -45.84 39.27 -9.24
N HIS E 374 -46.83 38.99 -8.38
CA HIS E 374 -47.93 38.11 -8.73
C HIS E 374 -49.04 38.82 -9.50
N ARG E 375 -49.44 40.01 -9.08
CA ARG E 375 -50.52 40.71 -9.74
C ARG E 375 -50.11 41.35 -11.06
N LYS E 376 -48.83 41.66 -11.24
CA LYS E 376 -48.38 42.30 -12.48
C LYS E 376 -47.88 41.28 -13.49
N CYS E 377 -46.91 40.47 -13.09
CA CYS E 377 -46.35 39.48 -14.00
C CYS E 377 -47.23 38.24 -14.08
N PHE E 378 -47.33 37.67 -15.27
CA PHE E 378 -48.10 36.45 -15.48
C PHE E 378 -47.26 35.21 -15.21
N ALA F 7 -87.29 -15.23 -4.08
CA ALA F 7 -85.99 -14.87 -4.62
C ALA F 7 -85.69 -13.40 -4.39
N VAL F 8 -84.86 -13.12 -3.37
CA VAL F 8 -84.51 -11.74 -3.06
C VAL F 8 -83.61 -11.19 -4.17
N ALA F 9 -83.89 -9.95 -4.58
CA ALA F 9 -83.16 -9.34 -5.67
C ALA F 9 -81.86 -8.73 -5.18
N LEU F 10 -80.94 -8.50 -6.12
CA LEU F 10 -79.65 -7.91 -5.86
C LEU F 10 -79.66 -6.46 -6.35
N VAL F 11 -79.23 -5.53 -5.50
CA VAL F 11 -79.14 -4.13 -5.87
C VAL F 11 -77.67 -3.80 -6.07
N VAL F 12 -77.32 -3.37 -7.28
CA VAL F 12 -75.94 -3.09 -7.66
C VAL F 12 -75.92 -1.69 -8.26
N ASP F 13 -75.33 -0.74 -7.54
CA ASP F 13 -75.15 0.63 -8.03
C ASP F 13 -73.71 0.77 -8.53
N ASN F 14 -73.55 0.94 -9.84
CA ASN F 14 -72.25 1.05 -10.47
C ASN F 14 -71.95 2.52 -10.75
N GLY F 15 -71.10 3.11 -9.93
CA GLY F 15 -70.70 4.50 -10.10
C GLY F 15 -69.42 4.61 -10.92
N SER F 16 -68.89 5.84 -10.96
CA SER F 16 -67.64 6.11 -11.64
C SER F 16 -66.43 5.95 -10.74
N GLY F 17 -66.61 6.06 -9.43
CA GLY F 17 -65.50 5.91 -8.50
C GLY F 17 -65.69 4.79 -7.51
N MET F 18 -66.94 4.46 -7.20
CA MET F 18 -67.27 3.43 -6.22
C MET F 18 -68.35 2.51 -6.78
N VAL F 19 -68.37 1.29 -6.27
CA VAL F 19 -69.39 0.31 -6.59
C VAL F 19 -70.04 -0.12 -5.29
N LYS F 20 -71.37 -0.02 -5.24
CA LYS F 20 -72.15 -0.45 -4.09
C LYS F 20 -72.98 -1.67 -4.48
N SER F 21 -73.11 -2.63 -3.56
CA SER F 21 -73.87 -3.83 -3.85
C SER F 21 -74.47 -4.37 -2.56
N GLY F 22 -75.63 -4.99 -2.69
CA GLY F 22 -76.29 -5.54 -1.53
C GLY F 22 -77.56 -6.28 -1.90
N LEU F 23 -78.26 -6.72 -0.86
CA LEU F 23 -79.52 -7.45 -0.99
C LEU F 23 -80.71 -6.51 -0.79
N ALA F 24 -81.78 -6.80 -1.51
CA ALA F 24 -83.00 -6.02 -1.39
C ALA F 24 -83.65 -6.23 -0.02
N GLY F 25 -84.18 -5.16 0.55
CA GLY F 25 -84.82 -5.17 1.85
C GLY F 25 -83.98 -4.52 2.94
N ASP F 26 -82.66 -4.45 2.75
CA ASP F 26 -81.80 -3.82 3.74
C ASP F 26 -81.75 -2.31 3.50
N ASP F 27 -81.30 -1.59 4.54
CA ASP F 27 -81.19 -0.14 4.49
C ASP F 27 -79.75 0.34 4.42
N ALA F 28 -78.80 -0.57 4.18
CA ALA F 28 -77.39 -0.21 4.07
C ALA F 28 -76.69 -1.17 3.11
N PRO F 29 -75.92 -0.67 2.15
CA PRO F 29 -75.20 -1.57 1.24
C PRO F 29 -74.23 -2.46 1.99
N LYS F 30 -74.12 -3.71 1.54
CA LYS F 30 -73.25 -4.68 2.20
C LYS F 30 -71.84 -4.70 1.66
N CYS F 31 -71.62 -4.32 0.39
CA CYS F 31 -70.29 -4.33 -0.20
C CYS F 31 -70.08 -3.04 -0.98
N VAL F 32 -69.26 -2.15 -0.44
CA VAL F 32 -68.90 -0.90 -1.11
C VAL F 32 -67.39 -0.91 -1.32
N PHE F 33 -66.96 -0.77 -2.58
CA PHE F 33 -65.53 -0.83 -2.85
C PHE F 33 -65.22 -0.01 -4.10
N PRO F 34 -64.00 0.52 -4.23
CA PRO F 34 -63.66 1.33 -5.40
C PRO F 34 -63.66 0.49 -6.67
N SER F 35 -63.92 1.17 -7.79
CA SER F 35 -63.99 0.56 -9.12
C SER F 35 -62.69 0.84 -9.84
N ILE F 36 -61.67 0.01 -9.58
CA ILE F 36 -60.36 0.15 -10.21
C ILE F 36 -59.84 -1.24 -10.57
N VAL F 37 -59.07 -1.31 -11.64
CA VAL F 37 -58.39 -2.53 -12.05
C VAL F 37 -56.90 -2.26 -12.05
N GLY F 38 -56.15 -3.03 -11.28
CA GLY F 38 -54.71 -2.83 -11.11
C GLY F 38 -53.93 -3.89 -11.86
N ARG F 39 -52.83 -3.47 -12.49
CA ARG F 39 -51.97 -4.39 -13.22
C ARG F 39 -50.51 -4.13 -12.84
N PRO F 40 -49.73 -5.18 -12.58
CA PRO F 40 -48.34 -4.99 -12.16
C PRO F 40 -47.48 -4.41 -13.26
N LYS F 41 -46.46 -3.66 -12.86
CA LYS F 41 -45.52 -3.03 -13.78
C LYS F 41 -44.07 -3.35 -13.42
N MET F 42 -43.86 -4.41 -12.64
CA MET F 42 -42.51 -4.78 -12.21
C MET F 42 -42.27 -6.27 -12.45
N PRO F 43 -41.02 -6.68 -12.64
CA PRO F 43 -40.73 -8.12 -12.82
C PRO F 43 -40.90 -8.92 -11.55
N ASN F 44 -41.44 -10.14 -11.67
CA ASN F 44 -41.60 -11.04 -10.53
C ASN F 44 -40.38 -11.96 -10.45
N ILE F 45 -39.70 -11.94 -9.30
CA ILE F 45 -38.47 -12.70 -9.11
C ILE F 45 -38.63 -13.80 -8.07
N MET F 46 -39.39 -13.55 -7.02
CA MET F 46 -39.50 -14.51 -5.92
C MET F 46 -40.34 -15.72 -6.32
N ILE F 47 -39.68 -16.78 -6.80
CA ILE F 47 -40.39 -18.00 -7.14
C ILE F 47 -40.90 -18.67 -5.85
N GLY F 48 -42.10 -19.21 -5.93
CA GLY F 48 -42.73 -19.90 -4.81
C GLY F 48 -43.98 -19.23 -4.29
N MET F 49 -44.18 -17.96 -4.59
CA MET F 49 -45.39 -17.23 -4.19
C MET F 49 -46.26 -16.99 -5.42
N GLU F 50 -47.57 -17.19 -5.24
CA GLU F 50 -48.52 -17.04 -6.34
C GLU F 50 -48.78 -15.57 -6.62
N GLN F 51 -48.97 -15.25 -7.90
CA GLN F 51 -49.26 -13.90 -8.35
C GLN F 51 -50.45 -13.92 -9.29
N LYS F 52 -51.17 -12.80 -9.33
CA LYS F 52 -52.34 -12.65 -10.18
C LYS F 52 -52.10 -11.58 -11.23
N GLU F 53 -52.71 -11.77 -12.40
CA GLU F 53 -52.54 -10.85 -13.51
C GLU F 53 -53.18 -9.49 -13.25
N CYS F 54 -54.33 -9.48 -12.56
CA CYS F 54 -55.05 -8.23 -12.33
C CYS F 54 -55.68 -8.26 -10.95
N TYR F 55 -55.61 -7.13 -10.24
CA TYR F 55 -56.22 -6.95 -8.94
C TYR F 55 -57.41 -6.03 -9.06
N VAL F 56 -58.55 -6.44 -8.50
CA VAL F 56 -59.81 -5.70 -8.63
C VAL F 56 -60.31 -5.35 -7.23
N GLY F 57 -60.64 -4.08 -7.03
CA GLY F 57 -61.25 -3.63 -5.79
C GLY F 57 -60.22 -3.25 -4.75
N ASP F 58 -60.54 -3.50 -3.48
CA ASP F 58 -59.66 -3.12 -2.37
C ASP F 58 -58.29 -3.78 -2.45
N GLU F 59 -58.20 -5.01 -2.95
CA GLU F 59 -56.91 -5.66 -3.11
C GLU F 59 -56.03 -4.99 -4.16
N ALA F 60 -56.52 -3.97 -4.85
CA ALA F 60 -55.68 -3.20 -5.75
C ALA F 60 -55.40 -1.83 -5.16
N GLN F 61 -56.16 -1.46 -4.13
CA GLN F 61 -55.94 -0.20 -3.44
C GLN F 61 -54.88 -0.28 -2.35
N ASN F 62 -54.53 -1.49 -1.91
CA ASN F 62 -53.53 -1.67 -0.86
C ASN F 62 -52.15 -1.88 -1.47
N LYS F 63 -52.07 -2.65 -2.55
CA LYS F 63 -50.80 -2.91 -3.21
C LYS F 63 -50.62 -2.00 -4.42
N ARG F 64 -51.17 -0.79 -4.36
CA ARG F 64 -51.12 0.13 -5.49
C ARG F 64 -49.72 0.68 -5.75
N GLY F 65 -48.77 0.46 -4.83
CA GLY F 65 -47.42 0.95 -5.05
C GLY F 65 -46.74 0.33 -6.25
N ILE F 66 -47.04 -0.93 -6.54
CA ILE F 66 -46.45 -1.66 -7.65
C ILE F 66 -47.42 -1.88 -8.79
N LEU F 67 -48.56 -1.20 -8.79
CA LEU F 67 -49.60 -1.42 -9.80
C LEU F 67 -49.89 -0.13 -10.56
N THR F 68 -50.40 -0.31 -11.77
CA THR F 68 -51.00 0.77 -12.57
C THR F 68 -52.51 0.55 -12.50
N LEU F 69 -53.24 1.62 -12.18
CA LEU F 69 -54.66 1.52 -11.93
C LEU F 69 -55.46 2.12 -13.08
N LYS F 70 -56.52 1.43 -13.48
CA LYS F 70 -57.40 1.88 -14.55
C LYS F 70 -58.82 1.98 -14.04
N TYR F 71 -59.51 3.05 -14.45
CA TYR F 71 -60.94 3.21 -14.18
C TYR F 71 -61.70 2.82 -15.43
N PRO F 72 -62.51 1.75 -15.39
CA PRO F 72 -63.23 1.32 -16.59
C PRO F 72 -64.46 2.16 -16.94
N ILE F 73 -64.81 3.13 -16.11
CA ILE F 73 -65.99 3.97 -16.34
C ILE F 73 -65.54 5.42 -16.34
N GLU F 74 -65.91 6.15 -17.39
CA GLU F 74 -65.59 7.58 -17.47
C GLU F 74 -66.85 8.37 -17.84
N HIC F 75 -67.28 9.24 -16.94
CA HIC F 75 -68.43 10.09 -17.14
C HIC F 75 -69.69 9.25 -17.32
O HIC F 75 -70.57 9.49 -18.14
CB HIC F 75 -68.33 11.04 -18.34
CG HIC F 75 -67.11 11.88 -18.28
ND1 HIC F 75 -66.85 12.82 -17.27
CD2 HIC F 75 -66.06 11.85 -19.20
CE1 HIC F 75 -65.65 13.36 -17.58
NE2 HIC F 75 -65.12 12.80 -18.76
CZ HIC F 75 -63.88 13.12 -19.38
N GLY F 76 -69.76 8.19 -16.52
CA GLY F 76 -70.92 7.31 -16.50
C GLY F 76 -71.05 6.42 -17.72
N ILE F 77 -69.99 6.35 -18.52
CA ILE F 77 -69.97 5.54 -19.74
C ILE F 77 -68.87 4.50 -19.63
N VAL F 78 -69.21 3.24 -19.87
CA VAL F 78 -68.22 2.17 -19.82
C VAL F 78 -67.30 2.29 -21.03
N THR F 79 -66.00 2.44 -20.76
CA THR F 79 -65.01 2.55 -21.83
C THR F 79 -64.40 1.19 -22.18
N ASN F 80 -64.05 0.40 -21.18
CA ASN F 80 -63.50 -0.94 -21.37
C ASN F 80 -64.49 -1.94 -20.79
N TRP F 81 -64.91 -2.89 -21.61
CA TRP F 81 -65.92 -3.85 -21.17
C TRP F 81 -65.32 -5.07 -20.48
N ASP F 82 -64.08 -5.44 -20.82
CA ASP F 82 -63.43 -6.55 -20.15
C ASP F 82 -63.22 -6.25 -18.67
N ASP F 83 -62.76 -5.03 -18.36
CA ASP F 83 -62.58 -4.64 -16.97
C ASP F 83 -63.91 -4.60 -16.23
N MET F 84 -64.97 -4.12 -16.88
CA MET F 84 -66.29 -4.11 -16.23
C MET F 84 -66.78 -5.53 -15.98
N GLU F 85 -66.53 -6.45 -16.90
CA GLU F 85 -66.88 -7.85 -16.67
C GLU F 85 -66.11 -8.42 -15.49
N LYS F 86 -64.82 -8.09 -15.39
CA LYS F 86 -64.04 -8.54 -14.24
C LYS F 86 -64.60 -7.98 -12.93
N ILE F 87 -64.97 -6.69 -12.94
CA ILE F 87 -65.50 -6.07 -11.73
C ILE F 87 -66.84 -6.70 -11.34
N TRP F 88 -67.70 -6.96 -12.31
CA TRP F 88 -68.97 -7.61 -12.01
C TRP F 88 -68.77 -9.03 -11.48
N HIS F 89 -67.82 -9.77 -12.05
CA HIS F 89 -67.52 -11.10 -11.56
C HIS F 89 -67.00 -11.04 -10.12
N HIS F 90 -66.12 -10.09 -9.83
CA HIS F 90 -65.62 -9.93 -8.47
C HIS F 90 -66.75 -9.58 -7.50
N THR F 91 -67.65 -8.70 -7.93
CA THR F 91 -68.78 -8.32 -7.08
C THR F 91 -69.69 -9.51 -6.80
N PHE F 92 -69.98 -10.31 -7.82
CA PHE F 92 -70.94 -11.40 -7.66
C PHE F 92 -70.35 -12.56 -6.87
N TYR F 93 -69.09 -12.93 -7.14
CA TYR F 93 -68.54 -14.16 -6.58
C TYR F 93 -67.57 -13.94 -5.43
N ASN F 94 -67.00 -12.75 -5.28
CA ASN F 94 -66.03 -12.50 -4.21
C ASN F 94 -66.54 -11.60 -3.10
N GLU F 95 -67.54 -10.76 -3.37
CA GLU F 95 -68.07 -9.85 -2.36
C GLU F 95 -69.36 -10.37 -1.73
N LEU F 96 -70.37 -10.68 -2.53
CA LEU F 96 -71.62 -11.21 -2.01
C LEU F 96 -71.60 -12.73 -1.88
N ARG F 97 -70.83 -13.41 -2.74
CA ARG F 97 -70.77 -14.87 -2.75
CA ARG F 97 -70.76 -14.87 -2.75
C ARG F 97 -72.15 -15.50 -2.90
N VAL F 98 -72.96 -14.95 -3.80
CA VAL F 98 -74.28 -15.49 -4.12
C VAL F 98 -74.34 -15.73 -5.62
N SER F 99 -74.92 -16.85 -6.02
CA SER F 99 -74.98 -17.20 -7.43
C SER F 99 -75.91 -16.24 -8.16
N PRO F 100 -75.45 -15.58 -9.23
CA PRO F 100 -76.31 -14.63 -9.94
C PRO F 100 -77.33 -15.31 -10.83
N GLU F 101 -77.32 -16.64 -10.84
CA GLU F 101 -78.24 -17.42 -11.65
C GLU F 101 -79.55 -17.71 -10.93
N GLU F 102 -79.74 -17.16 -9.72
CA GLU F 102 -80.95 -17.41 -8.95
C GLU F 102 -81.59 -16.11 -8.45
N HIS F 103 -80.94 -14.97 -8.61
CA HIS F 103 -81.43 -13.71 -8.07
C HIS F 103 -81.61 -12.71 -9.20
N PRO F 104 -82.74 -11.99 -9.25
CA PRO F 104 -82.87 -10.88 -10.20
C PRO F 104 -81.94 -9.74 -9.84
N VAL F 105 -81.50 -9.01 -10.85
CA VAL F 105 -80.52 -7.93 -10.71
C VAL F 105 -81.17 -6.62 -11.10
N LEU F 106 -81.00 -5.60 -10.26
CA LEU F 106 -81.49 -4.26 -10.53
C LEU F 106 -80.28 -3.34 -10.73
N LEU F 107 -80.18 -2.73 -11.91
CA LEU F 107 -79.07 -1.87 -12.26
C LEU F 107 -79.53 -0.42 -12.33
N THR F 108 -78.54 0.48 -12.29
CA THR F 108 -78.79 1.92 -12.36
C THR F 108 -77.96 2.54 -13.48
N GLU F 109 -78.41 3.68 -13.96
CA GLU F 109 -77.74 4.38 -15.05
C GLU F 109 -78.10 5.85 -15.02
N ALA F 110 -77.15 6.68 -15.47
CA ALA F 110 -77.39 8.12 -15.55
C ALA F 110 -78.26 8.45 -16.76
N PRO F 111 -79.04 9.52 -16.69
CA PRO F 111 -79.88 9.91 -17.81
C PRO F 111 -79.07 10.48 -18.96
N LEU F 112 -79.70 10.45 -20.15
CA LEU F 112 -79.11 11.00 -21.38
C LEU F 112 -77.81 10.28 -21.74
N ASN F 113 -77.82 8.96 -21.68
CA ASN F 113 -76.70 8.11 -22.04
C ASN F 113 -76.96 7.41 -23.36
N PRO F 114 -75.90 7.01 -24.08
CA PRO F 114 -76.09 6.30 -25.35
C PRO F 114 -76.83 4.98 -25.16
N LYS F 115 -77.58 4.60 -26.18
CA LYS F 115 -78.38 3.37 -26.14
C LYS F 115 -77.49 2.14 -26.16
N THR F 116 -76.37 2.20 -26.88
CA THR F 116 -75.47 1.05 -26.97
C THR F 116 -74.94 0.62 -25.60
N ASN F 117 -74.77 1.57 -24.68
CA ASN F 117 -74.36 1.21 -23.32
C ASN F 117 -75.38 0.28 -22.66
N ARG F 118 -76.66 0.67 -22.72
CA ARG F 118 -77.72 -0.18 -22.15
C ARG F 118 -77.81 -1.51 -22.87
N GLU F 119 -77.70 -1.50 -24.20
CA GLU F 119 -77.80 -2.75 -24.96
C GLU F 119 -76.67 -3.71 -24.58
N LYS F 120 -75.44 -3.20 -24.52
CA LYS F 120 -74.31 -4.05 -24.15
C LYS F 120 -74.43 -4.54 -22.71
N MET F 121 -74.90 -3.67 -21.80
CA MET F 121 -75.07 -4.08 -20.41
C MET F 121 -76.08 -5.22 -20.31
N THR F 122 -77.21 -5.10 -21.02
CA THR F 122 -78.21 -6.16 -21.02
C THR F 122 -77.66 -7.44 -21.63
N GLN F 123 -76.93 -7.32 -22.74
CA GLN F 123 -76.38 -8.51 -23.40
C GLN F 123 -75.40 -9.23 -22.48
N ILE F 124 -74.54 -8.48 -21.79
CA ILE F 124 -73.58 -9.10 -20.88
C ILE F 124 -74.29 -9.74 -19.70
N MET F 125 -75.28 -9.05 -19.13
CA MET F 125 -75.98 -9.59 -17.97
C MET F 125 -76.79 -10.83 -18.32
N PHE F 126 -77.23 -10.96 -19.57
CA PHE F 126 -78.07 -12.08 -19.96
C PHE F 126 -77.31 -13.25 -20.58
N GLU F 127 -76.19 -13.00 -21.24
CA GLU F 127 -75.47 -14.08 -21.90
C GLU F 127 -74.35 -14.67 -21.03
N THR F 128 -73.63 -13.83 -20.29
CA THR F 128 -72.52 -14.34 -19.47
C THR F 128 -73.02 -14.91 -18.15
N PHE F 129 -73.65 -14.06 -17.33
CA PHE F 129 -74.10 -14.50 -16.01
C PHE F 129 -75.41 -15.27 -16.05
N ASP F 130 -76.23 -15.04 -17.09
CA ASP F 130 -77.51 -15.74 -17.27
C ASP F 130 -78.42 -15.55 -16.05
N VAL F 131 -78.71 -14.29 -15.76
CA VAL F 131 -79.62 -13.94 -14.66
C VAL F 131 -81.04 -14.22 -15.11
N PRO F 132 -81.95 -14.56 -14.18
CA PRO F 132 -83.35 -14.80 -14.59
C PRO F 132 -84.04 -13.54 -15.09
N ALA F 133 -83.97 -12.44 -14.34
CA ALA F 133 -84.60 -11.19 -14.71
C ALA F 133 -83.65 -10.03 -14.39
N MET F 134 -83.87 -8.91 -15.08
CA MET F 134 -83.07 -7.72 -14.85
C MET F 134 -83.91 -6.48 -15.13
N TYR F 135 -83.42 -5.34 -14.67
CA TYR F 135 -84.10 -4.07 -14.88
C TYR F 135 -83.10 -2.94 -14.72
N VAL F 136 -83.29 -1.88 -15.50
CA VAL F 136 -82.42 -0.69 -15.47
C VAL F 136 -83.29 0.53 -15.18
N SER F 137 -82.86 1.35 -14.22
CA SER F 137 -83.62 2.52 -13.81
C SER F 137 -82.68 3.71 -13.67
N ILE F 138 -83.28 4.90 -13.69
CA ILE F 138 -82.51 6.14 -13.53
C ILE F 138 -82.22 6.37 -12.05
N GLN F 139 -81.08 7.01 -11.78
CA GLN F 139 -80.61 7.21 -10.42
C GLN F 139 -81.41 8.27 -9.66
N ALA F 140 -81.81 9.35 -10.31
CA ALA F 140 -82.56 10.40 -9.63
C ALA F 140 -83.92 9.90 -9.16
N ILE F 141 -84.55 9.01 -9.92
CA ILE F 141 -85.83 8.44 -9.51
C ILE F 141 -85.66 7.64 -8.22
N LEU F 142 -84.60 6.84 -8.14
CA LEU F 142 -84.33 6.07 -6.93
C LEU F 142 -83.98 6.98 -5.76
N SER F 143 -83.26 8.07 -6.03
CA SER F 143 -82.96 9.03 -4.98
C SER F 143 -84.22 9.66 -4.41
N LEU F 144 -85.19 9.97 -5.28
CA LEU F 144 -86.46 10.51 -4.81
C LEU F 144 -87.27 9.44 -4.08
N TYR F 145 -87.19 8.19 -4.53
CA TYR F 145 -87.83 7.09 -3.82
C TYR F 145 -87.31 6.97 -2.40
N ALA F 146 -86.00 7.08 -2.23
CA ALA F 146 -85.38 6.95 -0.91
C ALA F 146 -85.81 8.01 0.07
N SER F 147 -86.30 9.16 -0.41
CA SER F 147 -86.73 10.25 0.47
C SER F 147 -88.19 10.16 0.87
N GLY F 148 -88.94 9.21 0.31
CA GLY F 148 -90.35 9.07 0.65
C GLY F 148 -91.22 10.21 0.17
N ARG F 149 -90.90 10.83 -0.95
CA ARG F 149 -91.67 11.93 -1.51
C ARG F 149 -92.10 11.60 -2.93
N THR F 150 -92.85 12.51 -3.52
CA THR F 150 -93.27 12.39 -4.91
C THR F 150 -93.05 13.65 -5.74
N THR F 151 -92.79 14.79 -5.11
CA THR F 151 -92.58 16.05 -5.82
C THR F 151 -91.26 16.66 -5.36
N GLY F 152 -90.42 17.02 -6.31
CA GLY F 152 -89.15 17.67 -6.01
C GLY F 152 -88.21 17.62 -7.18
N ILE F 153 -87.13 18.39 -7.05
CA ILE F 153 -86.07 18.42 -8.04
C ILE F 153 -84.83 17.79 -7.42
N VAL F 154 -84.28 16.78 -8.08
CA VAL F 154 -83.17 16.01 -7.56
C VAL F 154 -81.89 16.47 -8.25
N LEU F 155 -80.89 16.83 -7.45
CA LEU F 155 -79.57 17.24 -7.91
C LEU F 155 -78.57 16.15 -7.49
N ASP F 156 -78.26 15.24 -8.40
CA ASP F 156 -77.32 14.16 -8.12
C ASP F 156 -75.95 14.55 -8.66
N SER F 157 -74.91 14.26 -7.87
CA SER F 157 -73.54 14.60 -8.25
C SER F 157 -72.61 13.54 -7.69
N GLY F 158 -71.98 12.77 -8.56
CA GLY F 158 -71.10 11.70 -8.12
C GLY F 158 -69.64 11.96 -8.43
N ASP F 159 -69.01 11.03 -9.15
CA ASP F 159 -67.60 11.14 -9.48
C ASP F 159 -67.33 11.48 -10.93
N GLY F 160 -68.29 11.24 -11.83
CA GLY F 160 -68.06 11.52 -13.24
C GLY F 160 -69.05 12.46 -13.89
N VAL F 161 -70.27 12.54 -13.34
CA VAL F 161 -71.34 13.31 -13.98
C VAL F 161 -72.28 13.81 -12.90
N SER F 162 -72.82 15.02 -13.10
CA SER F 162 -73.81 15.60 -12.20
C SER F 162 -75.02 16.02 -13.01
N HIS F 163 -76.20 15.61 -12.57
CA HIS F 163 -77.44 15.87 -13.31
C HIS F 163 -78.55 16.28 -12.37
N THR F 164 -79.47 17.08 -12.91
CA THR F 164 -80.66 17.53 -12.21
C THR F 164 -81.91 17.10 -12.97
N VAL F 165 -82.88 16.56 -12.23
CA VAL F 165 -84.12 16.04 -12.79
C VAL F 165 -85.31 16.49 -11.93
N PRO F 166 -86.30 17.18 -12.51
CA PRO F 166 -87.51 17.50 -11.75
C PRO F 166 -88.60 16.45 -11.92
N ILE F 167 -89.33 16.21 -10.84
CA ILE F 167 -90.45 15.27 -10.83
C ILE F 167 -91.60 15.91 -10.07
N TYR F 168 -92.81 15.87 -10.64
CA TYR F 168 -93.98 16.48 -10.03
C TYR F 168 -95.09 15.43 -9.93
N GLU F 169 -95.35 14.97 -8.71
CA GLU F 169 -96.47 14.08 -8.41
C GLU F 169 -96.43 12.81 -9.28
N GLY F 170 -95.24 12.23 -9.39
CA GLY F 170 -95.06 10.98 -10.10
C GLY F 170 -94.82 11.11 -11.59
N TYR F 171 -94.87 12.31 -12.14
CA TYR F 171 -94.64 12.53 -13.55
C TYR F 171 -93.32 13.27 -13.75
N VAL F 172 -92.44 12.70 -14.59
CA VAL F 172 -91.16 13.32 -14.89
C VAL F 172 -91.32 14.22 -16.11
N LEU F 173 -90.52 15.29 -16.14
CA LEU F 173 -90.52 16.24 -17.25
C LEU F 173 -89.20 16.10 -18.00
N PRO F 174 -89.14 15.26 -19.05
CA PRO F 174 -87.85 15.02 -19.71
C PRO F 174 -87.27 16.24 -20.41
N HIS F 175 -88.09 17.25 -20.71
CA HIS F 175 -87.56 18.42 -21.40
C HIS F 175 -86.84 19.36 -20.44
N ALA F 176 -86.92 19.09 -19.13
CA ALA F 176 -86.28 19.93 -18.12
C ALA F 176 -85.15 19.21 -17.39
N ILE F 177 -84.63 18.12 -17.96
CA ILE F 177 -83.56 17.35 -17.35
C ILE F 177 -82.23 17.91 -17.85
N ASN F 178 -81.33 18.23 -16.93
CA ASN F 178 -80.01 18.72 -17.30
C ASN F 178 -78.92 17.79 -16.79
N ARG F 179 -77.81 17.77 -17.51
CA ARG F 179 -76.69 16.88 -17.19
C ARG F 179 -75.40 17.53 -17.64
N ILE F 180 -74.44 17.66 -16.72
CA ILE F 180 -73.12 18.22 -17.04
C ILE F 180 -72.06 17.28 -16.51
N ASP F 181 -70.88 17.31 -17.14
CA ASP F 181 -69.76 16.46 -16.78
C ASP F 181 -68.76 17.27 -15.97
N MET F 182 -69.03 17.37 -14.68
CA MET F 182 -68.16 18.08 -13.75
C MET F 182 -68.41 17.53 -12.35
N ALA F 183 -67.42 16.83 -11.80
CA ALA F 183 -67.62 16.12 -10.54
C ALA F 183 -66.34 16.03 -9.73
N GLY F 184 -66.32 15.11 -8.76
CA GLY F 184 -65.21 15.03 -7.82
C GLY F 184 -63.86 14.78 -8.45
N ARG F 185 -63.82 14.14 -9.63
CA ARG F 185 -62.55 13.92 -10.29
C ARG F 185 -61.93 15.23 -10.78
N ASP F 186 -62.75 16.12 -11.34
CA ASP F 186 -62.26 17.44 -11.71
C ASP F 186 -61.82 18.24 -10.50
N LEU F 187 -62.52 18.09 -9.36
CA LEU F 187 -62.09 18.73 -8.13
C LEU F 187 -60.76 18.17 -7.65
N THR F 188 -60.54 16.87 -7.80
CA THR F 188 -59.26 16.27 -7.46
C THR F 188 -58.13 16.84 -8.31
N TYR F 189 -58.39 16.97 -9.62
CA TYR F 189 -57.38 17.57 -10.51
C TYR F 189 -57.11 19.02 -10.13
N HIS F 190 -58.16 19.77 -9.79
CA HIS F 190 -57.98 21.16 -9.38
C HIS F 190 -57.17 21.24 -8.09
N MET F 191 -57.42 20.33 -7.14
CA MET F 191 -56.65 20.29 -5.91
C MET F 191 -55.19 19.96 -6.19
N MET F 192 -54.94 19.03 -7.11
CA MET F 192 -53.56 18.71 -7.49
C MET F 192 -52.87 19.93 -8.09
N LYS F 193 -53.58 20.68 -8.94
CA LYS F 193 -53.01 21.88 -9.51
C LYS F 193 -52.74 22.95 -8.45
N LEU F 194 -53.64 23.09 -7.47
CA LEU F 194 -53.45 24.07 -6.41
C LEU F 194 -52.30 23.71 -5.49
N PHE F 195 -52.08 22.42 -5.23
CA PHE F 195 -50.96 22.00 -4.38
C PHE F 195 -49.60 22.33 -4.99
N THR F 196 -49.54 22.52 -6.31
CA THR F 196 -48.27 22.87 -6.94
C THR F 196 -47.76 24.23 -6.48
N GLU F 197 -48.67 25.17 -6.22
CA GLU F 197 -48.27 26.52 -5.82
C GLU F 197 -47.55 26.55 -4.47
N ARG F 198 -47.73 25.53 -3.64
CA ARG F 198 -47.04 25.46 -2.36
C ARG F 198 -45.74 24.67 -2.42
N GLY F 199 -45.42 24.07 -3.56
CA GLY F 199 -44.22 23.28 -3.71
C GLY F 199 -44.41 21.78 -3.66
N HIS F 200 -45.63 21.28 -3.74
CA HIS F 200 -45.91 19.86 -3.69
C HIS F 200 -46.45 19.39 -5.03
N THR F 201 -45.91 18.27 -5.52
CA THR F 201 -46.26 17.74 -6.84
C THR F 201 -46.77 16.32 -6.71
N PHE F 202 -47.95 16.07 -7.27
CA PHE F 202 -48.52 14.73 -7.33
C PHE F 202 -48.79 14.40 -8.80
N THR F 203 -48.19 13.31 -9.28
CA THR F 203 -48.30 12.92 -10.68
C THR F 203 -48.84 11.51 -10.89
N THR F 204 -48.41 10.54 -10.07
CA THR F 204 -48.81 9.16 -10.28
C THR F 204 -50.23 8.92 -9.77
N THR F 205 -50.74 7.72 -10.04
CA THR F 205 -52.10 7.38 -9.65
C THR F 205 -52.25 7.28 -8.14
N ALA F 206 -51.26 6.68 -7.46
CA ALA F 206 -51.31 6.60 -6.01
C ALA F 206 -51.29 7.99 -5.39
N GLU F 207 -50.50 8.91 -5.95
CA GLU F 207 -50.54 10.28 -5.50
C GLU F 207 -51.90 10.92 -5.74
N ARG F 208 -52.57 10.55 -6.83
CA ARG F 208 -53.93 11.04 -7.06
CA ARG F 208 -53.93 11.04 -7.06
C ARG F 208 -54.88 10.53 -5.98
N GLU F 209 -54.74 9.27 -5.59
CA GLU F 209 -55.58 8.74 -4.51
C GLU F 209 -55.30 9.45 -3.19
N ILE F 210 -54.04 9.77 -2.93
CA ILE F 210 -53.69 10.51 -1.72
C ILE F 210 -54.33 11.89 -1.74
N VAL F 211 -54.28 12.57 -2.88
CA VAL F 211 -54.89 13.90 -3.00
C VAL F 211 -56.41 13.79 -2.84
N ARG F 212 -57.01 12.72 -3.37
CA ARG F 212 -58.44 12.51 -3.21
C ARG F 212 -58.81 12.34 -1.75
N ASP F 213 -58.00 11.58 -1.00
CA ASP F 213 -58.25 11.41 0.43
C ASP F 213 -58.09 12.72 1.18
N ILE F 214 -57.08 13.51 0.82
CA ILE F 214 -56.90 14.82 1.45
C ILE F 214 -58.12 15.70 1.19
N LYS F 215 -58.63 15.69 -0.04
CA LYS F 215 -59.81 16.47 -0.38
C LYS F 215 -61.03 16.00 0.41
N GLU F 216 -61.20 14.68 0.51
CA GLU F 216 -62.33 14.15 1.26
C GLU F 216 -62.24 14.46 2.75
N LYS F 217 -61.04 14.66 3.28
CA LYS F 217 -60.87 14.88 4.71
C LYS F 217 -60.89 16.35 5.10
N LEU F 218 -60.20 17.22 4.37
CA LEU F 218 -59.92 18.58 4.82
C LEU F 218 -60.56 19.67 3.97
N CYS F 219 -61.68 19.41 3.30
CA CYS F 219 -62.32 20.41 2.46
C CYS F 219 -63.65 20.85 3.04
N TYR F 220 -63.98 22.12 2.80
CA TYR F 220 -65.27 22.68 3.18
C TYR F 220 -65.57 23.85 2.25
N ILE F 221 -66.84 24.28 2.27
CA ILE F 221 -67.33 25.33 1.38
C ILE F 221 -67.56 26.60 2.19
N ALA F 222 -67.02 27.70 1.70
CA ALA F 222 -67.12 28.98 2.40
C ALA F 222 -68.39 29.72 1.99
N MET F 223 -68.93 30.49 2.93
CA MET F 223 -70.15 31.26 2.67
C MET F 223 -69.87 32.47 1.78
N ASP F 224 -68.77 33.18 2.03
CA ASP F 224 -68.42 34.37 1.27
C ASP F 224 -66.99 34.20 0.76
N TYR F 225 -66.84 34.03 -0.56
CA TYR F 225 -65.55 33.65 -1.12
C TYR F 225 -64.55 34.81 -1.05
N ASP F 226 -64.98 36.02 -1.43
CA ASP F 226 -64.06 37.15 -1.48
C ASP F 226 -63.53 37.50 -0.08
N GLU F 227 -64.42 37.52 0.91
CA GLU F 227 -63.99 37.82 2.28
CA GLU F 227 -63.97 37.83 2.26
C GLU F 227 -63.06 36.73 2.81
N GLU F 228 -63.32 35.47 2.45
CA GLU F 228 -62.43 34.39 2.87
C GLU F 228 -61.05 34.54 2.24
N LEU F 229 -60.99 34.91 0.96
CA LEU F 229 -59.70 35.17 0.33
C LEU F 229 -58.97 36.33 1.00
N LYS F 230 -59.71 37.39 1.35
CA LYS F 230 -59.09 38.51 2.04
C LYS F 230 -58.58 38.10 3.42
N ARG F 231 -59.33 37.27 4.14
CA ARG F 231 -58.93 36.81 5.46
C ARG F 231 -57.73 35.87 5.39
N SER F 232 -57.60 35.13 4.29
CA SER F 232 -56.48 34.21 4.12
C SER F 232 -55.16 34.92 3.92
N GLU F 233 -55.12 36.25 4.04
CA GLU F 233 -53.88 37.02 3.96
C GLU F 233 -53.54 37.64 5.30
N GLU F 234 -54.46 38.38 5.91
CA GLU F 234 -54.18 38.98 7.22
C GLU F 234 -53.99 37.92 8.30
N HIS F 235 -54.84 36.89 8.32
CA HIS F 235 -54.70 35.81 9.30
C HIS F 235 -54.96 34.46 8.64
N SER F 236 -53.92 33.84 8.11
CA SER F 236 -54.04 32.53 7.50
C SER F 236 -53.87 31.38 8.49
N ASP F 237 -53.42 31.67 9.70
CA ASP F 237 -53.12 30.62 10.67
C ASP F 237 -54.38 29.93 11.20
N GLU F 238 -55.55 30.56 11.04
CA GLU F 238 -56.77 29.99 11.59
C GLU F 238 -57.27 28.83 10.74
N ILE F 239 -56.86 28.75 9.48
CA ILE F 239 -57.32 27.69 8.57
C ILE F 239 -56.22 26.70 8.24
N GLU F 240 -55.07 26.77 8.91
CA GLU F 240 -53.96 25.85 8.63
C GLU F 240 -54.25 24.49 9.25
N GLU F 241 -53.96 23.42 8.50
CA GLU F 241 -54.06 22.06 9.00
C GLU F 241 -52.83 21.29 8.57
N ILE F 242 -52.50 20.26 9.34
CA ILE F 242 -51.34 19.41 9.06
C ILE F 242 -51.85 18.00 8.74
N TYR F 243 -51.38 17.46 7.62
CA TYR F 243 -51.77 16.15 7.16
C TYR F 243 -50.54 15.26 7.05
N GLU F 244 -50.63 14.04 7.57
CA GLU F 244 -49.50 13.13 7.60
C GLU F 244 -49.53 12.26 6.35
N LEU F 245 -48.50 12.41 5.51
CA LEU F 245 -48.40 11.58 4.32
C LEU F 245 -48.12 10.13 4.72
N PRO F 246 -48.43 9.16 3.83
CA PRO F 246 -48.24 7.75 4.19
C PRO F 246 -46.80 7.39 4.52
N ASP F 247 -45.83 8.14 3.99
CA ASP F 247 -44.42 7.86 4.24
C ASP F 247 -43.88 8.61 5.46
N GLY F 248 -44.74 9.32 6.20
CA GLY F 248 -44.34 9.99 7.41
C GLY F 248 -44.16 11.49 7.30
N ASN F 249 -44.08 12.03 6.08
CA ASN F 249 -43.92 13.47 5.92
C ASN F 249 -45.22 14.20 6.26
N LEU F 250 -45.07 15.47 6.58
CA LEU F 250 -46.18 16.34 6.97
C LEU F 250 -46.37 17.42 5.92
N ILE F 251 -47.62 17.62 5.48
CA ILE F 251 -47.95 18.63 4.50
C ILE F 251 -48.94 19.61 5.12
N THR F 252 -48.75 20.90 4.84
CA THR F 252 -49.58 21.95 5.40
C THR F 252 -50.64 22.37 4.38
N VAL F 253 -51.90 22.25 4.77
CA VAL F 253 -53.04 22.62 3.93
C VAL F 253 -53.62 23.92 4.48
N GLY F 254 -53.64 24.96 3.66
CA GLY F 254 -54.12 26.26 4.10
C GLY F 254 -55.39 26.71 3.41
N SER F 255 -55.26 27.63 2.45
CA SER F 255 -56.42 28.17 1.76
C SER F 255 -57.09 27.13 0.87
N GLU F 256 -56.32 26.15 0.36
CA GLU F 256 -56.86 25.14 -0.53
C GLU F 256 -58.00 24.35 0.08
N ARG F 257 -58.26 24.51 1.38
CA ARG F 257 -59.41 23.86 2.00
C ARG F 257 -60.74 24.38 1.45
N PHE F 258 -60.78 25.62 0.96
CA PHE F 258 -62.03 26.18 0.45
C PHE F 258 -61.93 26.69 -0.98
N ARG F 259 -60.76 26.66 -1.60
CA ARG F 259 -60.63 27.01 -3.01
C ARG F 259 -60.84 25.83 -3.94
N CYS F 260 -60.84 24.60 -3.41
CA CYS F 260 -61.08 23.43 -4.25
C CYS F 260 -62.56 23.25 -4.57
N PRO F 261 -63.48 23.19 -3.59
CA PRO F 261 -64.89 23.01 -3.92
C PRO F 261 -65.55 24.21 -4.59
N GLU F 262 -64.90 25.37 -4.57
CA GLU F 262 -65.47 26.57 -5.17
C GLU F 262 -65.70 26.42 -6.67
N ALA F 263 -65.03 25.46 -7.31
CA ALA F 263 -65.29 25.19 -8.72
C ALA F 263 -66.67 24.63 -8.97
N LEU F 264 -67.40 24.19 -7.94
CA LEU F 264 -68.78 23.77 -8.15
C LEU F 264 -69.70 24.93 -8.49
N PHE F 265 -69.46 26.10 -7.89
CA PHE F 265 -70.27 27.29 -8.12
C PHE F 265 -69.62 28.26 -9.08
N ASN F 266 -68.49 27.88 -9.69
CA ASN F 266 -67.79 28.73 -10.64
C ASN F 266 -66.88 27.87 -11.51
N PRO F 267 -67.42 27.18 -12.52
CA PRO F 267 -66.60 26.26 -13.32
C PRO F 267 -65.59 26.98 -14.21
N THR F 268 -65.57 28.31 -14.17
CA THR F 268 -64.58 29.04 -14.95
C THR F 268 -63.18 28.93 -14.33
N LEU F 269 -63.11 28.59 -13.04
CA LEU F 269 -61.82 28.41 -12.40
C LEU F 269 -61.04 27.25 -13.02
N ILE F 270 -61.73 26.15 -13.31
CA ILE F 270 -61.06 24.99 -13.91
C ILE F 270 -61.00 25.09 -15.43
N GLY F 271 -61.55 26.14 -16.01
CA GLY F 271 -61.50 26.34 -17.45
C GLY F 271 -62.69 25.85 -18.23
N ARG F 272 -63.83 25.63 -17.58
CA ARG F 272 -65.03 25.15 -18.25
C ARG F 272 -66.05 26.27 -18.41
N GLU F 273 -66.78 26.22 -19.51
CA GLU F 273 -67.80 27.21 -19.83
C GLU F 273 -69.18 26.85 -19.29
N CYS F 274 -69.33 25.65 -18.73
CA CYS F 274 -70.63 25.23 -18.22
C CYS F 274 -71.04 26.09 -17.03
N PRO F 275 -72.34 26.27 -16.82
CA PRO F 275 -72.81 27.07 -15.69
C PRO F 275 -72.66 26.31 -14.37
N GLY F 276 -72.78 27.06 -13.28
CA GLY F 276 -72.62 26.51 -11.96
C GLY F 276 -73.76 25.57 -11.58
N LEU F 277 -73.79 25.22 -10.30
CA LEU F 277 -74.80 24.30 -9.79
C LEU F 277 -76.13 24.99 -9.51
N HIS F 278 -76.09 26.14 -8.81
CA HIS F 278 -77.30 26.88 -8.54
C HIS F 278 -77.92 27.40 -9.83
N ILE F 279 -77.10 27.87 -10.77
CA ILE F 279 -77.61 28.33 -12.06
C ILE F 279 -78.27 27.19 -12.82
N THR F 280 -77.64 26.00 -12.79
CA THR F 280 -78.23 24.84 -13.46
C THR F 280 -79.56 24.46 -12.84
N ALA F 281 -79.64 24.45 -11.50
CA ALA F 281 -80.90 24.13 -10.84
C ALA F 281 -81.98 25.16 -11.18
N TYR F 282 -81.63 26.44 -11.18
CA TYR F 282 -82.60 27.48 -11.49
C TYR F 282 -83.09 27.37 -12.93
N GLN F 283 -82.18 27.12 -13.88
CA GLN F 283 -82.58 26.97 -15.26
C GLN F 283 -83.39 25.70 -15.49
N SER F 284 -83.15 24.65 -14.71
CA SER F 284 -83.99 23.46 -14.80
C SER F 284 -85.37 23.69 -14.21
N ILE F 285 -85.49 24.53 -13.18
CA ILE F 285 -86.80 24.86 -12.63
C ILE F 285 -87.59 25.74 -13.60
N MET F 286 -86.92 26.71 -14.21
CA MET F 286 -87.57 27.68 -15.10
C MET F 286 -88.03 27.06 -16.42
N LYS F 287 -87.67 25.84 -16.77
CA LYS F 287 -88.16 25.20 -17.99
C LYS F 287 -89.42 24.38 -17.75
N CYS F 288 -89.95 24.40 -16.52
CA CYS F 288 -91.19 23.72 -16.19
C CYS F 288 -92.35 24.70 -16.26
N ASP F 289 -93.56 24.18 -16.10
CA ASP F 289 -94.75 25.02 -16.15
C ASP F 289 -94.82 25.92 -14.93
N ILE F 290 -95.48 27.07 -15.12
CA ILE F 290 -95.48 28.12 -14.10
C ILE F 290 -96.18 27.67 -12.83
N ASP F 291 -97.11 26.71 -12.93
CA ASP F 291 -97.87 26.28 -11.76
C ASP F 291 -97.02 25.47 -10.79
N ILE F 292 -96.16 24.58 -11.31
CA ILE F 292 -95.41 23.66 -10.45
C ILE F 292 -94.10 24.24 -9.95
N ARG F 293 -93.74 25.46 -10.35
CA ARG F 293 -92.49 26.05 -9.90
C ARG F 293 -92.50 26.27 -8.39
N LYS F 294 -93.64 26.68 -7.85
CA LYS F 294 -93.73 26.91 -6.41
CA LYS F 294 -93.73 26.90 -6.41
C LYS F 294 -93.49 25.63 -5.62
N GLU F 295 -94.04 24.50 -6.08
CA GLU F 295 -93.82 23.23 -5.41
C GLU F 295 -92.40 22.72 -5.61
N LEU F 296 -91.79 22.98 -6.78
CA LEU F 296 -90.42 22.54 -6.99
C LEU F 296 -89.44 23.34 -6.14
N TYR F 297 -89.72 24.62 -5.93
CA TYR F 297 -88.81 25.48 -5.17
C TYR F 297 -88.69 25.08 -3.70
N ASN F 298 -89.63 24.28 -3.17
CA ASN F 298 -89.64 23.94 -1.75
C ASN F 298 -89.29 22.48 -1.50
N ASN F 299 -88.83 21.75 -2.51
CA ASN F 299 -88.50 20.34 -2.36
C ASN F 299 -87.19 20.02 -3.07
N ILE F 300 -86.18 20.87 -2.88
CA ILE F 300 -84.87 20.63 -3.47
C ILE F 300 -84.16 19.54 -2.66
N VAL F 301 -83.75 18.47 -3.35
CA VAL F 301 -83.17 17.29 -2.73
C VAL F 301 -81.75 17.12 -3.24
N LEU F 302 -80.81 16.93 -2.32
CA LEU F 302 -79.41 16.71 -2.68
C LEU F 302 -79.10 15.21 -2.63
N SER F 303 -78.22 14.78 -3.53
CA SER F 303 -77.83 13.38 -3.61
C SER F 303 -76.41 13.29 -4.13
N GLY F 304 -75.80 12.12 -3.94
CA GLY F 304 -74.46 11.85 -4.39
C GLY F 304 -73.43 12.12 -3.31
N GLY F 305 -72.20 11.69 -3.58
CA GLY F 305 -71.11 11.84 -2.64
C GLY F 305 -70.43 13.18 -2.71
N THR F 306 -70.54 13.86 -3.86
CA THR F 306 -69.92 15.16 -4.02
C THR F 306 -70.64 16.26 -3.25
N THR F 307 -71.87 16.02 -2.81
CA THR F 307 -72.63 16.98 -2.02
C THR F 307 -72.46 16.78 -0.52
N MET F 308 -71.35 16.16 -0.10
CA MET F 308 -71.11 15.85 1.30
C MET F 308 -70.23 16.88 1.99
N TYR F 309 -69.88 17.97 1.31
CA TYR F 309 -69.08 19.02 1.93
C TYR F 309 -69.87 19.69 3.05
N ASN F 310 -69.17 20.50 3.84
CA ASN F 310 -69.82 21.27 4.89
C ASN F 310 -70.29 22.61 4.35
N ASN F 311 -71.38 23.11 4.93
CA ASN F 311 -71.99 24.38 4.52
C ASN F 311 -72.37 24.37 3.05
N ILE F 312 -72.88 23.24 2.58
CA ILE F 312 -73.35 23.13 1.20
C ILE F 312 -74.81 23.53 1.09
N GLY F 313 -75.64 23.07 2.03
CA GLY F 313 -77.05 23.43 2.00
C GLY F 313 -77.30 24.91 2.20
N GLU F 314 -76.60 25.51 3.18
CA GLU F 314 -76.77 26.93 3.42
C GLU F 314 -76.30 27.77 2.24
N ARG F 315 -75.16 27.41 1.65
CA ARG F 315 -74.67 28.13 0.48
C ARG F 315 -75.62 28.01 -0.69
N LEU F 316 -76.14 26.79 -0.93
CA LEU F 316 -77.09 26.60 -2.02
C LEU F 316 -78.37 27.40 -1.78
N THR F 317 -78.86 27.41 -0.54
CA THR F 317 -80.06 28.18 -0.22
C THR F 317 -79.83 29.67 -0.43
N LYS F 318 -78.68 30.18 -0.01
CA LYS F 318 -78.39 31.60 -0.19
C LYS F 318 -78.28 31.95 -1.67
N GLU F 319 -77.65 31.07 -2.47
CA GLU F 319 -77.56 31.34 -3.90
C GLU F 319 -78.92 31.29 -4.58
N MET F 320 -79.76 30.32 -4.20
CA MET F 320 -81.09 30.20 -4.81
C MET F 320 -81.98 31.39 -4.42
N THR F 321 -81.82 31.89 -3.20
CA THR F 321 -82.63 33.01 -2.74
C THR F 321 -82.44 34.25 -3.61
N ASN F 322 -81.20 34.52 -4.01
CA ASN F 322 -80.92 35.69 -4.84
C ASN F 322 -81.42 35.54 -6.26
N LEU F 323 -81.86 34.35 -6.67
CA LEU F 323 -82.37 34.12 -8.02
C LEU F 323 -83.88 33.95 -8.09
N ALA F 324 -84.52 33.50 -7.01
CA ALA F 324 -85.94 33.25 -6.96
C ALA F 324 -86.71 34.52 -6.62
N PRO F 325 -87.99 34.60 -6.97
CA PRO F 325 -88.79 35.77 -6.59
C PRO F 325 -88.86 35.91 -5.08
N SER F 326 -88.98 37.16 -4.63
CA SER F 326 -88.92 37.46 -3.20
C SER F 326 -90.05 36.83 -2.41
N SER F 327 -91.13 36.43 -3.07
CA SER F 327 -92.29 35.85 -2.40
C SER F 327 -92.25 34.33 -2.36
N MET F 328 -91.11 33.72 -2.67
CA MET F 328 -90.98 32.28 -2.73
C MET F 328 -90.10 31.77 -1.59
N LYS F 329 -90.45 30.61 -1.06
CA LYS F 329 -89.71 29.98 0.03
C LYS F 329 -88.87 28.83 -0.53
N ILE F 330 -87.59 28.83 -0.22
CA ILE F 330 -86.65 27.80 -0.69
C ILE F 330 -86.20 26.97 0.51
N LYS F 331 -86.30 25.65 0.39
CA LYS F 331 -85.86 24.73 1.43
C LYS F 331 -85.01 23.64 0.77
N VAL F 332 -83.71 23.66 1.03
CA VAL F 332 -82.79 22.67 0.48
C VAL F 332 -82.74 21.50 1.45
N ILE F 333 -83.25 20.35 1.01
CA ILE F 333 -83.25 19.15 1.84
C ILE F 333 -81.92 18.45 1.66
N ALA F 334 -81.14 18.34 2.73
CA ALA F 334 -79.84 17.68 2.72
C ALA F 334 -79.83 16.60 3.79
N PRO F 335 -80.41 15.43 3.52
CA PRO F 335 -80.50 14.38 4.54
C PRO F 335 -79.16 13.74 4.79
N PRO F 336 -78.92 13.24 6.01
CA PRO F 336 -77.73 12.43 6.26
C PRO F 336 -77.77 11.15 5.44
N GLU F 337 -76.64 10.42 5.46
CA GLU F 337 -76.46 9.17 4.72
C GLU F 337 -76.91 9.26 3.27
N ARG F 338 -76.85 10.47 2.69
CA ARG F 338 -77.20 10.65 1.28
C ARG F 338 -76.16 10.06 0.34
N LYS F 339 -75.03 9.59 0.87
CA LYS F 339 -74.04 8.91 0.05
C LYS F 339 -74.60 7.65 -0.60
N TYR F 340 -75.46 6.93 0.12
CA TYR F 340 -76.05 5.69 -0.38
C TYR F 340 -77.55 5.82 -0.64
N SER F 341 -78.03 7.04 -0.93
CA SER F 341 -79.46 7.24 -1.13
C SER F 341 -79.97 6.48 -2.33
N VAL F 342 -79.19 6.42 -3.40
CA VAL F 342 -79.63 5.71 -4.61
C VAL F 342 -79.82 4.23 -4.32
N TRP F 343 -78.89 3.62 -3.58
CA TRP F 343 -79.02 2.21 -3.25
C TRP F 343 -80.24 1.95 -2.37
N ILE F 344 -80.49 2.83 -1.40
CA ILE F 344 -81.65 2.66 -0.53
C ILE F 344 -82.94 2.77 -1.34
N GLY F 345 -83.00 3.75 -2.24
CA GLY F 345 -84.18 3.90 -3.08
C GLY F 345 -84.39 2.69 -3.98
N GLY F 346 -83.31 2.16 -4.55
CA GLY F 346 -83.43 0.96 -5.36
C GLY F 346 -83.91 -0.25 -4.57
N SER F 347 -83.40 -0.40 -3.34
CA SER F 347 -83.84 -1.50 -2.49
C SER F 347 -85.31 -1.36 -2.12
N ILE F 348 -85.76 -0.14 -1.84
CA ILE F 348 -87.18 0.09 -1.55
C ILE F 348 -88.03 -0.24 -2.77
N LEU F 349 -87.60 0.21 -3.95
CA LEU F 349 -88.36 -0.03 -5.16
C LEU F 349 -88.45 -1.52 -5.47
N SER F 350 -87.36 -2.26 -5.27
CA SER F 350 -87.33 -3.67 -5.63
C SER F 350 -88.17 -4.55 -4.71
N SER F 351 -88.65 -4.02 -3.58
CA SER F 351 -89.45 -4.79 -2.65
C SER F 351 -90.95 -4.57 -2.81
N LEU F 352 -91.36 -3.61 -3.66
CA LEU F 352 -92.78 -3.35 -3.86
C LEU F 352 -93.43 -4.51 -4.61
N SER F 353 -94.65 -4.87 -4.20
CA SER F 353 -95.38 -5.95 -4.87
C SER F 353 -95.80 -5.57 -6.29
N THR F 354 -95.96 -4.28 -6.57
CA THR F 354 -96.39 -3.87 -7.90
C THR F 354 -95.28 -4.02 -8.92
N PHE F 355 -94.02 -3.88 -8.50
CA PHE F 355 -92.89 -3.91 -9.42
C PHE F 355 -92.60 -5.30 -9.97
N GLN F 356 -93.21 -6.34 -9.40
CA GLN F 356 -92.87 -7.70 -9.79
C GLN F 356 -93.25 -8.03 -11.22
N GLN F 357 -94.07 -7.19 -11.86
CA GLN F 357 -94.49 -7.41 -13.24
C GLN F 357 -93.76 -6.51 -14.24
N MET F 358 -92.66 -5.89 -13.81
CA MET F 358 -91.89 -4.98 -14.67
C MET F 358 -90.49 -5.51 -14.92
N TRP F 359 -90.27 -6.80 -14.67
CA TRP F 359 -88.97 -7.42 -14.92
C TRP F 359 -88.83 -7.82 -16.37
N ILE F 360 -87.60 -7.78 -16.88
CA ILE F 360 -87.28 -8.25 -18.22
C ILE F 360 -86.86 -9.71 -18.10
N THR F 361 -87.75 -10.63 -18.45
CA THR F 361 -87.51 -12.05 -18.28
C THR F 361 -86.57 -12.56 -19.38
N LYS F 362 -86.08 -13.79 -19.19
CA LYS F 362 -85.14 -14.38 -20.13
C LYS F 362 -85.80 -14.65 -21.47
N GLU F 363 -87.04 -15.15 -21.46
CA GLU F 363 -87.71 -15.49 -22.71
C GLU F 363 -88.00 -14.26 -23.56
N GLU F 364 -88.39 -13.15 -22.93
CA GLU F 364 -88.63 -11.92 -23.67
C GLU F 364 -87.36 -11.44 -24.36
N TYR F 365 -86.22 -11.48 -23.64
CA TYR F 365 -84.95 -11.08 -24.26
C TYR F 365 -84.58 -12.03 -25.39
N GLU F 366 -84.78 -13.33 -25.19
CA GLU F 366 -84.44 -14.30 -26.23
C GLU F 366 -85.27 -14.10 -27.48
N ASP F 367 -86.56 -13.82 -27.33
CA ASP F 367 -87.44 -13.62 -28.47
C ASP F 367 -87.28 -12.26 -29.13
N SER F 368 -86.90 -11.23 -28.37
CA SER F 368 -86.84 -9.87 -28.92
C SER F 368 -85.42 -9.39 -29.16
N GLY F 369 -84.45 -9.78 -28.34
CA GLY F 369 -83.09 -9.35 -28.50
C GLY F 369 -82.70 -8.31 -27.47
N PRO F 370 -81.49 -7.75 -27.62
CA PRO F 370 -81.02 -6.75 -26.65
C PRO F 370 -81.71 -5.41 -26.79
N SER F 371 -82.57 -5.25 -27.80
CA SER F 371 -83.27 -4.00 -28.03
C SER F 371 -84.54 -3.87 -27.19
N ILE F 372 -84.91 -4.90 -26.43
CA ILE F 372 -86.13 -4.84 -25.63
C ILE F 372 -86.00 -3.84 -24.50
N VAL F 373 -84.76 -3.55 -24.07
CA VAL F 373 -84.55 -2.67 -22.92
C VAL F 373 -84.99 -1.24 -23.18
N HIS F 374 -85.21 -0.86 -24.44
CA HIS F 374 -85.65 0.49 -24.78
C HIS F 374 -87.14 0.69 -24.64
N ARG F 375 -87.95 -0.26 -25.11
CA ARG F 375 -89.40 -0.10 -25.07
C ARG F 375 -89.98 -0.36 -23.68
N LYS F 376 -89.31 -1.13 -22.84
CA LYS F 376 -89.83 -1.43 -21.51
C LYS F 376 -89.27 -0.48 -20.46
N CYS F 377 -87.96 -0.39 -20.35
CA CYS F 377 -87.33 0.48 -19.36
C CYS F 377 -87.31 1.92 -19.84
N PHE F 378 -87.50 2.85 -18.91
CA PHE F 378 -87.45 4.27 -19.23
C PHE F 378 -86.03 4.81 -19.10
C35 9UE G . 97.53 -16.78 10.96
C34 9UE G . 95.58 -22.54 7.68
C33 9UE G . 95.45 -23.29 6.51
C32 9UE G . 95.46 -24.68 6.60
C31 9UE G . 95.58 -25.33 7.83
C30 9UE G . 95.70 -24.57 8.97
C29 9UE G . 95.70 -23.17 8.92
C28 9UE G . 92.50 -27.02 14.45
C27 9UE G . 90.77 -26.83 13.03
C26 9UE G . 89.53 -26.91 12.38
C25 9UE G . 89.41 -26.26 11.18
C24 9UE G . 90.48 -25.54 10.63
O2 9UE G . 96.44 -24.19 12.14
C1 9UE G . 95.90 -18.72 13.90
O1 9UE G . 97.82 -20.32 10.83
C2 9UE G . 96.57 -17.56 13.18
C3 9UE G . 97.13 -18.00 11.81
O3 9UE G . 92.35 -22.82 14.47
C4 9UE G . 96.66 -20.01 10.64
C5 9UE G . 95.65 -20.82 9.89
O4 9UE G . 94.12 -20.16 18.28
C6 9UE G . 95.83 -22.33 10.16
C23 9UE G . 91.70 -25.47 11.25
C22 9UE G . 91.87 -26.12 12.48
C21 9UE G . 92.96 -26.24 13.40
C20 9UE G . 94.33 -25.71 13.32
C19 9UE G . 95.81 -23.62 15.08
C18 9UE G . 93.10 -23.08 17.54
C17 9UE G . 92.17 -18.21 18.72
N3 9UE G . 91.17 -27.39 14.25
C16 9UE G . 93.01 -18.30 14.20
C15 9UE G . 95.29 -18.24 15.16
N2 9UE G . 93.00 -20.88 16.43
C14 9UE G . 93.98 -18.05 15.31
C13 9UE G . 93.44 -17.58 16.62
C12 9UE G . 92.55 -18.63 17.30
N1 9UE G . 94.51 -23.52 14.47
C11 9UE G . 93.30 -19.93 17.41
C10 9UE G . 93.66 -22.18 16.42
C9 9UE G . 93.43 -22.85 15.06
C8 9UE G . 94.26 -24.17 13.17
C7 9UE G . 95.31 -23.73 12.14
O5 9UE G . 95.34 -25.43 5.47
BR 9UE G . 93.49 -27.55 15.98
N 9UE G . 94.89 -22.80 11.19
O 9UE G . 96.21 -18.82 11.12
C 9UE G . 96.93 -19.79 14.23
PB ADP H . 70.30 -5.26 23.17
O1B ADP H . 70.32 -6.64 23.77
O2B ADP H . 68.97 -4.83 22.61
O3B ADP H . 71.00 -4.20 24.00
PA ADP H . 72.05 -4.17 21.25
O1A ADP H . 73.08 -3.75 22.26
O2A ADP H . 71.06 -3.17 20.69
O3A ADP H . 71.24 -5.42 21.87
O5' ADP H . 72.79 -4.91 20.03
C5' ADP H . 74.16 -5.25 20.12
C4' ADP H . 74.50 -6.19 18.97
O4' ADP H . 74.55 -5.44 17.75
C3' ADP H . 75.85 -6.85 19.16
O3' ADP H . 75.67 -8.26 19.38
C2' ADP H . 76.61 -6.63 17.88
O2' ADP H . 76.89 -7.89 17.25
C1' ADP H . 75.70 -5.80 16.99
N9 ADP H . 76.38 -4.56 16.55
C8 ADP H . 76.69 -3.52 17.34
N7 ADP H . 77.32 -2.54 16.63
C5 ADP H . 77.42 -2.97 15.36
C6 ADP H . 77.98 -2.42 14.10
N6 ADP H . 78.56 -1.20 14.06
N1 ADP H . 77.88 -3.19 12.99
C2 ADP H . 77.30 -4.40 13.02
N3 ADP H . 76.77 -4.95 14.12
C4 ADP H . 76.81 -4.29 15.30
MG MG I . 67.32 -3.66 22.37
C35 9UE J . 58.49 -28.14 29.70
C34 9UE J . 59.08 -21.39 31.08
C33 9UE J . 58.96 -20.32 31.96
C32 9UE J . 59.80 -19.21 31.78
C31 9UE J . 60.74 -19.16 30.76
C30 9UE J . 60.83 -20.24 29.89
C29 9UE J . 60.01 -21.36 30.04
C28 9UE J . 62.05 -18.67 23.40
C27 9UE J . 60.15 -17.53 23.71
C26 9UE J . 59.04 -16.67 23.62
C25 9UE J . 58.10 -16.73 24.63
C24 9UE J . 58.25 -17.63 25.72
O2 9UE J . 62.38 -21.99 27.61
C1 9UE J . 59.56 -26.82 26.22
O1 9UE J . 60.66 -25.33 29.71
C2 9UE J . 59.11 -27.83 27.26
C3 9UE J . 59.21 -27.25 28.69
O3 9UE J . 59.56 -22.04 23.59
C4 9UE J . 59.57 -24.99 29.30
C5 9UE J . 59.01 -23.60 29.35
O4 9UE J . 60.80 -26.35 21.46
C6 9UE J . 60.11 -22.53 29.11
C23 9UE J . 59.34 -18.47 25.81
C22 9UE J . 60.31 -18.43 24.80
C21 9UE J . 61.53 -19.14 24.57
C20 9UE J . 62.18 -20.18 25.39
C19 9UE J . 62.76 -23.19 24.80
C18 9UE J . 61.44 -23.24 21.36
C17 9UE J . 58.44 -27.20 20.21
N3 9UE J . 61.23 -17.68 22.85
C16 9UE J . 57.35 -25.94 24.50
C15 9UE J . 59.34 -27.37 24.86
N2 9UE J . 59.69 -24.61 22.40
C14 9UE J . 58.33 -26.97 24.07
C13 9UE J . 58.19 -27.57 22.70
C12 9UE J . 58.41 -26.55 21.58
N1 9UE J . 61.51 -22.45 24.67
C11 9UE J . 59.74 -25.86 21.79
C10 9UE J . 60.90 -23.84 22.66
C9 9UE J . 60.58 -22.71 23.64
C8 9UE J . 61.20 -21.36 25.60
C7 9UE J . 61.30 -21.85 27.05
O5 9UE J . 59.69 -18.16 32.64
BR 9UE J . 63.66 -19.22 22.56
N 9UE J . 60.10 -22.08 27.71
O 9UE J . 58.75 -25.91 28.74
C 9UE J . 61.05 -26.53 26.39
PB ADP K . 36.99 -29.32 6.04
O1B ADP K . 38.04 -28.40 5.44
O2B ADP K . 35.57 -28.85 5.86
O3B ADP K . 37.20 -30.79 5.77
PA ADP K . 36.88 -30.34 8.66
O1A ADP K . 37.79 -31.52 8.37
O2A ADP K . 35.38 -30.51 8.70
O3A ADP K . 37.25 -29.17 7.63
O5' ADP K . 37.37 -29.64 10.03
C5' ADP K . 38.59 -30.03 10.64
C4' ADP K . 38.92 -29.02 11.73
O4' ADP K . 38.06 -29.24 12.85
C3' ADP K . 40.35 -29.16 12.21
O3' ADP K . 41.11 -28.01 11.83
C2' ADP K . 40.27 -29.25 13.72
O2' ADP K . 40.94 -28.13 14.30
C1' ADP K . 38.79 -29.20 14.07
N9 ADP K . 38.41 -30.38 14.89
C8 ADP K . 38.34 -31.65 14.45
N7 ADP K . 37.96 -32.49 15.45
C5 ADP K . 37.78 -31.75 16.55
C6 ADP K . 37.38 -32.01 17.95
N6 ADP K . 37.10 -33.26 18.38
N1 ADP K . 37.32 -30.95 18.79
C2 ADP K . 37.59 -29.70 18.38
N3 ADP K . 37.97 -29.39 17.12
C4 ADP K . 38.08 -30.35 16.18
MG MG L . 33.62 -28.99 5.30
C35 9UE M . 44.06 -7.44 -7.28
C34 9UE M . 41.18 -13.71 -7.67
C33 9UE M . 40.82 -14.84 -8.40
C32 9UE M . 40.73 -16.06 -7.74
C31 9UE M . 40.98 -16.18 -6.38
C30 9UE M . 41.33 -15.04 -5.67
C29 9UE M . 41.43 -13.80 -6.31
C28 9UE M . 38.77 -14.64 0.62
C27 9UE M . 36.87 -14.80 -0.56
C26 9UE M . 35.55 -14.96 -0.99
C25 9UE M . 35.31 -14.84 -2.34
C24 9UE M . 36.35 -14.55 -3.25
O2 9UE M . 42.55 -13.53 -3.04
C1 9UE M . 42.73 -7.81 -3.67
O1 9UE M . 44.04 -10.74 -5.97
C2 9UE M . 43.39 -7.13 -4.86
C3 9UE M . 43.70 -8.14 -5.98
O3 9UE M . 38.98 -10.80 -1.08
C4 9UE M . 42.89 -10.38 -6.16
C5 9UE M . 41.71 -11.27 -6.38
O4 9UE M . 41.50 -7.10 1.07
C6 9UE M . 41.81 -12.57 -5.54
C23 9UE M . 37.65 -14.40 -2.83
C22 9UE M . 37.94 -14.51 -1.47
C21 9UE M . 39.14 -14.42 -0.69
C20 9UE M . 40.51 -14.15 -1.13
C19 9UE M . 42.42 -11.75 -0.55
C18 9UE M . 40.14 -9.91 1.71
C17 9UE M . 39.80 -4.89 0.85
N3 9UE M . 37.41 -14.87 0.73
C16 9UE M . 39.96 -6.90 -3.27
C15 9UE M . 42.35 -6.78 -2.66
N2 9UE M . 40.07 -8.35 -0.19
C14 9UE M . 41.09 -6.37 -2.47
C13 9UE M . 40.80 -5.34 -1.43
C12 9UE M . 39.93 -5.89 -0.28
N1 9UE M . 41.04 -11.73 -1.02
C11 9UE M . 40.58 -7.13 0.27
C10 9UE M . 40.60 -9.62 0.28
C9 9UE M . 40.12 -10.74 -0.65
C8 9UE M . 40.57 -12.80 -1.89
C7 9UE M . 41.48 -12.96 -3.12
O5 9UE M . 40.39 -17.18 -8.45
BR 9UE M . 39.93 -14.63 2.12
N 9UE M . 41.00 -12.45 -4.32
O 9UE M . 42.61 -9.05 -6.17
C 9UE M . 43.71 -8.77 -3.02
PB ADP N . 19.97 11.59 1.69
O1B ADP N . 19.97 10.57 2.80
O2B ADP N . 18.61 11.93 1.14
O3B ADP N . 20.86 12.78 1.92
PA ADP N . 21.50 11.57 -0.68
O1A ADP N . 22.71 12.21 -0.04
O2A ADP N . 20.53 12.38 -1.50
O3A ADP N . 20.69 10.80 0.48
O5' ADP N . 21.99 10.30 -1.53
C5' ADP N . 23.33 9.84 -1.45
C4' ADP N . 23.41 8.50 -2.14
O4' ADP N . 23.35 8.67 -3.55
C3' ADP N . 24.72 7.78 -1.82
O3' ADP N . 24.46 6.63 -1.03
C2' ADP N . 25.30 7.37 -3.16
O2' ADP N . 25.37 5.94 -3.23
C1' ADP N . 24.33 7.88 -4.22
N9 ADP N . 25.05 8.74 -5.20
C8 ADP N . 25.56 9.96 -4.95
N7 ADP N . 26.15 10.48 -6.06
C5 ADP N . 26.03 9.57 -7.04
C6 ADP N . 26.44 9.47 -8.46
N6 ADP N . 27.11 10.48 -9.07
N1 ADP N . 26.10 8.35 -9.14
C2 ADP N . 25.44 7.35 -8.55
N3 ADP N . 25.04 7.36 -7.27
C4 ADP N . 25.30 8.42 -6.47
MG MG O . 17.05 13.12 0.60
C35 9UE P . 7.39 -4.91 18.28
C34 9UE P . 8.73 1.66 16.66
C33 9UE P . 8.85 3.00 17.02
C32 9UE P . 9.74 3.82 16.32
C31 9UE P . 10.51 3.32 15.28
C30 9UE P . 10.38 1.98 14.93
C29 9UE P . 9.50 1.16 15.62
C28 9UE P . 10.76 0.65 8.29
C27 9UE P . 9.02 2.06 8.29
C26 9UE P . 7.99 2.95 7.96
C25 9UE P . 7.22 3.42 9.00
C24 9UE P . 7.45 3.03 10.33
O2 9UE P . 11.44 -0.72 13.44
C1 9UE P . 8.05 -5.27 14.48
O1 9UE P . 9.78 -2.68 16.90
C2 9UE P . 7.67 -5.71 15.89
C3 9UE P . 8.04 -4.63 16.93
O3 9UE P . 8.06 -2.00 10.12
C4 9UE P . 8.67 -2.38 16.50
C5 9UE P . 8.23 -1.02 16.02
O4 9UE P . 8.61 -6.93 9.85
C6 9UE P . 9.37 -0.30 15.25
C23 9UE P . 8.46 2.16 10.66
C22 9UE P . 9.27 1.66 9.64
C21 9UE P . 10.39 0.75 9.60
C20 9UE P . 11.06 0.05 10.71
C19 9UE P . 11.29 -2.98 11.37
C18 9UE P . 9.48 -4.23 8.41
C17 9UE P . 6.03 -7.88 9.32
N3 9UE P . 9.95 1.43 7.47
C16 9UE P . 5.69 -4.87 12.77
C15 9UE P . 7.58 -6.29 13.50
N2 9UE P . 7.79 -4.81 10.09
C14 9UE P . 6.51 -6.11 12.71
C13 9UE P . 6.11 -7.18 11.75
C12 9UE P . 6.25 -6.73 10.29
N1 9UE P . 10.10 -2.21 11.06
C11 9UE P . 7.65 -6.19 10.06
C10 9UE P . 9.09 -4.18 9.88
C9 9UE P . 9.01 -2.72 10.35
C8 9UE P . 10.03 -0.80 11.48
C7 9UE P . 10.30 -0.67 12.99
O5 9UE P . 9.84 5.14 16.66
BR 9UE P . 12.19 -0.41 7.60
N 9UE P . 9.20 -0.45 13.80
O 9UE P . 7.69 -3.32 16.46
C 9UE P . 9.56 -5.14 14.37
PB ADP Q . -17.38 -12.56 -0.45
O1B ADP Q . -16.36 -12.11 -1.49
O2B ADP Q . -18.77 -12.03 -0.66
O3B ADP Q . -17.32 -14.03 -0.11
PA ADP Q . -17.18 -12.43 2.35
O1A ADP Q . -16.43 -13.72 2.48
O2A ADP Q . -18.66 -12.36 2.60
O3A ADP Q . -16.88 -11.82 0.89
O5' ADP Q . -16.44 -11.31 3.24
C5' ADP Q . -15.18 -11.58 3.84
C4' ADP Q . -14.61 -10.27 4.37
O4' ADP Q . -15.32 -9.90 5.55
C3' ADP Q . -13.14 -10.40 4.72
O3' ADP Q . -12.36 -9.62 3.82
C2' ADP Q . -13.01 -9.86 6.13
O2' ADP Q . -12.16 -8.71 6.12
C1' ADP Q . -14.42 -9.48 6.57
N9 ADP Q . -14.76 -10.16 7.84
C8 ADP Q . -15.00 -11.48 7.98
N7 ADP Q . -15.29 -11.79 9.27
C5 ADP Q . -15.25 -10.66 9.97
C6 ADP Q . -15.46 -10.27 11.39
N6 ADP Q . -15.78 -11.19 12.32
N1 ADP Q . -15.31 -8.96 11.71
C2 ADP Q . -14.99 -8.04 10.79
N3 ADP Q . -14.79 -8.31 9.50
C4 ADP Q . -14.90 -9.58 9.04
MG MG R . -20.79 -12.10 -0.93
C35 9UE S . -10.57 0.94 -22.30
C34 9UE S . -13.99 -4.49 -19.76
C33 9UE S . -14.53 -5.76 -19.91
C32 9UE S . -14.62 -6.60 -18.79
C31 9UE S . -14.19 -6.18 -17.53
C30 9UE S . -13.66 -4.92 -17.41
C29 9UE S . -13.54 -4.07 -18.51
C28 9UE S . -15.21 -1.68 -11.64
C27 9UE S . -17.27 -2.04 -12.44
C26 9UE S . -18.66 -2.18 -12.62
C25 9UE S . -19.08 -2.57 -13.87
C24 9UE S . -18.16 -2.83 -14.92
O2 9UE S . -11.93 -2.66 -15.78
C1 9UE S . -11.38 2.25 -18.75
O1 9UE S . -10.66 -1.51 -19.73
C2 9UE S . -10.85 2.30 -20.17
C3 9UE S . -10.80 0.89 -20.79
O3 9UE S . -14.94 1.09 -14.79
C4 9UE S . -11.80 -1.10 -19.94
C5 9UE S . -13.07 -1.84 -19.67
O4 9UE S . -11.83 4.96 -14.63
C6 9UE S . -12.96 -2.68 -18.36
C23 9UE S . -16.80 -2.69 -14.73
C22 9UE S . -16.33 -2.29 -13.48
C21 9UE S . -15.03 -2.06 -12.95
C20 9UE S . -13.71 -2.17 -13.60
C19 9UE S . -11.55 -0.03 -14.25
C18 9UE S . -13.31 2.86 -12.76
C17 9UE S . -13.36 7.10 -15.58
N3 9UE S . -16.56 -1.66 -11.29
C16 9UE S . -13.98 3.60 -18.48
C15 9UE S . -11.52 3.65 -18.22
N2 9UE S . -13.53 3.52 -15.11
C14 9UE S . -12.69 4.26 -18.10
C13 9UE S . -12.75 5.65 -17.56
C12 9UE S . -13.48 5.72 -16.20
N1 9UE S . -12.97 -0.01 -14.55
C11 9UE S . -12.86 4.73 -15.25
C10 9UE S . -13.04 2.48 -14.22
C9 9UE S . -13.75 1.16 -14.54
C8 9UE S . -13.67 -1.27 -14.84
C7 9UE S . -12.95 -2.02 -15.98
O5 9UE S . -15.16 -7.84 -18.93
BR 9UE S . -13.84 -1.23 -10.40
N 9UE S . -13.57 -1.98 -17.23
O 9UE S . -11.97 0.14 -20.48
C 9UE S . -10.40 1.50 -17.86
PB ADP T . -31.42 25.05 -19.68
O1B ADP T . -31.34 24.58 -18.25
O2B ADP T . -32.82 25.34 -20.19
O3B ADP T . -30.42 26.12 -20.05
PA ADP T . -30.27 23.88 -21.96
O1A ADP T . -28.93 24.56 -21.79
O2A ADP T . -31.28 24.42 -22.94
O3A ADP T . -30.95 23.76 -20.51
O5' ADP T . -30.02 22.32 -22.27
C5' ADP T . -28.72 21.77 -22.14
C4' ADP T . -28.85 20.25 -22.20
O4' ADP T . -29.11 19.85 -23.54
C3' ADP T . -27.57 19.55 -21.75
O3' ADP T . -27.81 18.87 -20.52
C2' ADP T . -27.24 18.56 -22.85
O2' ADP T . -27.28 17.24 -22.32
C1' ADP T . -28.30 18.74 -23.92
N9 ADP T . -27.67 19.01 -25.23
C8 ADP T . -27.03 20.15 -25.57
N7 ADP T . -26.56 20.10 -26.85
C5 ADP T . -26.90 18.90 -27.34
C6 ADP T . -26.72 18.19 -28.63
N6 ADP T . -26.06 18.77 -29.66
N1 ADP T . -27.23 16.94 -28.74
C2 ADP T . -27.88 16.36 -27.72
N3 ADP T . -28.09 16.95 -26.52
C4 ADP T . -27.63 18.19 -26.28
MG MG U . -34.33 26.40 -21.01
C35 9UE V . -42.73 18.49 3.43
C34 9UE V . -41.10 23.60 -0.90
C33 9UE V . -40.83 24.95 -1.14
C32 9UE V . -39.99 25.29 -2.21
C31 9UE V . -39.42 24.31 -3.03
C30 9UE V . -39.70 22.98 -2.76
C29 9UE V . -40.54 22.62 -1.71
C28 9UE V . -40.43 19.05 -8.26
C27 9UE V . -42.02 20.56 -8.66
C26 9UE V . -43.02 21.38 -9.23
C25 9UE V . -43.59 22.33 -8.41
C24 9UE V . -43.19 22.49 -7.07
O2 9UE V . -39.11 19.79 -3.09
C1 9UE V . -42.68 16.55 0.07
O1 9UE V . -40.40 19.64 1.01
C2 9UE V . -42.87 16.77 1.56
C3 9UE V . -42.27 18.11 2.02
O3 9UE V . -43.04 17.75 -5.23
C4 9UE V . -41.52 19.90 0.64
C5 9UE V . -41.91 20.98 -0.32
O4 9UE V . -42.94 13.10 -3.47
C6 9UE V . -40.84 21.17 -1.42
C23 9UE V . -42.21 21.68 -6.51
C22 9UE V . -41.61 20.71 -7.30
C21 9UE V . -40.59 19.73 -7.07
C20 9UE V . -39.83 19.45 -5.85
C19 9UE V . -39.75 16.92 -4.02
C18 9UE V . -42.08 14.85 -5.99
C17 9UE V . -45.64 12.39 -3.30
N3 9UE V . -41.28 19.54 -9.24
C16 9UE V . -45.21 16.54 -1.40
C15 9UE V . -43.37 15.29 -0.35
N2 9UE V . -43.54 15.23 -4.05
C14 9UE V . -44.52 15.28 -1.02
C13 9UE V . -45.14 13.98 -1.41
C12 9UE V . -45.18 13.79 -2.92
N1 9UE V . -40.90 17.68 -4.50
C11 9UE V . -43.79 13.98 -3.50
C10 9UE V . -42.23 15.55 -4.63
C9 9UE V . -42.12 17.07 -4.82
C8 9UE V . -40.79 19.13 -4.69
C7 9UE V . -40.30 19.80 -3.41
O5 9UE V . -39.72 26.60 -2.45
BR 9UE V . -39.21 17.62 -8.58
N 9UE V . -41.24 20.48 -2.66
O 9UE V . -42.56 19.14 1.10
C 9UE V . -41.20 16.40 -0.23
PB ADP W . -70.53 7.40 -7.84
O1B ADP W . -69.65 7.26 -9.06
O2B ADP W . -71.89 7.99 -8.12
O3B ADP W . -70.55 6.20 -6.93
PA ADP W . -69.92 8.63 -5.38
O1A ADP W . -69.26 7.39 -4.80
O2A ADP W . -71.34 8.99 -5.03
O3A ADP W . -69.79 8.54 -6.98
O5' ADP W . -68.97 9.89 -5.11
C5' ADP W . -67.66 9.71 -4.59
C4' ADP W . -66.91 11.03 -4.71
O4' ADP W . -67.40 11.94 -3.73
C3' ADP W . -65.42 10.87 -4.48
O3' ADP W . -64.72 11.10 -5.70
C2' ADP W . -65.04 11.89 -3.45
O2' ADP W . -64.11 12.82 -4.02
C1' ADP W . -66.33 12.62 -3.07
N9 ADP W . -66.54 12.55 -1.60
C8 ADP W . -66.86 11.44 -0.90
N7 ADP W . -66.98 11.72 0.42
C5 ADP W . -66.74 13.02 0.59
C6 ADP W . -66.71 13.97 1.73
N6 ADP W . -66.96 13.55 2.99
N1 ADP W . -66.41 15.26 1.46
C2 ADP W . -66.16 15.69 0.21
N3 ADP W . -66.16 14.89 -0.86
C4 ADP W . -66.44 13.57 -0.75
MG MG X . -73.93 8.10 -8.11
#